data_4DS1
# 
_entry.id   4DS1 
# 
_audit_conform.dict_name       mmcif_pdbx.dic 
_audit_conform.dict_version    5.379 
_audit_conform.dict_location   http://mmcif.pdb.org/dictionaries/ascii/mmcif_pdbx.dic 
# 
loop_
_database_2.database_id 
_database_2.database_code 
_database_2.pdbx_database_accession 
_database_2.pdbx_DOI 
PDB   4DS1         pdb_00004ds1 10.2210/pdb4ds1/pdb 
RCSB  RCSB070709   ?            ?                   
WWPDB D_1000070709 ?            ?                   
# 
_pdbx_database_status.status_code                     REL 
_pdbx_database_status.entry_id                        4DS1 
_pdbx_database_status.recvd_initial_deposition_date   2012-02-17 
_pdbx_database_status.deposit_site                    RCSB 
_pdbx_database_status.process_site                    RCSB 
_pdbx_database_status.status_code_sf                  REL 
_pdbx_database_status.status_code_mr                  ? 
_pdbx_database_status.SG_entry                        ? 
_pdbx_database_status.status_code_cs                  ? 
_pdbx_database_status.methods_development_category    ? 
_pdbx_database_status.pdb_format_compatible           Y 
_pdbx_database_status.status_code_nmr_data            ? 
# 
loop_
_audit_author.name 
_audit_author.pdbx_ordinal 
'Slep, K.C.'  1 
'Romes, E.M.' 2 
# 
_citation.id                        primary 
_citation.title                     
'Structure of a yeast Dyn2-Nup159 complex and molecular basis for dynein light chain-nuclear pore interaction.' 
_citation.journal_abbrev            J.Biol.Chem. 
_citation.journal_volume            287 
_citation.page_first                15862 
_citation.page_last                 15873 
_citation.year                      2012 
_citation.journal_id_ASTM           JBCHA3 
_citation.country                   US 
_citation.journal_id_ISSN           0021-9258 
_citation.journal_id_CSD            0071 
_citation.book_publisher            ? 
_citation.pdbx_database_id_PubMed   22411995 
_citation.pdbx_database_id_DOI      10.1074/jbc.M111.336172 
# 
loop_
_citation_author.citation_id 
_citation_author.name 
_citation_author.ordinal 
_citation_author.identifier_ORCID 
primary 'Romes, E.M.'  1 ? 
primary 'Tripathy, A.' 2 ? 
primary 'Slep, K.C.'   3 ? 
# 
_cell.entry_id           4DS1 
_cell.length_a           33.869 
_cell.length_b           47.971 
_cell.length_c           110.703 
_cell.angle_alpha        90.00 
_cell.angle_beta         90.00 
_cell.angle_gamma        90.00 
_cell.Z_PDB              8 
_cell.pdbx_unique_axis   ? 
_cell.length_a_esd       ? 
_cell.length_b_esd       ? 
_cell.length_c_esd       ? 
_cell.angle_alpha_esd    ? 
_cell.angle_beta_esd     ? 
_cell.angle_gamma_esd    ? 
# 
_symmetry.entry_id                         4DS1 
_symmetry.space_group_name_H-M             'P 21 21 21' 
_symmetry.pdbx_full_space_group_name_H-M   ? 
_symmetry.cell_setting                     ? 
_symmetry.Int_Tables_number                19 
_symmetry.space_group_name_Hall            ? 
# 
loop_
_entity.id 
_entity.type 
_entity.src_method 
_entity.pdbx_description 
_entity.formula_weight 
_entity.pdbx_number_of_molecules 
_entity.pdbx_ec 
_entity.pdbx_mutation 
_entity.pdbx_fragment 
_entity.details 
1 polymer man 'Dynein light chain 1, cytoplasmic' 10868.436 2   ? ? ?                        ? 
2 polymer syn 'Nucleoporin NUP159'                1210.249  2   ? ? 'UNP residues 1116-1126' ? 
3 water   nat water                               18.015    217 ? ? ?                        ? 
# 
_entity_name_com.entity_id   2 
_entity_name_com.name        'Nuclear pore protein NUP159' 
# 
loop_
_entity_poly.entity_id 
_entity_poly.type 
_entity_poly.nstd_linkage 
_entity_poly.nstd_monomer 
_entity_poly.pdbx_seq_one_letter_code 
_entity_poly.pdbx_seq_one_letter_code_can 
_entity_poly.pdbx_strand_id 
_entity_poly.pdbx_target_identifier 
1 'polypeptide(L)' no no 
;GPLGSMSDENKSTPIVKASDITDKLKEDILTISKDALDKYQLERDIAGTVKKQLDVKYGNTWHVIVGKNFGSYVTHEKGH
FVYFYIGPLAFLVFKTA
;
;GPLGSMSDENKSTPIVKASDITDKLKEDILTISKDALDKYQLERDIAGTVKKQLDVKYGNTWHVIVGKNFGSYVTHEKGH
FVYFYIGPLAFLVFKTA
;
A,C ? 
2 'polypeptide(L)' no no NYAESGIQTDL                                                                                          
NYAESGIQTDL                                                                                          B,D ? 
# 
loop_
_entity_poly_seq.entity_id 
_entity_poly_seq.num 
_entity_poly_seq.mon_id 
_entity_poly_seq.hetero 
1 1  GLY n 
1 2  PRO n 
1 3  LEU n 
1 4  GLY n 
1 5  SER n 
1 6  MET n 
1 7  SER n 
1 8  ASP n 
1 9  GLU n 
1 10 ASN n 
1 11 LYS n 
1 12 SER n 
1 13 THR n 
1 14 PRO n 
1 15 ILE n 
1 16 VAL n 
1 17 LYS n 
1 18 ALA n 
1 19 SER n 
1 20 ASP n 
1 21 ILE n 
1 22 THR n 
1 23 ASP n 
1 24 LYS n 
1 25 LEU n 
1 26 LYS n 
1 27 GLU n 
1 28 ASP n 
1 29 ILE n 
1 30 LEU n 
1 31 THR n 
1 32 ILE n 
1 33 SER n 
1 34 LYS n 
1 35 ASP n 
1 36 ALA n 
1 37 LEU n 
1 38 ASP n 
1 39 LYS n 
1 40 TYR n 
1 41 GLN n 
1 42 LEU n 
1 43 GLU n 
1 44 ARG n 
1 45 ASP n 
1 46 ILE n 
1 47 ALA n 
1 48 GLY n 
1 49 THR n 
1 50 VAL n 
1 51 LYS n 
1 52 LYS n 
1 53 GLN n 
1 54 LEU n 
1 55 ASP n 
1 56 VAL n 
1 57 LYS n 
1 58 TYR n 
1 59 GLY n 
1 60 ASN n 
1 61 THR n 
1 62 TRP n 
1 63 HIS n 
1 64 VAL n 
1 65 ILE n 
1 66 VAL n 
1 67 GLY n 
1 68 LYS n 
1 69 ASN n 
1 70 PHE n 
1 71 GLY n 
1 72 SER n 
1 73 TYR n 
1 74 VAL n 
1 75 THR n 
1 76 HIS n 
1 77 GLU n 
1 78 LYS n 
1 79 GLY n 
1 80 HIS n 
1 81 PHE n 
1 82 VAL n 
1 83 TYR n 
1 84 PHE n 
1 85 TYR n 
1 86 ILE n 
1 87 GLY n 
1 88 PRO n 
1 89 LEU n 
1 90 ALA n 
1 91 PHE n 
1 92 LEU n 
1 93 VAL n 
1 94 PHE n 
1 95 LYS n 
1 96 THR n 
1 97 ALA n 
2 1  ASN n 
2 2  TYR n 
2 3  ALA n 
2 4  GLU n 
2 5  SER n 
2 6  GLY n 
2 7  ILE n 
2 8  GLN n 
2 9  THR n 
2 10 ASP n 
2 11 LEU n 
# 
_entity_src_gen.entity_id                          1 
_entity_src_gen.pdbx_src_id                        1 
_entity_src_gen.pdbx_alt_source_flag               sample 
_entity_src_gen.pdbx_seq_type                      ? 
_entity_src_gen.pdbx_beg_seq_num                   ? 
_entity_src_gen.pdbx_end_seq_num                   ? 
_entity_src_gen.gene_src_common_name               
;Baker's yeast
;
_entity_src_gen.gene_src_genus                     ? 
_entity_src_gen.pdbx_gene_src_gene                 'DYN2, SLC1, YDR424C' 
_entity_src_gen.gene_src_species                   ? 
_entity_src_gen.gene_src_strain                    S288C 
_entity_src_gen.gene_src_tissue                    ? 
_entity_src_gen.gene_src_tissue_fraction           ? 
_entity_src_gen.gene_src_details                   ? 
_entity_src_gen.pdbx_gene_src_fragment             ? 
_entity_src_gen.pdbx_gene_src_scientific_name      'Saccharomyces cerevisiae' 
_entity_src_gen.pdbx_gene_src_ncbi_taxonomy_id     559292 
_entity_src_gen.pdbx_gene_src_variant              ? 
_entity_src_gen.pdbx_gene_src_cell_line            ? 
_entity_src_gen.pdbx_gene_src_atcc                 ? 
_entity_src_gen.pdbx_gene_src_organ                ? 
_entity_src_gen.pdbx_gene_src_organelle            ? 
_entity_src_gen.pdbx_gene_src_cell                 ? 
_entity_src_gen.pdbx_gene_src_cellular_location    ? 
_entity_src_gen.host_org_common_name               ? 
_entity_src_gen.pdbx_host_org_scientific_name      'Escherichia coli' 
_entity_src_gen.pdbx_host_org_ncbi_taxonomy_id     562 
_entity_src_gen.host_org_genus                     ? 
_entity_src_gen.pdbx_host_org_gene                 ? 
_entity_src_gen.pdbx_host_org_organ                ? 
_entity_src_gen.host_org_species                   ? 
_entity_src_gen.pdbx_host_org_tissue               ? 
_entity_src_gen.pdbx_host_org_tissue_fraction      ? 
_entity_src_gen.pdbx_host_org_strain               'BL21 DE3 pLysS' 
_entity_src_gen.pdbx_host_org_variant              ? 
_entity_src_gen.pdbx_host_org_cell_line            ? 
_entity_src_gen.pdbx_host_org_atcc                 ? 
_entity_src_gen.pdbx_host_org_culture_collection   ? 
_entity_src_gen.pdbx_host_org_cell                 ? 
_entity_src_gen.pdbx_host_org_organelle            ? 
_entity_src_gen.pdbx_host_org_cellular_location    ? 
_entity_src_gen.pdbx_host_org_vector_type          Plasmid 
_entity_src_gen.pdbx_host_org_vector               ? 
_entity_src_gen.host_org_details                   ? 
_entity_src_gen.expression_system_id               ? 
_entity_src_gen.plasmid_name                       pGEX-6P2 
_entity_src_gen.plasmid_details                    ? 
_entity_src_gen.pdbx_description                   ? 
# 
_pdbx_entity_src_syn.entity_id              2 
_pdbx_entity_src_syn.pdbx_src_id            1 
_pdbx_entity_src_syn.pdbx_alt_source_flag   sample 
_pdbx_entity_src_syn.pdbx_beg_seq_num       ? 
_pdbx_entity_src_syn.pdbx_end_seq_num       ? 
_pdbx_entity_src_syn.organism_scientific    'Saccharomyces cerevisiae' 
_pdbx_entity_src_syn.organism_common_name   
;Baker's yeast
;
_pdbx_entity_src_syn.ncbi_taxonomy_id       559292 
_pdbx_entity_src_syn.details                ? 
# 
loop_
_struct_ref.id 
_struct_ref.db_name 
_struct_ref.db_code 
_struct_ref.pdbx_db_accession 
_struct_ref.entity_id 
_struct_ref.pdbx_seq_one_letter_code 
_struct_ref.pdbx_align_begin 
_struct_ref.pdbx_db_isoform 
1 UNP DYL1_YEAST  Q02647 1 
;MSDENKSTPIVKASDITDKLKEDILTISKDALDKYQLERDIAGTVKKQLDVKYGNTWHVIVGKNFGSYVTHEKGHFVYFY
IGPLAFLVFKTA
;
1    ? 
2 UNP NU159_YEAST P40477 2 NYAESGIQTDL                                                                                     1116 ? 
# 
loop_
_struct_ref_seq.align_id 
_struct_ref_seq.ref_id 
_struct_ref_seq.pdbx_PDB_id_code 
_struct_ref_seq.pdbx_strand_id 
_struct_ref_seq.seq_align_beg 
_struct_ref_seq.pdbx_seq_align_beg_ins_code 
_struct_ref_seq.seq_align_end 
_struct_ref_seq.pdbx_seq_align_end_ins_code 
_struct_ref_seq.pdbx_db_accession 
_struct_ref_seq.db_align_beg 
_struct_ref_seq.pdbx_db_align_beg_ins_code 
_struct_ref_seq.db_align_end 
_struct_ref_seq.pdbx_db_align_end_ins_code 
_struct_ref_seq.pdbx_auth_seq_align_beg 
_struct_ref_seq.pdbx_auth_seq_align_end 
1 1 4DS1 A 6 ? 97 ? Q02647 1    ? 92   ? 1    92   
2 2 4DS1 B 1 ? 11 ? P40477 1116 ? 1126 ? 1116 1126 
3 1 4DS1 C 6 ? 97 ? Q02647 1    ? 92   ? 1    92   
4 2 4DS1 D 1 ? 11 ? P40477 1116 ? 1126 ? 1116 1126 
# 
loop_
_struct_ref_seq_dif.align_id 
_struct_ref_seq_dif.pdbx_pdb_id_code 
_struct_ref_seq_dif.mon_id 
_struct_ref_seq_dif.pdbx_pdb_strand_id 
_struct_ref_seq_dif.seq_num 
_struct_ref_seq_dif.pdbx_pdb_ins_code 
_struct_ref_seq_dif.pdbx_seq_db_name 
_struct_ref_seq_dif.pdbx_seq_db_accession_code 
_struct_ref_seq_dif.db_mon_id 
_struct_ref_seq_dif.pdbx_seq_db_seq_num 
_struct_ref_seq_dif.details 
_struct_ref_seq_dif.pdbx_auth_seq_num 
_struct_ref_seq_dif.pdbx_ordinal 
1 4DS1 GLY A 1 ? UNP Q02647 ? ? 'expression tag' -4 1  
1 4DS1 PRO A 2 ? UNP Q02647 ? ? 'expression tag' -3 2  
1 4DS1 LEU A 3 ? UNP Q02647 ? ? 'expression tag' -2 3  
1 4DS1 GLY A 4 ? UNP Q02647 ? ? 'expression tag' -1 4  
1 4DS1 SER A 5 ? UNP Q02647 ? ? 'expression tag' 0  5  
3 4DS1 GLY C 1 ? UNP Q02647 ? ? 'expression tag' -4 6  
3 4DS1 PRO C 2 ? UNP Q02647 ? ? 'expression tag' -3 7  
3 4DS1 LEU C 3 ? UNP Q02647 ? ? 'expression tag' -2 8  
3 4DS1 GLY C 4 ? UNP Q02647 ? ? 'expression tag' -1 9  
3 4DS1 SER C 5 ? UNP Q02647 ? ? 'expression tag' 0  10 
# 
loop_
_chem_comp.id 
_chem_comp.type 
_chem_comp.mon_nstd_flag 
_chem_comp.name 
_chem_comp.pdbx_synonyms 
_chem_comp.formula 
_chem_comp.formula_weight 
ALA 'L-peptide linking' y ALANINE         ? 'C3 H7 N O2'     89.093  
ARG 'L-peptide linking' y ARGININE        ? 'C6 H15 N4 O2 1' 175.209 
ASN 'L-peptide linking' y ASPARAGINE      ? 'C4 H8 N2 O3'    132.118 
ASP 'L-peptide linking' y 'ASPARTIC ACID' ? 'C4 H7 N O4'     133.103 
GLN 'L-peptide linking' y GLUTAMINE       ? 'C5 H10 N2 O3'   146.144 
GLU 'L-peptide linking' y 'GLUTAMIC ACID' ? 'C5 H9 N O4'     147.129 
GLY 'peptide linking'   y GLYCINE         ? 'C2 H5 N O2'     75.067  
HIS 'L-peptide linking' y HISTIDINE       ? 'C6 H10 N3 O2 1' 156.162 
HOH non-polymer         . WATER           ? 'H2 O'           18.015  
ILE 'L-peptide linking' y ISOLEUCINE      ? 'C6 H13 N O2'    131.173 
LEU 'L-peptide linking' y LEUCINE         ? 'C6 H13 N O2'    131.173 
LYS 'L-peptide linking' y LYSINE          ? 'C6 H15 N2 O2 1' 147.195 
MET 'L-peptide linking' y METHIONINE      ? 'C5 H11 N O2 S'  149.211 
PHE 'L-peptide linking' y PHENYLALANINE   ? 'C9 H11 N O2'    165.189 
PRO 'L-peptide linking' y PROLINE         ? 'C5 H9 N O2'     115.130 
SER 'L-peptide linking' y SERINE          ? 'C3 H7 N O3'     105.093 
THR 'L-peptide linking' y THREONINE       ? 'C4 H9 N O3'     119.119 
TRP 'L-peptide linking' y TRYPTOPHAN      ? 'C11 H12 N2 O2'  204.225 
TYR 'L-peptide linking' y TYROSINE        ? 'C9 H11 N O3'    181.189 
VAL 'L-peptide linking' y VALINE          ? 'C5 H11 N O2'    117.146 
# 
_exptl.entry_id          4DS1 
_exptl.method            'X-RAY DIFFRACTION' 
_exptl.crystals_number   1 
# 
_exptl_crystal.id                    1 
_exptl_crystal.density_meas          ? 
_exptl_crystal.density_Matthews      1.86 
_exptl_crystal.density_percent_sol   33.92 
_exptl_crystal.description           ? 
_exptl_crystal.F_000                 ? 
_exptl_crystal.preparation           ? 
# 
_exptl_crystal_grow.crystal_id      1 
_exptl_crystal_grow.method          'VAPOR DIFFUSION, HANGING DROP' 
_exptl_crystal_grow.temp            293 
_exptl_crystal_grow.temp_details    ? 
_exptl_crystal_grow.pH              5.5 
_exptl_crystal_grow.pdbx_details    
'0.3 M Ammonium acetate, 5% methyl pentanediol (v/v), 35% PEG 4000 (w/v), pH 5.5, VAPOR DIFFUSION, HANGING DROP, temperature 293K' 
_exptl_crystal_grow.pdbx_pH_range   ? 
# 
_diffrn.id                     1 
_diffrn.ambient_temp           100 
_diffrn.ambient_temp_details   ? 
_diffrn.crystal_id             1 
# 
_diffrn_detector.diffrn_id              1 
_diffrn_detector.detector               CCD 
_diffrn_detector.type                   'RIGAKU SATURN 944+' 
_diffrn_detector.pdbx_collection_date   2010-01-25 
_diffrn_detector.details                'Osmic Mirrors' 
# 
_diffrn_radiation.diffrn_id                        1 
_diffrn_radiation.wavelength_id                    1 
_diffrn_radiation.pdbx_monochromatic_or_laue_m_l   M 
_diffrn_radiation.monochromator                    'copper Kalpha / Osmic mirrors' 
_diffrn_radiation.pdbx_diffrn_protocol             'SINGLE WAVELENGTH' 
_diffrn_radiation.pdbx_scattering_type             x-ray 
# 
_diffrn_radiation_wavelength.id           1 
_diffrn_radiation_wavelength.wavelength   1.54 
_diffrn_radiation_wavelength.wt           1.0 
# 
_diffrn_source.diffrn_id                   1 
_diffrn_source.source                      'ROTATING ANODE' 
_diffrn_source.type                        'RIGAKU MICROMAX-007 HF' 
_diffrn_source.pdbx_synchrotron_site       ? 
_diffrn_source.pdbx_synchrotron_beamline   ? 
_diffrn_source.pdbx_wavelength             ? 
_diffrn_source.pdbx_wavelength_list        1.54 
# 
_reflns.entry_id                     4DS1 
_reflns.observed_criterion_sigma_I   -3 
_reflns.observed_criterion_sigma_F   0 
_reflns.d_resolution_low             29.2 
_reflns.d_resolution_high            1.85 
_reflns.number_obs                   15081 
_reflns.number_all                   ? 
_reflns.percent_possible_obs         93.9 
_reflns.pdbx_Rmerge_I_obs            0.045 
_reflns.pdbx_Rsym_value              0.045 
_reflns.pdbx_netI_over_sigmaI        24.8 
_reflns.B_iso_Wilson_estimate        15.71 
_reflns.pdbx_redundancy              5.4 
_reflns.R_free_details               ? 
_reflns.limit_h_max                  ? 
_reflns.limit_h_min                  ? 
_reflns.limit_k_max                  ? 
_reflns.limit_k_min                  ? 
_reflns.limit_l_max                  ? 
_reflns.limit_l_min                  ? 
_reflns.observed_criterion_F_max     ? 
_reflns.observed_criterion_F_min     ? 
_reflns.pdbx_chi_squared             ? 
_reflns.pdbx_scaling_rejects         ? 
_reflns.pdbx_ordinal                 1 
_reflns.pdbx_diffrn_id               1 
# 
_reflns_shell.d_res_high             1.85 
_reflns_shell.d_res_low              1.92 
_reflns_shell.percent_possible_all   62.7 
_reflns_shell.Rmerge_I_obs           ? 
_reflns_shell.pdbx_Rsym_value        0.15 
_reflns_shell.meanI_over_sigI_obs    5.9 
_reflns_shell.pdbx_redundancy        2.5 
_reflns_shell.percent_possible_obs   ? 
_reflns_shell.number_unique_all      ? 
_reflns_shell.number_measured_all    ? 
_reflns_shell.number_measured_obs    ? 
_reflns_shell.number_unique_obs      ? 
_reflns_shell.pdbx_chi_squared       ? 
_reflns_shell.pdbx_ordinal           1 
_reflns_shell.pdbx_diffrn_id         1 
# 
_refine.entry_id                                 4DS1 
_refine.ls_number_reflns_obs                     14920 
_refine.ls_number_reflns_all                     16062 
_refine.pdbx_ls_sigma_I                          ? 
_refine.pdbx_ls_sigma_F                          0.00 
_refine.pdbx_data_cutoff_high_absF               ? 
_refine.pdbx_data_cutoff_low_absF                ? 
_refine.pdbx_data_cutoff_high_rms_absF           ? 
_refine.ls_d_res_low                             29.249 
_refine.ls_d_res_high                            1.851 
_refine.ls_percent_reflns_obs                    92.89 
_refine.ls_R_factor_obs                          0.1548 
_refine.ls_R_factor_all                          0.1548 
_refine.ls_R_factor_R_work                       0.1514 
_refine.ls_R_factor_R_free                       0.1869 
_refine.ls_R_factor_R_free_error                 ? 
_refine.ls_R_factor_R_free_error_details         ? 
_refine.ls_percent_reflns_R_free                 9.99 
_refine.ls_number_reflns_R_free                  1490 
_refine.ls_number_parameters                     ? 
_refine.ls_number_restraints                     ? 
_refine.occupancy_min                            ? 
_refine.occupancy_max                            ? 
_refine.correlation_coeff_Fo_to_Fc               ? 
_refine.correlation_coeff_Fo_to_Fc_free          ? 
_refine.B_iso_mean                               ? 
_refine.aniso_B[1][1]                            -0.6410 
_refine.aniso_B[2][2]                            3.4708 
_refine.aniso_B[3][3]                            -2.8298 
_refine.aniso_B[1][2]                            0.0000 
_refine.aniso_B[1][3]                            -0.0000 
_refine.aniso_B[2][3]                            0.0000 
_refine.solvent_model_details                    'FLAT BULK SOLVENT MODEL' 
_refine.solvent_model_param_ksol                 0.360 
_refine.solvent_model_param_bsol                 36.900 
_refine.pdbx_solvent_vdw_probe_radii             1.00 
_refine.pdbx_solvent_ion_probe_radii             ? 
_refine.pdbx_solvent_shrinkage_radii             0.73 
_refine.pdbx_ls_cross_valid_method               ? 
_refine.details                                  ? 
_refine.pdbx_starting_model                      'PDB entry 2PG1 lacking bound peptide' 
_refine.pdbx_method_to_determine_struct          'MOLECULAR REPLACEMENT' 
_refine.pdbx_isotropic_thermal_model             ? 
_refine.pdbx_stereochemistry_target_values       ML 
_refine.pdbx_stereochem_target_val_spec_case     ? 
_refine.pdbx_R_Free_selection_details            'Random 10%' 
_refine.pdbx_overall_ESU_R                       ? 
_refine.pdbx_overall_ESU_R_Free                  ? 
_refine.overall_SU_ML                            0.17 
_refine.pdbx_overall_phase_error                 16.68 
_refine.overall_SU_B                             ? 
_refine.overall_SU_R_Cruickshank_DPI             ? 
_refine.ls_redundancy_reflns_obs                 ? 
_refine.B_iso_min                                ? 
_refine.B_iso_max                                ? 
_refine.overall_SU_R_free                        ? 
_refine.ls_wR_factor_R_free                      ? 
_refine.ls_wR_factor_R_work                      ? 
_refine.overall_FOM_free_R_set                   ? 
_refine.overall_FOM_work_R_set                   ? 
_refine.pdbx_diffrn_id                           1 
_refine.pdbx_refine_id                           'X-RAY DIFFRACTION' 
_refine.pdbx_TLS_residual_ADP_flag               ? 
_refine.pdbx_overall_SU_R_free_Cruickshank_DPI   ? 
_refine.pdbx_overall_SU_R_Blow_DPI               ? 
_refine.pdbx_overall_SU_R_free_Blow_DPI          ? 
# 
_refine_hist.pdbx_refine_id                   'X-RAY DIFFRACTION' 
_refine_hist.cycle_id                         LAST 
_refine_hist.pdbx_number_atoms_protein        1541 
_refine_hist.pdbx_number_atoms_nucleic_acid   0 
_refine_hist.pdbx_number_atoms_ligand         0 
_refine_hist.number_atoms_solvent             217 
_refine_hist.number_atoms_total               1758 
_refine_hist.d_res_high                       1.851 
_refine_hist.d_res_low                        29.249 
# 
loop_
_refine_ls_restr.type 
_refine_ls_restr.dev_ideal 
_refine_ls_restr.dev_ideal_target 
_refine_ls_restr.weight 
_refine_ls_restr.number 
_refine_ls_restr.pdbx_restraint_function 
_refine_ls_restr.pdbx_refine_id 
f_bond_d           0.006  ? ? 1573 ? 'X-RAY DIFFRACTION' 
f_angle_d          1.020  ? ? 2127 ? 'X-RAY DIFFRACTION' 
f_dihedral_angle_d 12.475 ? ? 563  ? 'X-RAY DIFFRACTION' 
f_chiral_restr     0.071  ? ? 243  ? 'X-RAY DIFFRACTION' 
f_plane_restr      0.003  ? ? 263  ? 'X-RAY DIFFRACTION' 
# 
loop_
_refine_ls_shell.pdbx_total_number_of_bins_used 
_refine_ls_shell.d_res_high 
_refine_ls_shell.d_res_low 
_refine_ls_shell.number_reflns_R_work 
_refine_ls_shell.R_factor_R_work 
_refine_ls_shell.percent_reflns_obs 
_refine_ls_shell.R_factor_R_free 
_refine_ls_shell.R_factor_R_free_error 
_refine_ls_shell.percent_reflns_R_free 
_refine_ls_shell.number_reflns_R_free 
_refine_ls_shell.number_reflns_all 
_refine_ls_shell.R_factor_all 
_refine_ls_shell.number_reflns_obs 
_refine_ls_shell.redundancy_reflns_obs 
_refine_ls_shell.pdbx_refine_id 
. 1.8505 1.9166  847  0.1801 60.00  0.2472 . . 94  . . . . 'X-RAY DIFFRACTION' 
. 1.9166 1.9934  1109 0.1440 78.00  0.1893 . . 123 . . . . 'X-RAY DIFFRACTION' 
. 1.9934 2.0841  1316 0.1450 93.00  0.1779 . . 148 . . . . 'X-RAY DIFFRACTION' 
. 2.0841 2.1939  1408 0.1411 99.00  0.1824 . . 157 . . . . 'X-RAY DIFFRACTION' 
. 2.1939 2.3313  1407 0.1437 99.00  0.1963 . . 154 . . . . 'X-RAY DIFFRACTION' 
. 2.3313 2.5112  1437 0.1510 100.00 0.2070 . . 159 . . . . 'X-RAY DIFFRACTION' 
. 2.5112 2.7638  1428 0.1638 100.00 0.2193 . . 158 . . . . 'X-RAY DIFFRACTION' 
. 2.7638 3.1633  1447 0.1589 100.00 0.1858 . . 160 . . . . 'X-RAY DIFFRACTION' 
. 3.1633 3.9838  1471 0.1485 100.00 0.1589 . . 163 . . . . 'X-RAY DIFFRACTION' 
. 3.9838 29.2522 1560 0.1497 100.00 0.1834 . . 174 . . . . 'X-RAY DIFFRACTION' 
# 
_struct.entry_id                  4DS1 
_struct.title                     
'The Structure of a Yeast Dyn2-Nup159 Complex and the Molecular Basis for the Dynein Light Chain - Nuclear Pore Interaction' 
_struct.pdbx_model_details        ? 
_struct.pdbx_CASP_flag            ? 
_struct.pdbx_model_type_details   ? 
# 
_struct_keywords.entry_id        4DS1 
_struct_keywords.pdbx_keywords   'STRUCTURAL PROTEIN/TRANSPORT PROTEIN' 
_struct_keywords.text            
'nucleoporin, Dynein Light Chain fold, Peptide Binding, Nuclear Pore, STRUCTURAL PROTEIN-TRANSPORT PROTEIN complex' 
# 
loop_
_struct_asym.id 
_struct_asym.pdbx_blank_PDB_chainid_flag 
_struct_asym.pdbx_modified 
_struct_asym.entity_id 
_struct_asym.details 
A N N 1 ? 
B N N 2 ? 
C N N 1 ? 
D N N 2 ? 
E N N 3 ? 
F N N 3 ? 
G N N 3 ? 
H N N 3 ? 
# 
_struct_biol.id        1 
_struct_biol.details   ? 
# 
loop_
_struct_conf.conf_type_id 
_struct_conf.id 
_struct_conf.pdbx_PDB_helix_id 
_struct_conf.beg_label_comp_id 
_struct_conf.beg_label_asym_id 
_struct_conf.beg_label_seq_id 
_struct_conf.pdbx_beg_PDB_ins_code 
_struct_conf.end_label_comp_id 
_struct_conf.end_label_asym_id 
_struct_conf.end_label_seq_id 
_struct_conf.pdbx_end_PDB_ins_code 
_struct_conf.beg_auth_comp_id 
_struct_conf.beg_auth_asym_id 
_struct_conf.beg_auth_seq_id 
_struct_conf.end_auth_comp_id 
_struct_conf.end_auth_asym_id 
_struct_conf.end_auth_seq_id 
_struct_conf.pdbx_PDB_helix_class 
_struct_conf.details 
_struct_conf.pdbx_PDB_helix_length 
HELX_P HELX_P1 1 THR A 22 ? TYR A 40 ? THR A 17 TYR A 35 1 ? 19 
HELX_P HELX_P2 2 LEU A 42 ? GLY A 59 ? LEU A 37 GLY A 54 1 ? 18 
HELX_P HELX_P3 3 THR C 22 ? ASP C 38 ? THR C 17 ASP C 33 1 ? 17 
HELX_P HELX_P4 4 LEU C 42 ? GLY C 59 ? LEU C 37 GLY C 54 1 ? 18 
# 
_struct_conf_type.id          HELX_P 
_struct_conf_type.criteria    ? 
_struct_conf_type.reference   ? 
# 
loop_
_struct_mon_prot_cis.pdbx_id 
_struct_mon_prot_cis.label_comp_id 
_struct_mon_prot_cis.label_seq_id 
_struct_mon_prot_cis.label_asym_id 
_struct_mon_prot_cis.label_alt_id 
_struct_mon_prot_cis.pdbx_PDB_ins_code 
_struct_mon_prot_cis.auth_comp_id 
_struct_mon_prot_cis.auth_seq_id 
_struct_mon_prot_cis.auth_asym_id 
_struct_mon_prot_cis.pdbx_label_comp_id_2 
_struct_mon_prot_cis.pdbx_label_seq_id_2 
_struct_mon_prot_cis.pdbx_label_asym_id_2 
_struct_mon_prot_cis.pdbx_PDB_ins_code_2 
_struct_mon_prot_cis.pdbx_auth_comp_id_2 
_struct_mon_prot_cis.pdbx_auth_seq_id_2 
_struct_mon_prot_cis.pdbx_auth_asym_id_2 
_struct_mon_prot_cis.pdbx_PDB_model_num 
_struct_mon_prot_cis.pdbx_omega_angle 
1 ASN 60 A . ? ASN 55 A THR 61 A ? THR 56 A 1 3.28 
2 ASN 60 C . ? ASN 55 C THR 61 C ? THR 56 C 1 2.78 
# 
loop_
_struct_sheet.id 
_struct_sheet.type 
_struct_sheet.number_strands 
_struct_sheet.details 
A ? 8 ? 
B ? 4 ? 
# 
loop_
_struct_sheet_order.sheet_id 
_struct_sheet_order.range_id_1 
_struct_sheet_order.range_id_2 
_struct_sheet_order.offset 
_struct_sheet_order.sense 
A 1 2 ? anti-parallel 
A 2 3 ? anti-parallel 
A 3 4 ? anti-parallel 
A 4 5 ? anti-parallel 
A 5 6 ? anti-parallel 
A 6 7 ? anti-parallel 
A 7 8 ? anti-parallel 
B 1 2 ? anti-parallel 
B 2 3 ? anti-parallel 
B 3 4 ? anti-parallel 
# 
loop_
_struct_sheet_range.sheet_id 
_struct_sheet_range.id 
_struct_sheet_range.beg_label_comp_id 
_struct_sheet_range.beg_label_asym_id 
_struct_sheet_range.beg_label_seq_id 
_struct_sheet_range.pdbx_beg_PDB_ins_code 
_struct_sheet_range.end_label_comp_id 
_struct_sheet_range.end_label_asym_id 
_struct_sheet_range.end_label_seq_id 
_struct_sheet_range.pdbx_end_PDB_ins_code 
_struct_sheet_range.beg_auth_comp_id 
_struct_sheet_range.beg_auth_asym_id 
_struct_sheet_range.beg_auth_seq_id 
_struct_sheet_range.end_auth_comp_id 
_struct_sheet_range.end_auth_asym_id 
_struct_sheet_range.end_auth_seq_id 
A 1 ILE A 15 ? ILE A 21 ? ILE A 10   ILE A 16   
A 2 HIS A 80 ? ILE A 86 ? HIS A 75   ILE A 81   
A 3 LEU A 89 ? LYS A 95 ? LEU A 84   LYS A 90   
A 4 TRP A 62 ? HIS A 76 ? TRP A 57   HIS A 71   
A 5 TRP C 62 ? GLU C 77 ? TRP C 57   GLU C 72   
A 6 LEU C 89 ? LYS C 95 ? LEU C 84   LYS C 90   
A 7 HIS C 80 ? ILE C 86 ? HIS C 75   ILE C 81   
A 8 ILE C 15 ? ILE C 21 ? ILE C 10   ILE C 16   
B 1 ALA B 3  ? GLN B 8  ? ALA B 1118 GLN B 1123 
B 2 TRP A 62 ? HIS A 76 ? TRP A 57   HIS A 71   
B 3 TRP C 62 ? GLU C 77 ? TRP C 57   GLU C 72   
B 4 TYR D 2  ? GLN D 8  ? TYR D 1117 GLN D 1123 
# 
loop_
_pdbx_struct_sheet_hbond.sheet_id 
_pdbx_struct_sheet_hbond.range_id_1 
_pdbx_struct_sheet_hbond.range_id_2 
_pdbx_struct_sheet_hbond.range_1_label_atom_id 
_pdbx_struct_sheet_hbond.range_1_label_comp_id 
_pdbx_struct_sheet_hbond.range_1_label_asym_id 
_pdbx_struct_sheet_hbond.range_1_label_seq_id 
_pdbx_struct_sheet_hbond.range_1_PDB_ins_code 
_pdbx_struct_sheet_hbond.range_1_auth_atom_id 
_pdbx_struct_sheet_hbond.range_1_auth_comp_id 
_pdbx_struct_sheet_hbond.range_1_auth_asym_id 
_pdbx_struct_sheet_hbond.range_1_auth_seq_id 
_pdbx_struct_sheet_hbond.range_2_label_atom_id 
_pdbx_struct_sheet_hbond.range_2_label_comp_id 
_pdbx_struct_sheet_hbond.range_2_label_asym_id 
_pdbx_struct_sheet_hbond.range_2_label_seq_id 
_pdbx_struct_sheet_hbond.range_2_PDB_ins_code 
_pdbx_struct_sheet_hbond.range_2_auth_atom_id 
_pdbx_struct_sheet_hbond.range_2_auth_comp_id 
_pdbx_struct_sheet_hbond.range_2_auth_asym_id 
_pdbx_struct_sheet_hbond.range_2_auth_seq_id 
A 1 2 N LYS A 17 ? N LYS A 12   O TYR A 83 ? O TYR A 78   
A 2 3 N PHE A 84 ? N PHE A 79   O PHE A 91 ? O PHE A 86   
A 3 4 O LEU A 92 ? O LEU A 87   N ILE A 65 ? N ILE A 60   
A 4 5 N GLY A 71 ? N GLY A 66   O VAL C 66 ? O VAL C 61   
A 5 6 N GLY C 67 ? N GLY C 62   O ALA C 90 ? O ALA C 85   
A 6 7 O PHE C 91 ? O PHE C 86   N PHE C 84 ? N PHE C 79   
A 7 8 O PHE C 81 ? O PHE C 76   N ASP C 20 ? N ASP C 15   
B 1 2 O ALA B 3  ? O ALA B 1118 N HIS A 76 ? N HIS A 71   
B 2 3 N GLY A 71 ? N GLY A 66   O VAL C 66 ? O VAL C 61   
B 3 4 N HIS C 76 ? N HIS C 71   O ALA D 3  ? O ALA D 1118 
# 
_atom_sites.entry_id                    4DS1 
_atom_sites.fract_transf_matrix[1][1]   0.00563177 
_atom_sites.fract_transf_matrix[1][2]   -0.02880728 
_atom_sites.fract_transf_matrix[1][3]   0.00319509 
_atom_sites.fract_transf_matrix[2][1]   0.02042404 
_atom_sites.fract_transf_matrix[2][2]   0.00408659 
_atom_sites.fract_transf_matrix[2][3]   0.00084512 
_atom_sites.fract_transf_matrix[3][1]   -0.00054892 
_atom_sites.fract_transf_matrix[3][2]   0.00088785 
_atom_sites.fract_transf_matrix[3][3]   0.00897249 
_atom_sites.fract_transf_vector[1]      0.398864 
_atom_sites.fract_transf_vector[2]      0.324492 
_atom_sites.fract_transf_vector[3]      0.626189 
# 
loop_
_atom_type.symbol 
C 
N 
O 
# 
loop_
_atom_site.group_PDB 
_atom_site.id 
_atom_site.type_symbol 
_atom_site.label_atom_id 
_atom_site.label_alt_id 
_atom_site.label_comp_id 
_atom_site.label_asym_id 
_atom_site.label_entity_id 
_atom_site.label_seq_id 
_atom_site.pdbx_PDB_ins_code 
_atom_site.Cartn_x 
_atom_site.Cartn_y 
_atom_site.Cartn_z 
_atom_site.occupancy 
_atom_site.B_iso_or_equiv 
_atom_site.pdbx_formal_charge 
_atom_site.auth_seq_id 
_atom_site.auth_comp_id 
_atom_site.auth_asym_id 
_atom_site.auth_atom_id 
_atom_site.pdbx_PDB_model_num 
ATOM   1    N N   . SER A 1 12 ? 22.108  -6.521  -1.675  1.00 38.20 ? 7    SER A N   1 
ATOM   2    C CA  . SER A 1 12 ? 21.948  -5.414  -0.744  1.00 34.53 ? 7    SER A CA  1 
ATOM   3    C C   . SER A 1 12 ? 21.864  -4.074  -1.470  1.00 35.90 ? 7    SER A C   1 
ATOM   4    O O   . SER A 1 12 ? 21.288  -3.115  -0.951  1.00 36.05 ? 7    SER A O   1 
ATOM   5    C CB  . SER A 1 12 ? 23.077  -5.404  0.290   1.00 39.16 ? 7    SER A CB  1 
ATOM   6    O OG  . SER A 1 12 ? 23.793  -4.177  0.264   1.00 46.54 ? 7    SER A OG  1 
ATOM   7    N N   . THR A 1 13 ? 22.435  -4.005  -2.669  1.00 30.16 ? 8    THR A N   1 
ATOM   8    C CA  . THR A 1 13 ? 22.326  -2.797  -3.481  1.00 34.78 ? 8    THR A CA  1 
ATOM   9    C C   . THR A 1 13 ? 20.880  -2.644  -3.935  1.00 28.76 ? 8    THR A C   1 
ATOM   10   O O   . THR A 1 13 ? 20.327  -3.563  -4.534  1.00 27.67 ? 8    THR A O   1 
ATOM   11   C CB  . THR A 1 13 ? 23.246  -2.856  -4.722  1.00 33.89 ? 8    THR A CB  1 
ATOM   12   O OG1 . THR A 1 13 ? 24.591  -3.165  -4.319  1.00 38.58 ? 8    THR A OG1 1 
ATOM   13   C CG2 . THR A 1 13 ? 23.225  -1.528  -5.459  1.00 35.57 ? 8    THR A CG2 1 
ATOM   14   N N   . PRO A 1 14 ? 20.259  -1.491  -3.637  1.00 25.59 ? 9    PRO A N   1 
ATOM   15   C CA  . PRO A 1 14 ? 18.855  -1.302  -4.019  1.00 22.68 ? 9    PRO A CA  1 
ATOM   16   C C   . PRO A 1 14 ? 18.661  -1.445  -5.520  1.00 21.87 ? 9    PRO A C   1 
ATOM   17   O O   . PRO A 1 14 ? 19.491  -0.973  -6.295  1.00 22.38 ? 9    PRO A O   1 
ATOM   18   C CB  . PRO A 1 14 ? 18.571  0.143   -3.601  1.00 20.86 ? 9    PRO A CB  1 
ATOM   19   C CG  . PRO A 1 14 ? 19.562  0.421   -2.512  1.00 26.50 ? 9    PRO A CG  1 
ATOM   20   C CD  . PRO A 1 14 ? 20.797  -0.322  -2.925  1.00 28.74 ? 9    PRO A CD  1 
ATOM   21   N N   . ILE A 1 15 ? 17.573  -2.092  -5.921  1.00 17.59 ? 10   ILE A N   1 
ATOM   22   C CA  . ILE A 1 15 ? 17.236  -2.231  -7.331  1.00 19.32 ? 10   ILE A CA  1 
ATOM   23   C C   . ILE A 1 15 ? 15.893  -1.563  -7.598  1.00 17.32 ? 10   ILE A C   1 
ATOM   24   O O   . ILE A 1 15 ? 14.867  -2.008  -7.098  1.00 14.26 ? 10   ILE A O   1 
ATOM   25   C CB  . ILE A 1 15 ? 17.163  -3.715  -7.735  1.00 21.83 ? 10   ILE A CB  1 
ATOM   26   C CG1 . ILE A 1 15 ? 18.523  -4.388  -7.516  1.00 24.37 ? 10   ILE A CG1 1 
ATOM   27   C CG2 . ILE A 1 15 ? 16.688  -3.873  -9.178  1.00 21.64 ? 10   ILE A CG2 1 
ATOM   28   C CD1 . ILE A 1 15 ? 18.485  -5.888  -7.663  1.00 25.90 ? 10   ILE A CD1 1 
ATOM   29   N N   . VAL A 1 16 ? 15.903  -0.482  -8.371  1.00 15.60 ? 11   VAL A N   1 
ATOM   30   C CA  . VAL A 1 16 ? 14.668  0.214   -8.692  1.00 15.67 ? 11   VAL A CA  1 
ATOM   31   C C   . VAL A 1 16 ? 13.921  -0.537  -9.793  1.00 21.52 ? 11   VAL A C   1 
ATOM   32   O O   . VAL A 1 16 ? 14.466  -0.799  -10.863 1.00 18.70 ? 11   VAL A O   1 
ATOM   33   C CB  . VAL A 1 16 ? 14.934  1.669   -9.100  1.00 16.36 ? 11   VAL A CB  1 
ATOM   34   C CG1 . VAL A 1 16 ? 13.630  2.364   -9.478  1.00 16.81 ? 11   VAL A CG1 1 
ATOM   35   C CG2 . VAL A 1 16 ? 15.631  2.421   -7.962  1.00 21.88 ? 11   VAL A CG2 1 
ATOM   36   N N   . LYS A 1 17 ? 12.674  -0.901  -9.522  1.00 14.66 ? 12   LYS A N   1 
ATOM   37   C CA  . LYS A 1 17 ? 11.877  -1.651  -10.488 1.00 12.96 ? 12   LYS A CA  1 
ATOM   38   C C   . LYS A 1 17 ? 10.957  -0.734  -11.288 1.00 17.78 ? 12   LYS A C   1 
ATOM   39   O O   . LYS A 1 17 ? 10.686  -0.980  -12.460 1.00 11.52 ? 12   LYS A O   1 
ATOM   40   C CB  . LYS A 1 17 ? 11.050  -2.718  -9.773  1.00 17.34 ? 12   LYS A CB  1 
ATOM   41   C CG  . LYS A 1 17 ? 11.873  -3.773  -9.047  1.00 20.54 ? 12   LYS A CG  1 
ATOM   42   C CD  . LYS A 1 17 ? 12.372  -4.826  -10.016 1.00 21.90 ? 12   LYS A CD  1 
ATOM   43   C CE  . LYS A 1 17 ? 13.130  -5.929  -9.294  1.00 23.04 ? 12   LYS A CE  1 
ATOM   44   N NZ  . LYS A 1 17 ? 13.398  -7.059  -10.223 1.00 32.29 ? 12   LYS A NZ  1 
ATOM   45   N N   . ALA A 1 18 ? 10.468  0.324   -10.648 1.00 11.90 ? 13   ALA A N   1 
ATOM   46   C CA  . ALA A 1 18 ? 9.608   1.290   -11.325 1.00 12.61 ? 13   ALA A CA  1 
ATOM   47   C C   . ALA A 1 18 ? 9.688   2.619   -10.602 1.00 14.29 ? 13   ALA A C   1 
ATOM   48   O O   . ALA A 1 18 ? 9.878   2.656   -9.385  1.00 13.56 ? 13   ALA A O   1 
ATOM   49   C CB  . ALA A 1 18 ? 8.170   0.792   -11.368 1.00 13.23 ? 13   ALA A CB  1 
ATOM   50   N N   . SER A 1 19 ? 9.563   3.719   -11.334 1.00 11.23 ? 14   SER A N   1 
ATOM   51   C CA  . SER A 1 19 ? 9.613   5.010   -10.672 1.00 11.87 ? 14   SER A CA  1 
ATOM   52   C C   . SER A 1 19 ? 9.041   6.142   -11.503 1.00 13.27 ? 14   SER A C   1 
ATOM   53   O O   . SER A 1 19 ? 9.014   6.082   -12.732 1.00 14.13 ? 14   SER A O   1 
ATOM   54   C CB  . SER A 1 19 ? 11.055  5.350   -10.266 1.00 14.68 ? 14   SER A CB  1 
ATOM   55   O OG  . SER A 1 19 ? 11.810  5.802   -11.380 1.00 19.48 ? 14   SER A OG  1 
ATOM   56   N N   . ASP A 1 20 ? 8.565   7.163   -10.796 1.00 12.20 ? 15   ASP A N   1 
ATOM   57   C CA  . ASP A 1 20 ? 8.254   8.471   -11.360 1.00 11.64 ? 15   ASP A CA  1 
ATOM   58   C C   . ASP A 1 20 ? 8.766   9.446   -10.313 1.00 13.96 ? 15   ASP A C   1 
ATOM   59   O O   . ASP A 1 20 ? 8.030   9.826   -9.395  1.00 13.62 ? 15   ASP A O   1 
ATOM   60   C CB  . ASP A 1 20 ? 6.753   8.659   -11.544 1.00 12.45 ? 15   ASP A CB  1 
ATOM   61   C CG  . ASP A 1 20 ? 6.379   10.095  -11.868 1.00 13.71 ? 15   ASP A CG  1 
ATOM   62   O OD1 . ASP A 1 20 ? 7.259   10.846  -12.340 1.00 12.86 ? 15   ASP A OD1 1 
ATOM   63   O OD2 . ASP A 1 20 ? 5.205   10.472  -11.646 1.00 12.63 ? 15   ASP A OD2 1 
ATOM   64   N N   . ILE A 1 21 ? 10.036  9.820   -10.430 1.00 13.38 ? 16   ILE A N   1 
ATOM   65   C CA  . ILE A 1 21 ? 10.707  10.519  -9.340  1.00 16.32 ? 16   ILE A CA  1 
ATOM   66   C C   . ILE A 1 21 ? 12.013  11.178  -9.797  1.00 20.26 ? 16   ILE A C   1 
ATOM   67   O O   . ILE A 1 21 ? 12.617  10.762  -10.786 1.00 20.32 ? 16   ILE A O   1 
ATOM   68   C CB  . ILE A 1 21 ? 10.973  9.538   -8.165  1.00 15.39 ? 16   ILE A CB  1 
ATOM   69   C CG1 . ILE A 1 21 ? 11.275  10.292  -6.869  1.00 16.37 ? 16   ILE A CG1 1 
ATOM   70   C CG2 . ILE A 1 21 ? 12.079  8.549   -8.518  1.00 17.92 ? 16   ILE A CG2 1 
ATOM   71   C CD1 . ILE A 1 21 ? 11.077  9.443   -5.625  1.00 18.76 ? 16   ILE A CD1 1 
ATOM   72   N N   . THR A 1 22 ? 12.431  12.220  -9.082  1.00 21.00 ? 17   THR A N   1 
ATOM   73   C CA  . THR A 1 22 ? 13.717  12.865  -9.331  1.00 25.61 ? 17   THR A CA  1 
ATOM   74   C C   . THR A 1 22 ? 14.829  12.065  -8.658  1.00 27.08 ? 17   THR A C   1 
ATOM   75   O O   . THR A 1 22 ? 14.591  11.396  -7.652  1.00 20.06 ? 17   THR A O   1 
ATOM   76   C CB  . THR A 1 22 ? 13.743  14.290  -8.755  1.00 27.43 ? 17   THR A CB  1 
ATOM   77   O OG1 . THR A 1 22 ? 13.528  14.229  -7.343  1.00 30.61 ? 17   THR A OG1 1 
ATOM   78   C CG2 . THR A 1 22 ? 12.654  15.147  -9.385  1.00 29.71 ? 17   THR A CG2 1 
ATOM   79   N N   . ASP A 1 23 ? 16.043  12.152  -9.194  1.00 25.60 ? 18   ASP A N   1 
ATOM   80   C CA  . ASP A 1 23 ? 17.178  11.384  -8.672  1.00 28.97 ? 18   ASP A CA  1 
ATOM   81   C C   . ASP A 1 23 ? 17.468  11.717  -7.212  1.00 24.43 ? 18   ASP A C   1 
ATOM   82   O O   . ASP A 1 23 ? 17.797  10.837  -6.414  1.00 25.48 ? 18   ASP A O   1 
ATOM   83   C CB  . ASP A 1 23 ? 18.441  11.622  -9.513  1.00 35.59 ? 18   ASP A CB  1 
ATOM   84   C CG  . ASP A 1 23 ? 18.444  10.826  -10.813 1.00 35.75 ? 18   ASP A CG  1 
ATOM   85   O OD1 . ASP A 1 23 ? 17.756  9.782   -10.900 1.00 38.14 ? 18   ASP A OD1 1 
ATOM   86   O OD2 . ASP A 1 23 ? 19.152  11.242  -11.753 1.00 42.40 ? 18   ASP A OD2 1 
ATOM   87   N N   . LYS A 1 24 ? 17.342  12.993  -6.869  1.00 24.70 ? 19   LYS A N   1 
ATOM   88   C CA  . LYS A 1 24 ? 17.647  13.466  -5.522  1.00 30.38 ? 19   LYS A CA  1 
ATOM   89   C C   . LYS A 1 24 ? 16.703  12.889  -4.460  1.00 29.00 ? 19   LYS A C   1 
ATOM   90   O O   . LYS A 1 24 ? 17.140  12.367  -3.430  1.00 24.27 ? 19   LYS A O   1 
ATOM   91   C CB  . LYS A 1 24 ? 17.590  14.990  -5.505  1.00 37.69 ? 19   LYS A CB  1 
ATOM   92   C CG  . LYS A 1 24 ? 17.852  15.630  -4.161  1.00 35.82 ? 19   LYS A CG  1 
ATOM   93   C CD  . LYS A 1 24 ? 17.775  17.149  -4.301  1.00 43.61 ? 19   LYS A CD  1 
ATOM   94   C CE  . LYS A 1 24 ? 18.137  17.863  -3.005  1.00 47.04 ? 19   LYS A CE  1 
ATOM   95   N NZ  . LYS A 1 24 ? 18.216  19.342  -3.207  1.00 56.33 ? 19   LYS A NZ  1 
ATOM   96   N N   . LEU A 1 25 ? 15.406  13.003  -4.712  1.00 23.69 ? 20   LEU A N   1 
ATOM   97   C CA  . LEU A 1 25 ? 14.408  12.452  -3.814  1.00 21.15 ? 20   LEU A CA  1 
ATOM   98   C C   . LEU A 1 25 ? 14.540  10.932  -3.739  1.00 18.77 ? 20   LEU A C   1 
ATOM   99   O O   . LEU A 1 25 ? 14.390  10.336  -2.669  1.00 17.29 ? 20   LEU A O   1 
ATOM   100  C CB  . LEU A 1 25 ? 13.010  12.855  -4.283  1.00 26.15 ? 20   LEU A CB  1 
ATOM   101  C CG  . LEU A 1 25 ? 11.804  12.325  -3.507  1.00 21.72 ? 20   LEU A CG  1 
ATOM   102  C CD1 . LEU A 1 25 ? 11.958  12.601  -2.032  1.00 22.30 ? 20   LEU A CD1 1 
ATOM   103  C CD2 . LEU A 1 25 ? 10.515  12.952  -4.055  1.00 16.30 ? 20   LEU A CD2 1 
ATOM   104  N N   . LYS A 1 26 ? 14.823  10.305  -4.880  1.00 19.20 ? 21   LYS A N   1 
ATOM   105  C CA  . LYS A 1 26 ? 15.029  8.859   -4.936  1.00 20.76 ? 21   LYS A CA  1 
ATOM   106  C C   . LYS A 1 26 ? 16.185  8.392   -4.048  1.00 20.96 ? 21   LYS A C   1 
ATOM   107  O O   . LYS A 1 26 ? 16.061  7.421   -3.287  1.00 16.12 ? 21   LYS A O   1 
ATOM   108  C CB  . LYS A 1 26 ? 15.290  8.416   -6.374  1.00 18.77 ? 21   LYS A CB  1 
ATOM   109  C CG  . LYS A 1 26 ? 15.475  6.920   -6.518  1.00 22.43 ? 21   LYS A CG  1 
ATOM   110  C CD  . LYS A 1 26 ? 15.580  6.524   -7.983  1.00 33.93 ? 21   LYS A CD  1 
ATOM   111  C CE  . LYS A 1 26 ? 16.852  7.059   -8.610  1.00 33.10 ? 21   LYS A CE  1 
ATOM   112  N NZ  . LYS A 1 26 ? 18.060  6.543   -7.891  1.00 40.14 ? 21   LYS A NZ  1 
ATOM   113  N N   . GLU A 1 27 ? 17.314  9.078   -4.167  1.00 17.88 ? 22   GLU A N   1 
ATOM   114  C CA  . GLU A 1 27 ? 18.487  8.755   -3.373  1.00 22.83 ? 22   GLU A CA  1 
ATOM   115  C C   . GLU A 1 27 ? 18.201  8.870   -1.886  1.00 18.85 ? 22   GLU A C   1 
ATOM   116  O O   . GLU A 1 27 ? 18.664  8.047   -1.096  1.00 17.17 ? 22   GLU A O   1 
ATOM   117  C CB  . GLU A 1 27 ? 19.669  9.649   -3.759  1.00 24.08 ? 22   GLU A CB  1 
ATOM   118  C CG  . GLU A 1 27 ? 20.349  9.220   -5.046  1.00 33.65 ? 22   GLU A CG  1 
ATOM   119  C CD  . GLU A 1 27 ? 20.659  7.731   -5.072  1.00 41.01 ? 22   GLU A CD  1 
ATOM   120  O OE1 . GLU A 1 27 ? 21.471  7.270   -4.235  1.00 43.49 ? 22   GLU A OE1 1 
ATOM   121  O OE2 . GLU A 1 27 ? 20.080  7.017   -5.924  1.00 42.72 ? 22   GLU A OE2 1 
ATOM   122  N N   . ASP A 1 28 ? 17.442  9.895   -1.507  1.00 15.50 ? 23   ASP A N   1 
ATOM   123  C CA  . ASP A 1 28 ? 17.098  10.102  -0.109  1.00 16.50 ? 23   ASP A CA  1 
ATOM   124  C C   . ASP A 1 28 ? 16.168  8.995   0.412   1.00 15.63 ? 23   ASP A C   1 
ATOM   125  O O   . ASP A 1 28 ? 16.347  8.485   1.522   1.00 16.18 ? 23   ASP A O   1 
ATOM   126  C CB  . ASP A 1 28 ? 16.465  11.484  0.085   1.00 19.25 ? 23   ASP A CB  1 
ATOM   127  C CG  . ASP A 1 28 ? 16.515  11.942  1.521   1.00 21.14 ? 23   ASP A CG  1 
ATOM   128  O OD1 . ASP A 1 28 ? 17.437  11.510  2.240   1.00 22.09 ? 23   ASP A OD1 1 
ATOM   129  O OD2 . ASP A 1 28 ? 15.638  12.728  1.937   1.00 23.24 ? 23   ASP A OD2 1 
ATOM   130  N N   . ILE A 1 29 ? 15.178  8.624   -0.391  1.00 15.46 ? 24   ILE A N   1 
ATOM   131  C CA  . ILE A 1 29 ? 14.256  7.565   0.005   1.00 16.46 ? 24   ILE A CA  1 
ATOM   132  C C   . ILE A 1 29 ? 15.009  6.255   0.182   1.00 16.40 ? 24   ILE A C   1 
ATOM   133  O O   . ILE A 1 29 ? 14.770  5.510   1.137   1.00 13.77 ? 24   ILE A O   1 
ATOM   134  C CB  . ILE A 1 29 ? 13.119  7.386   -1.010  1.00 13.29 ? 24   ILE A CB  1 
ATOM   135  C CG1 . ILE A 1 29 ? 12.178  8.598   -0.965  1.00 11.03 ? 24   ILE A CG1 1 
ATOM   136  C CG2 . ILE A 1 29 ? 12.340  6.105   -0.714  1.00 11.72 ? 24   ILE A CG2 1 
ATOM   137  C CD1 . ILE A 1 29 ? 11.084  8.584   -2.037  1.00 14.68 ? 24   ILE A CD1 1 
ATOM   138  N N   . LEU A 1 30 ? 15.930  5.978   -0.737  1.00 13.70 ? 25   LEU A N   1 
ATOM   139  C CA  . LEU A 1 30 ? 16.727  4.767   -0.647  1.00 16.34 ? 25   LEU A CA  1 
ATOM   140  C C   . LEU A 1 30 ? 17.563  4.792   0.627   1.00 16.92 ? 25   LEU A C   1 
ATOM   141  O O   . LEU A 1 30 ? 17.659  3.785   1.329   1.00 20.03 ? 25   LEU A O   1 
ATOM   142  C CB  . LEU A 1 30 ? 17.619  4.603   -1.879  1.00 16.75 ? 25   LEU A CB  1 
ATOM   143  C CG  . LEU A 1 30 ? 16.886  4.445   -3.220  1.00 21.19 ? 25   LEU A CG  1 
ATOM   144  C CD1 . LEU A 1 30 ? 17.875  4.203   -4.358  1.00 26.25 ? 25   LEU A CD1 1 
ATOM   145  C CD2 . LEU A 1 30 ? 15.864  3.322   -3.168  1.00 17.11 ? 25   LEU A CD2 1 
ATOM   146  N N   . THR A 1 31 ? 18.153  5.951   0.920   1.00 16.83 ? 26   THR A N   1 
ATOM   147  C CA  . THR A 1 31 ? 19.004  6.125   2.100   1.00 17.20 ? 26   THR A CA  1 
ATOM   148  C C   . THR A 1 31 ? 18.218  5.942   3.391   1.00 16.75 ? 26   THR A C   1 
ATOM   149  O O   . THR A 1 31 ? 18.655  5.243   4.303   1.00 14.83 ? 26   THR A O   1 
ATOM   150  C CB  . THR A 1 31 ? 19.626  7.528   2.146   1.00 20.55 ? 26   THR A CB  1 
ATOM   151  O OG1 . THR A 1 31 ? 20.609  7.653   1.111   1.00 26.76 ? 26   THR A OG1 1 
ATOM   152  C CG2 . THR A 1 31 ? 20.277  7.770   3.508   1.00 20.89 ? 26   THR A CG2 1 
ATOM   153  N N   . ILE A 1 32 ? 17.063  6.590   3.474   1.00 15.37 ? 27   ILE A N   1 
ATOM   154  C CA  . ILE A 1 32 ? 16.224  6.469   4.661   1.00 14.14 ? 27   ILE A CA  1 
ATOM   155  C C   . ILE A 1 32 ? 15.759  5.026   4.844   1.00 12.67 ? 27   ILE A C   1 
ATOM   156  O O   . ILE A 1 32 ? 15.688  4.529   5.964   1.00 13.39 ? 27   ILE A O   1 
ATOM   157  C CB  . ILE A 1 32 ? 15.033  7.440   4.611   1.00 14.85 ? 27   ILE A CB  1 
ATOM   158  C CG1 . ILE A 1 32 ? 15.545  8.880   4.719   1.00 18.64 ? 27   ILE A CG1 1 
ATOM   159  C CG2 . ILE A 1 32 ? 14.055  7.151   5.746   1.00 17.76 ? 27   ILE A CG2 1 
ATOM   160  C CD1 . ILE A 1 32 ? 14.574  9.938   4.191   1.00 18.35 ? 27   ILE A CD1 1 
ATOM   161  N N   . SER A 1 33 ? 15.482  4.344   3.734   1.00 12.55 ? 28   SER A N   1 
ATOM   162  C CA  . SER A 1 33 ? 15.033  2.949   3.780   1.00 13.54 ? 28   SER A CA  1 
ATOM   163  C C   . SER A 1 33 ? 16.114  1.957   4.233   1.00 12.46 ? 28   SER A C   1 
ATOM   164  O O   . SER A 1 33 ? 15.842  1.069   5.035   1.00 12.42 ? 28   SER A O   1 
ATOM   165  C CB  . SER A 1 33 ? 14.440  2.521   2.426   1.00 13.69 ? 28   SER A CB  1 
ATOM   166  O OG  . SER A 1 33 ? 13.302  3.306   2.084   1.00 12.19 ? 28   SER A OG  1 
ATOM   167  N N   . LYS A 1 34 ? 17.332  2.092   3.706   1.00 15.99 ? 29   LYS A N   1 
ATOM   168  C CA  . LYS A 1 34 ? 18.444  1.256   4.168   1.00 15.96 ? 29   LYS A CA  1 
ATOM   169  C C   . LYS A 1 34 ? 18.685  1.457   5.661   1.00 14.04 ? 29   LYS A C   1 
ATOM   170  O O   . LYS A 1 34 ? 18.873  0.489   6.408   1.00 17.67 ? 29   LYS A O   1 
ATOM   171  C CB  . LYS A 1 34 ? 19.733  1.587   3.407   1.00 19.64 ? 29   LYS A CB  1 
ATOM   172  C CG  . LYS A 1 34 ? 19.872  0.869   2.071   1.00 26.28 ? 29   LYS A CG  1 
ATOM   173  C CD  . LYS A 1 34 ? 21.149  1.295   1.359   1.00 31.63 ? 29   LYS A CD  1 
ATOM   174  C CE  . LYS A 1 34 ? 22.376  0.931   2.187   1.00 39.04 ? 29   LYS A CE  1 
ATOM   175  N NZ  . LYS A 1 34 ? 23.597  1.632   1.683   1.00 41.26 ? 29   LYS A NZ  1 
ATOM   176  N N   . ASP A 1 35 ? 18.700  2.713   6.093   1.00 16.36 ? 30   ASP A N   1 
ATOM   177  C CA  . ASP A 1 35 ? 18.863  3.010   7.516   1.00 15.69 ? 30   ASP A CA  1 
ATOM   178  C C   . ASP A 1 35 ? 17.789  2.314   8.354   1.00 17.21 ? 30   ASP A C   1 
ATOM   179  O O   . ASP A 1 35 ? 18.081  1.744   9.406   1.00 16.74 ? 30   ASP A O   1 
ATOM   180  C CB  . ASP A 1 35 ? 18.843  4.520   7.750   1.00 13.99 ? 30   ASP A CB  1 
ATOM   181  C CG  . ASP A 1 35 ? 18.934  4.887   9.221   1.00 22.34 ? 30   ASP A CG  1 
ATOM   182  O OD1 . ASP A 1 35 ? 19.972  4.595   9.851   1.00 21.55 ? 30   ASP A OD1 1 
ATOM   183  O OD2 . ASP A 1 35 ? 17.978  5.486   9.746   1.00 20.56 ? 30   ASP A OD2 1 
ATOM   184  N N   . ALA A 1 36 ? 16.548  2.350   7.873   1.00 14.34 ? 31   ALA A N   1 
ATOM   185  C CA  . ALA A 1 36 ? 15.438  1.719   8.577   1.00 15.69 ? 31   ALA A CA  1 
ATOM   186  C C   . ALA A 1 36 ? 15.694  0.240   8.802   1.00 14.05 ? 31   ALA A C   1 
ATOM   187  O O   . ALA A 1 36 ? 15.376  -0.297  9.868   1.00 15.14 ? 31   ALA A O   1 
ATOM   188  C CB  . ALA A 1 36 ? 14.123  1.928   7.816   1.00 13.93 ? 31   ALA A CB  1 
ATOM   189  N N   . LEU A 1 37 ? 16.269  -0.423  7.801   1.00 17.03 ? 32   LEU A N   1 
ATOM   190  C CA  . LEU A 1 37 ? 16.567  -1.855  7.916   1.00 14.43 ? 32   LEU A CA  1 
ATOM   191  C C   . LEU A 1 37 ? 17.524  -2.186  9.065   1.00 20.44 ? 32   LEU A C   1 
ATOM   192  O O   . LEU A 1 37 ? 17.445  -3.272  9.653   1.00 20.26 ? 32   LEU A O   1 
ATOM   193  C CB  . LEU A 1 37 ? 17.111  -2.414  6.590   1.00 16.93 ? 32   LEU A CB  1 
ATOM   194  C CG  . LEU A 1 37 ? 16.060  -2.706  5.516   1.00 14.49 ? 32   LEU A CG  1 
ATOM   195  C CD1 . LEU A 1 37 ? 16.712  -3.039  4.188   1.00 22.22 ? 32   LEU A CD1 1 
ATOM   196  C CD2 . LEU A 1 37 ? 15.183  -3.847  5.965   1.00 19.48 ? 32   LEU A CD2 1 
ATOM   197  N N   . ASP A 1 38 ? 18.423  -1.262  9.389   1.00 16.94 ? 33   ASP A N   1 
ATOM   198  C CA  . ASP A 1 38 ? 19.347  -1.476  10.498  1.00 19.23 ? 33   ASP A CA  1 
ATOM   199  C C   . ASP A 1 38 ? 18.648  -1.394  11.850  1.00 23.81 ? 33   ASP A C   1 
ATOM   200  O O   . ASP A 1 38 ? 19.205  -1.813  12.867  1.00 25.39 ? 33   ASP A O   1 
ATOM   201  C CB  . ASP A 1 38 ? 20.447  -0.414  10.489  1.00 26.57 ? 33   ASP A CB  1 
ATOM   202  C CG  . ASP A 1 38 ? 21.465  -0.640  9.406   1.00 27.90 ? 33   ASP A CG  1 
ATOM   203  O OD1 . ASP A 1 38 ? 21.649  -1.808  9.005   1.00 33.94 ? 33   ASP A OD1 1 
ATOM   204  O OD2 . ASP A 1 38 ? 22.093  0.349   8.971   1.00 28.63 ? 33   ASP A OD2 1 
ATOM   205  N N   . LYS A 1 39 ? 17.438  -0.839  11.867  1.00 18.36 ? 34   LYS A N   1 
ATOM   206  C CA  . LYS A 1 39 ? 16.836  -0.412  13.130  1.00 13.31 ? 34   LYS A CA  1 
ATOM   207  C C   . LYS A 1 39 ? 15.577  -1.157  13.556  1.00 19.03 ? 34   LYS A C   1 
ATOM   208  O O   . LYS A 1 39 ? 15.244  -1.179  14.738  1.00 14.03 ? 34   LYS A O   1 
ATOM   209  C CB  . LYS A 1 39 ? 16.596  1.099   13.101  1.00 13.87 ? 34   LYS A CB  1 
ATOM   210  C CG  . LYS A 1 39 ? 17.907  1.880   13.024  1.00 20.77 ? 34   LYS A CG  1 
ATOM   211  C CD  . LYS A 1 39 ? 17.700  3.386   13.036  1.00 19.34 ? 34   LYS A CD  1 
ATOM   212  C CE  . LYS A 1 39 ? 19.057  4.097   13.068  1.00 22.91 ? 34   LYS A CE  1 
ATOM   213  N NZ  . LYS A 1 39 ? 19.000  5.475   12.516  1.00 26.60 ? 34   LYS A NZ  1 
ATOM   214  N N   . TYR A 1 40 ? 14.898  -1.782  12.600  1.00 11.92 ? 35   TYR A N   1 
ATOM   215  C CA  . TYR A 1 40 ? 13.640  -2.463  12.869  1.00 12.29 ? 35   TYR A CA  1 
ATOM   216  C C   . TYR A 1 40 ? 13.608  -3.858  12.233  1.00 14.58 ? 35   TYR A C   1 
ATOM   217  O O   . TYR A 1 40 ? 14.151  -4.070  11.149  1.00 16.52 ? 35   TYR A O   1 
ATOM   218  C CB  . TYR A 1 40 ? 12.476  -1.650  12.304  1.00 13.60 ? 35   TYR A CB  1 
ATOM   219  C CG  . TYR A 1 40 ? 12.340  -0.244  12.848  1.00 14.00 ? 35   TYR A CG  1 
ATOM   220  C CD1 . TYR A 1 40 ? 11.639  0.001   14.030  1.00 14.99 ? 35   TYR A CD1 1 
ATOM   221  C CD2 . TYR A 1 40 ? 12.881  0.841   12.166  1.00 15.45 ? 35   TYR A CD2 1 
ATOM   222  C CE1 . TYR A 1 40 ? 11.493  1.292   14.521  1.00 11.77 ? 35   TYR A CE1 1 
ATOM   223  C CE2 . TYR A 1 40 ? 12.746  2.133   12.652  1.00 15.03 ? 35   TYR A CE2 1 
ATOM   224  C CZ  . TYR A 1 40 ? 12.048  2.353   13.830  1.00 15.19 ? 35   TYR A CZ  1 
ATOM   225  O OH  . TYR A 1 40 ? 11.905  3.636   14.316  1.00 18.79 ? 35   TYR A OH  1 
ATOM   226  N N   . GLN A 1 41 ? 12.943  -4.790  12.904  1.00 14.31 ? 36   GLN A N   1 
ATOM   227  C CA  . GLN A 1 41 ? 12.809  -6.158  12.409  1.00 15.14 ? 36   GLN A CA  1 
ATOM   228  C C   . GLN A 1 41 ? 11.487  -6.436  11.696  1.00 17.51 ? 36   GLN A C   1 
ATOM   229  O O   . GLN A 1 41 ? 11.392  -7.385  10.931  1.00 21.22 ? 36   GLN A O   1 
ATOM   230  C CB  . GLN A 1 41 ? 12.992  -7.153  13.558  1.00 18.34 ? 36   GLN A CB  1 
ATOM   231  C CG  . GLN A 1 41 ? 14.441  -7.412  13.899  1.00 25.02 ? 36   GLN A CG  1 
ATOM   232  C CD  . GLN A 1 41 ? 15.131  -8.228  12.828  1.00 29.00 ? 36   GLN A CD  1 
ATOM   233  O OE1 . GLN A 1 41 ? 14.800  -9.398  12.616  1.00 35.15 ? 36   GLN A OE1 1 
ATOM   234  N NE2 . GLN A 1 41 ? 16.083  -7.614  12.134  1.00 24.84 ? 36   GLN A NE2 1 
ATOM   235  N N   . LEU A 1 42 ? 10.466  -5.624  11.949  1.00 12.35 ? 37   LEU A N   1 
ATOM   236  C CA  . LEU A 1 42 ? 9.155   -5.839  11.329  1.00 12.93 ? 37   LEU A CA  1 
ATOM   237  C C   . LEU A 1 42 ? 8.939   -4.920  10.126  1.00 13.58 ? 37   LEU A C   1 
ATOM   238  O O   . LEU A 1 42 ? 9.235   -3.728  10.187  1.00 9.76  ? 37   LEU A O   1 
ATOM   239  C CB  . LEU A 1 42 ? 8.040   -5.602  12.353  1.00 15.33 ? 37   LEU A CB  1 
ATOM   240  C CG  . LEU A 1 42 ? 7.975   -6.607  13.505  1.00 17.11 ? 37   LEU A CG  1 
ATOM   241  C CD1 . LEU A 1 42 ? 7.035   -6.106  14.576  1.00 19.58 ? 37   LEU A CD1 1 
ATOM   242  C CD2 . LEU A 1 42 ? 7.543   -7.985  12.995  1.00 20.00 ? 37   LEU A CD2 1 
ATOM   243  N N   . GLU A 1 43 ? 8.416   -5.489  9.042   1.00 12.44 ? 38   GLU A N   1 
ATOM   244  C CA  . GLU A 1 43 ? 8.127   -4.728  7.830   1.00 11.50 ? 38   GLU A CA  1 
ATOM   245  C C   . GLU A 1 43 ? 7.284   -3.499  8.133   1.00 9.65  ? 38   GLU A C   1 
ATOM   246  O O   . GLU A 1 43 ? 7.568   -2.415  7.638   1.00 10.17 ? 38   GLU A O   1 
ATOM   247  C CB  . GLU A 1 43 ? 7.438   -5.621  6.787   1.00 12.15 ? 38   GLU A CB  1 
ATOM   248  C CG  . GLU A 1 43 ? 8.355   -6.735  6.278   1.00 11.99 ? 38   GLU A CG  1 
ATOM   249  C CD  . GLU A 1 43 ? 7.621   -7.866  5.575   1.00 16.76 ? 38   GLU A CD  1 
ATOM   250  O OE1 . GLU A 1 43 ? 6.400   -8.046  5.794   1.00 13.18 ? 38   GLU A OE1 1 
ATOM   251  O OE2 . GLU A 1 43 ? 8.283   -8.586  4.793   1.00 17.18 ? 38   GLU A OE2 1 
ATOM   252  N N   . ARG A 1 44 ? 6.237   -3.666  8.935   1.00 10.80 ? 39   ARG A N   1 
ATOM   253  C CA  . ARG A 1 44 ? 5.381   -2.524  9.263   1.00 9.89  ? 39   ARG A CA  1 
ATOM   254  C C   . ARG A 1 44 ? 6.177   -1.360  9.865   1.00 10.80 ? 39   ARG A C   1 
ATOM   255  O O   . ARG A 1 44 ? 5.930   -0.192  9.545   1.00 8.81  ? 39   ARG A O   1 
ATOM   256  C CB  . ARG A 1 44 ? 4.278   -2.937  10.235  1.00 11.89 ? 39   ARG A CB  1 
ATOM   257  C CG  . ARG A 1 44 ? 3.460   -1.764  10.775  1.00 8.84  ? 39   ARG A CG  1 
ATOM   258  C CD  . ARG A 1 44 ? 2.772   -2.152  12.081  1.00 15.40 ? 39   ARG A CD  1 
ATOM   259  N NE  . ARG A 1 44 ? 3.763   -2.369  13.134  1.00 17.04 ? 39   ARG A NE  1 
ATOM   260  C CZ  . ARG A 1 44 ? 3.610   -3.182  14.172  1.00 18.14 ? 39   ARG A CZ  1 
ATOM   261  N NH1 . ARG A 1 44 ? 2.495   -3.878  14.326  1.00 16.37 ? 39   ARG A NH1 1 
ATOM   262  N NH2 . ARG A 1 44 ? 4.582   -3.295  15.066  1.00 14.21 ? 39   ARG A NH2 1 
ATOM   263  N N   . ASP A 1 45 ? 7.123   -1.677  10.743  1.00 10.60 ? 40   ASP A N   1 
ATOM   264  C CA  . ASP A 1 45 ? 7.868   -0.636  11.451  1.00 10.71 ? 40   ASP A CA  1 
ATOM   265  C C   . ASP A 1 45 ? 8.861   0.043   10.527  1.00 9.67  ? 40   ASP A C   1 
ATOM   266  O O   . ASP A 1 45 ? 9.139   1.224   10.682  1.00 10.07 ? 40   ASP A O   1 
ATOM   267  C CB  . ASP A 1 45 ? 8.591   -1.209  12.674  1.00 11.00 ? 40   ASP A CB  1 
ATOM   268  C CG  . ASP A 1 45 ? 7.631   -1.778  13.696  1.00 13.20 ? 40   ASP A CG  1 
ATOM   269  O OD1 . ASP A 1 45 ? 6.446   -1.364  13.691  1.00 15.94 ? 40   ASP A OD1 1 
ATOM   270  O OD2 . ASP A 1 45 ? 8.063   -2.627  14.493  1.00 16.33 ? 40   ASP A OD2 1 
ATOM   271  N N   . ILE A 1 46 ? 9.416   -0.719  9.588   1.00 9.05  ? 41   ILE A N   1 
ATOM   272  C CA  . ILE A 1 46 ? 10.271  -0.152  8.547   1.00 7.97  ? 41   ILE A CA  1 
ATOM   273  C C   . ILE A 1 46 ? 9.440   0.822   7.717   1.00 9.30  ? 41   ILE A C   1 
ATOM   274  O O   . ILE A 1 46 ? 9.866   1.944   7.440   1.00 9.28  ? 41   ILE A O   1 
ATOM   275  C CB  . ILE A 1 46 ? 10.847  -1.263  7.650   1.00 8.98  ? 41   ILE A CB  1 
ATOM   276  C CG1 . ILE A 1 46 ? 11.831  -2.120  8.462   1.00 10.67 ? 41   ILE A CG1 1 
ATOM   277  C CG2 . ILE A 1 46 ? 11.537  -0.658  6.425   1.00 9.83  ? 41   ILE A CG2 1 
ATOM   278  C CD1 . ILE A 1 46 ? 12.081  -3.510  7.872   1.00 11.48 ? 41   ILE A CD1 1 
ATOM   279  N N   . ALA A 1 47 ? 8.239   0.394   7.331   1.00 8.93  ? 42   ALA A N   1 
ATOM   280  C CA  . ALA A 1 47 ? 7.377   1.247   6.511   1.00 7.80  ? 42   ALA A CA  1 
ATOM   281  C C   . ALA A 1 47 ? 7.010   2.497   7.307   1.00 9.00  ? 42   ALA A C   1 
ATOM   282  O O   . ALA A 1 47 ? 7.014   3.621   6.783   1.00 9.55  ? 42   ALA A O   1 
ATOM   283  C CB  . ALA A 1 47 ? 6.118   0.488   6.084   1.00 8.48  ? 42   ALA A CB  1 
ATOM   284  N N   . GLY A 1 48 ? 6.703   2.303   8.583   1.00 8.54  ? 43   GLY A N   1 
ATOM   285  C CA  . GLY A 1 48 ? 6.302   3.411   9.436   1.00 9.44  ? 43   GLY A CA  1 
ATOM   286  C C   . GLY A 1 48 ? 7.359   4.485   9.558   1.00 11.67 ? 43   GLY A C   1 
ATOM   287  O O   . GLY A 1 48 ? 7.060   5.684   9.432   1.00 11.33 ? 43   GLY A O   1 
ATOM   288  N N   . THR A 1 49 ? 8.600   4.085   9.812   1.00 10.00 ? 44   THR A N   1 
ATOM   289  C CA  . THR A 1 49 ? 9.632   5.102   10.000  1.00 11.13 ? 44   THR A CA  1 
ATOM   290  C C   . THR A 1 49 ? 9.917   5.852   8.703   1.00 9.53  ? 44   THR A C   1 
ATOM   291  O O   . THR A 1 49 ? 10.163  7.058   8.721   1.00 11.46 ? 44   THR A O   1 
ATOM   292  C CB  . THR A 1 49 ? 10.939  4.561   10.619  1.00 12.66 ? 44   THR A CB  1 
ATOM   293  O OG1 . THR A 1 49 ? 11.749  5.670   11.026  1.00 13.84 ? 44   THR A OG1 1 
ATOM   294  C CG2 . THR A 1 49 ? 11.717  3.719   9.616   1.00 10.37 ? 44   THR A CG2 1 
ATOM   295  N N   . VAL A 1 50 ? 9.872   5.150   7.577   1.00 10.18 ? 45   VAL A N   1 
ATOM   296  C CA  . VAL A 1 50 ? 10.091  5.814   6.305   1.00 9.53  ? 45   VAL A CA  1 
ATOM   297  C C   . VAL A 1 50 ? 8.949   6.803   6.030   1.00 10.70 ? 45   VAL A C   1 
ATOM   298  O O   . VAL A 1 50 ? 9.194   7.961   5.690   1.00 10.55 ? 45   VAL A O   1 
ATOM   299  C CB  . VAL A 1 50 ? 10.230  4.804   5.149   1.00 11.17 ? 45   VAL A CB  1 
ATOM   300  C CG1 . VAL A 1 50 ? 10.323  5.530   3.808   1.00 11.33 ? 45   VAL A CG1 1 
ATOM   301  C CG2 . VAL A 1 50 ? 11.452  3.913   5.369   1.00 10.02 ? 45   VAL A CG2 1 
ATOM   302  N N   . LYS A 1 51 ? 7.710   6.339   6.191   1.00 10.08 ? 46   LYS A N   1 
ATOM   303  C CA  . LYS A 1 51 ? 6.522   7.175   5.976   1.00 10.02 ? 46   LYS A CA  1 
ATOM   304  C C   . LYS A 1 51 ? 6.578   8.441   6.830   1.00 13.85 ? 46   LYS A C   1 
ATOM   305  O O   . LYS A 1 51 ? 6.403   9.559   6.336   1.00 9.21  ? 46   LYS A O   1 
ATOM   306  C CB  . LYS A 1 51 ? 5.249   6.384   6.289   1.00 9.90  ? 46   LYS A CB  1 
ATOM   307  C CG  . LYS A 1 51 ? 3.932   7.147   6.077   1.00 11.46 ? 46   LYS A CG  1 
ATOM   308  C CD  . LYS A 1 51 ? 3.577   8.021   7.291   1.00 11.72 ? 46   LYS A CD  1 
ATOM   309  C CE  . LYS A 1 51 ? 2.101   8.411   7.295   1.00 11.27 ? 46   LYS A CE  1 
ATOM   310  N NZ  . LYS A 1 51 ? 1.739   9.343   6.188   1.00 13.85 ? 46   LYS A NZ  1 
ATOM   311  N N   . LYS A 1 52 ? 6.830   8.263   8.122   1.00 10.32 ? 47   LYS A N   1 
ATOM   312  C CA  . LYS A 1 52 ? 6.838   9.390   9.035   1.00 14.28 ? 47   LYS A CA  1 
ATOM   313  C C   . LYS A 1 52 ? 7.963   10.367  8.714   1.00 14.39 ? 47   LYS A C   1 
ATOM   314  O O   . LYS A 1 52 ? 7.754   11.572  8.769   1.00 13.57 ? 47   LYS A O   1 
ATOM   315  C CB  . LYS A 1 52 ? 6.914   8.917   10.485  1.00 11.98 ? 47   LYS A CB  1 
ATOM   316  C CG  . LYS A 1 52 ? 5.647   8.221   10.950  1.00 12.44 ? 47   LYS A CG  1 
ATOM   317  C CD  . LYS A 1 52 ? 5.877   7.505   12.279  1.00 22.48 ? 47   LYS A CD  1 
ATOM   318  C CE  . LYS A 1 52 ? 4.619   6.806   12.762  1.00 22.98 ? 47   LYS A CE  1 
ATOM   319  N NZ  . LYS A 1 52 ? 4.859   6.056   14.032  1.00 30.77 ? 47   LYS A NZ  1 
ATOM   320  N N   . GLN A 1 53 ? 9.144   9.854   8.369   1.00 12.86 ? 48   GLN A N   1 
ATOM   321  C CA  . GLN A 1 53 ? 10.272  10.730  8.037   1.00 11.74 ? 48   GLN A CA  1 
ATOM   322  C C   . GLN A 1 53 ? 9.995   11.555  6.782   1.00 13.94 ? 48   GLN A C   1 
ATOM   323  O O   . GLN A 1 53 ? 10.296  12.751  6.727   1.00 14.68 ? 48   GLN A O   1 
ATOM   324  C CB  . GLN A 1 53 ? 11.567  9.932   7.870   1.00 12.92 ? 48   GLN A CB  1 
ATOM   325  C CG  . GLN A 1 53 ? 12.144  9.397   9.179   1.00 14.42 ? 48   GLN A CG  1 
ATOM   326  C CD  . GLN A 1 53 ? 13.436  8.650   8.951   1.00 16.26 ? 48   GLN A CD  1 
ATOM   327  O OE1 . GLN A 1 53 ? 14.409  9.218   8.451   1.00 15.22 ? 48   GLN A OE1 1 
ATOM   328  N NE2 . GLN A 1 53 ? 13.449  7.356   9.289   1.00 14.75 ? 48   GLN A NE2 1 
ATOM   329  N N   . LEU A 1 54 ? 9.418   10.925  5.766   1.00 13.10 ? 49   LEU A N   1 
ATOM   330  C CA  . LEU A 1 54 ? 9.105   11.660  4.545   1.00 12.27 ? 49   LEU A CA  1 
ATOM   331  C C   . LEU A 1 54 ? 8.029   12.721  4.799   1.00 13.25 ? 49   LEU A C   1 
ATOM   332  O O   . LEU A 1 54 ? 8.127   13.829  4.280   1.00 13.19 ? 49   LEU A O   1 
ATOM   333  C CB  . LEU A 1 54 ? 8.710   10.708  3.408   1.00 11.89 ? 49   LEU A CB  1 
ATOM   334  C CG  . LEU A 1 54 ? 9.836   9.742   3.011   1.00 11.70 ? 49   LEU A CG  1 
ATOM   335  C CD1 . LEU A 1 54 ? 9.334   8.730   1.980   1.00 10.77 ? 49   LEU A CD1 1 
ATOM   336  C CD2 . LEU A 1 54 ? 11.065  10.480  2.467   1.00 11.69 ? 49   LEU A CD2 1 
ATOM   337  N N   . ASP A 1 55 ? 7.011   12.395  5.600   1.00 12.47 ? 50   ASP A N   1 
ATOM   338  C CA  . ASP A 1 55 ? 5.986   13.392  5.940   1.00 14.14 ? 50   ASP A CA  1 
ATOM   339  C C   . ASP A 1 55 ? 6.632   14.655  6.519   1.00 16.18 ? 50   ASP A C   1 
ATOM   340  O O   . ASP A 1 55 ? 6.286   15.782  6.148   1.00 15.11 ? 50   ASP A O   1 
ATOM   341  C CB  . ASP A 1 55 ? 4.962   12.844  6.949   1.00 14.63 ? 50   ASP A CB  1 
ATOM   342  C CG  . ASP A 1 55 ? 3.794   12.109  6.282   1.00 10.79 ? 50   ASP A CG  1 
ATOM   343  O OD1 . ASP A 1 55 ? 3.710   12.112  5.034   1.00 12.70 ? 50   ASP A OD1 1 
ATOM   344  O OD2 . ASP A 1 55 ? 2.951   11.547  7.013   1.00 12.26 ? 50   ASP A OD2 1 
ATOM   345  N N   . VAL A 1 56 ? 7.564   14.459  7.443   1.00 12.88 ? 51   VAL A N   1 
ATOM   346  C CA  . VAL A 1 56 ? 8.233   15.571  8.112   1.00 16.73 ? 51   VAL A CA  1 
ATOM   347  C C   . VAL A 1 56 ? 9.161   16.335  7.174   1.00 18.25 ? 51   VAL A C   1 
ATOM   348  O O   . VAL A 1 56 ? 9.180   17.563  7.164   1.00 17.37 ? 51   VAL A O   1 
ATOM   349  C CB  . VAL A 1 56 ? 9.064   15.070  9.317   1.00 17.02 ? 51   VAL A CB  1 
ATOM   350  C CG1 . VAL A 1 56 ? 10.062  16.134  9.759   1.00 23.98 ? 51   VAL A CG1 1 
ATOM   351  C CG2 . VAL A 1 56 ? 8.141   14.650  10.470  1.00 20.47 ? 51   VAL A CG2 1 
ATOM   352  N N   . LYS A 1 57 ? 9.940   15.602  6.391   1.00 15.20 ? 52   LYS A N   1 
ATOM   353  C CA  . LYS A 1 57 ? 10.975  16.223  5.570   1.00 17.73 ? 52   LYS A CA  1 
ATOM   354  C C   . LYS A 1 57 ? 10.411  16.880  4.316   1.00 20.59 ? 52   LYS A C   1 
ATOM   355  O O   . LYS A 1 57 ? 10.875  17.946  3.904   1.00 20.62 ? 52   LYS A O   1 
ATOM   356  C CB  . LYS A 1 57 ? 12.045  15.194  5.187   1.00 17.42 ? 52   LYS A CB  1 
ATOM   357  C CG  . LYS A 1 57 ? 13.263  15.799  4.519   1.00 19.18 ? 52   LYS A CG  1 
ATOM   358  C CD  . LYS A 1 57 ? 14.351  14.775  4.329   1.00 19.70 ? 52   LYS A CD  1 
ATOM   359  C CE  . LYS A 1 57 ? 15.624  15.416  3.782   1.00 26.36 ? 52   LYS A CE  1 
ATOM   360  N NZ  . LYS A 1 57 ? 16.740  14.429  3.715   1.00 26.42 ? 52   LYS A NZ  1 
ATOM   361  N N   . TYR A 1 58 ? 9.406   16.252  3.714   1.00 14.79 ? 53   TYR A N   1 
ATOM   362  C CA  . TYR A 1 58 ? 8.910   16.708  2.418   1.00 13.11 ? 53   TYR A CA  1 
ATOM   363  C C   . TYR A 1 58 ? 7.451   17.152  2.448   1.00 16.86 ? 53   TYR A C   1 
ATOM   364  O O   . TYR A 1 58 ? 6.923   17.653  1.446   1.00 20.68 ? 53   TYR A O   1 
ATOM   365  C CB  . TYR A 1 58 ? 9.112   15.613  1.360   1.00 14.36 ? 53   TYR A CB  1 
ATOM   366  C CG  . TYR A 1 58 ? 10.562  15.256  1.133   1.00 18.98 ? 53   TYR A CG  1 
ATOM   367  C CD1 . TYR A 1 58 ? 11.392  16.097  0.404   1.00 21.26 ? 53   TYR A CD1 1 
ATOM   368  C CD2 . TYR A 1 58 ? 11.100  14.075  1.638   1.00 18.93 ? 53   TYR A CD2 1 
ATOM   369  C CE1 . TYR A 1 58 ? 12.713  15.784  0.189   1.00 21.66 ? 53   TYR A CE1 1 
ATOM   370  C CE2 . TYR A 1 58 ? 12.426  13.751  1.424   1.00 14.82 ? 53   TYR A CE2 1 
ATOM   371  C CZ  . TYR A 1 58 ? 13.223  14.612  0.692   1.00 20.56 ? 53   TYR A CZ  1 
ATOM   372  O OH  . TYR A 1 58 ? 14.544  14.316  0.475   1.00 22.54 ? 53   TYR A OH  1 
ATOM   373  N N   . GLY A 1 59 ? 6.798   16.977  3.591   1.00 15.47 ? 54   GLY A N   1 
ATOM   374  C CA  . GLY A 1 59 ? 5.394   17.322  3.716   1.00 20.54 ? 54   GLY A CA  1 
ATOM   375  C C   . GLY A 1 59 ? 4.503   16.117  3.463   1.00 17.14 ? 54   GLY A C   1 
ATOM   376  O O   . GLY A 1 59 ? 4.917   15.154  2.829   1.00 13.93 ? 54   GLY A O   1 
ATOM   377  N N   . ASN A 1 60 ? 3.276   16.172  3.968   1.00 15.27 ? 55   ASN A N   1 
ATOM   378  C CA  . ASN A 1 60 ? 2.329   15.078  3.806   1.00 15.91 ? 55   ASN A CA  1 
ATOM   379  C C   . ASN A 1 60 ? 1.859   14.999  2.350   1.00 14.75 ? 55   ASN A C   1 
ATOM   380  O O   . ASN A 1 60 ? 1.989   15.974  1.613   1.00 15.51 ? 55   ASN A O   1 
ATOM   381  C CB  . ASN A 1 60 ? 1.147   15.271  4.757   1.00 14.28 ? 55   ASN A CB  1 
ATOM   382  C CG  . ASN A 1 60 ? 0.497   16.640  4.612   1.00 23.76 ? 55   ASN A CG  1 
ATOM   383  O OD1 . ASN A 1 60 ? 0.807   17.563  5.362   1.00 29.31 ? 55   ASN A OD1 1 
ATOM   384  N ND2 . ASN A 1 60 ? -0.412  16.772  3.649   1.00 18.38 ? 55   ASN A ND2 1 
ATOM   385  N N   . THR A 1 61 ? 1.312   13.864  1.919   1.00 12.35 ? 56   THR A N   1 
ATOM   386  C CA  . THR A 1 61 ? 1.056   12.691  2.747   1.00 10.97 ? 56   THR A CA  1 
ATOM   387  C C   . THR A 1 61 ? 1.704   11.486  2.081   1.00 13.05 ? 56   THR A C   1 
ATOM   388  O O   . THR A 1 61 ? 1.371   11.164  0.937   1.00 12.47 ? 56   THR A O   1 
ATOM   389  C CB  . THR A 1 61 ? -0.450  12.427  2.792   1.00 13.04 ? 56   THR A CB  1 
ATOM   390  O OG1 . THR A 1 61 ? -1.127  13.618  3.223   1.00 13.02 ? 56   THR A OG1 1 
ATOM   391  C CG2 . THR A 1 61 ? -0.776  11.264  3.728   1.00 12.16 ? 56   THR A CG2 1 
ATOM   392  N N   . TRP A 1 62 ? 2.604   10.806  2.787   1.00 10.62 ? 57   TRP A N   1 
ATOM   393  C CA  . TRP A 1 62 ? 3.300   9.652   2.209   1.00 9.78  ? 57   TRP A CA  1 
ATOM   394  C C   . TRP A 1 62 ? 2.687   8.332   2.665   1.00 9.37  ? 57   TRP A C   1 
ATOM   395  O O   . TRP A 1 62 ? 2.034   8.270   3.704   1.00 9.66  ? 57   TRP A O   1 
ATOM   396  C CB  . TRP A 1 62 ? 4.790   9.697   2.554   1.00 9.36  ? 57   TRP A CB  1 
ATOM   397  C CG  . TRP A 1 62 ? 5.500   10.845  1.911   1.00 10.88 ? 57   TRP A CG  1 
ATOM   398  C CD1 . TRP A 1 62 ? 5.539   12.145  2.344   1.00 10.95 ? 57   TRP A CD1 1 
ATOM   399  C CD2 . TRP A 1 62 ? 6.275   10.799  0.712   1.00 10.19 ? 57   TRP A CD2 1 
ATOM   400  N NE1 . TRP A 1 62 ? 6.290   12.907  1.483   1.00 11.34 ? 57   TRP A NE1 1 
ATOM   401  C CE2 . TRP A 1 62 ? 6.758   12.104  0.476   1.00 13.37 ? 57   TRP A CE2 1 
ATOM   402  C CE3 . TRP A 1 62 ? 6.616   9.774   -0.179  1.00 9.85  ? 57   TRP A CE3 1 
ATOM   403  C CZ2 . TRP A 1 62 ? 7.558   12.415  -0.621  1.00 13.71 ? 57   TRP A CZ2 1 
ATOM   404  C CZ3 . TRP A 1 62 ? 7.410   10.084  -1.268  1.00 11.33 ? 57   TRP A CZ3 1 
ATOM   405  C CH2 . TRP A 1 62 ? 7.868   11.394  -1.486  1.00 8.77  ? 57   TRP A CH2 1 
ATOM   406  N N   . HIS A 1 63 ? 2.919   7.278   1.883   1.00 8.13  ? 58   HIS A N   1 
ATOM   407  C CA  . HIS A 1 63 ? 2.391   5.951   2.187   1.00 10.17 ? 58   HIS A CA  1 
ATOM   408  C C   . HIS A 1 63 ? 3.469   4.961   1.823   1.00 6.65  ? 58   HIS A C   1 
ATOM   409  O O   . HIS A 1 63 ? 4.114   5.104   0.788   1.00 10.11 ? 58   HIS A O   1 
ATOM   410  C CB  . HIS A 1 63 ? 1.132   5.677   1.363   1.00 8.62  ? 58   HIS A CB  1 
ATOM   411  C CG  . HIS A 1 63 ? 0.149   6.805   1.390   1.00 8.98  ? 58   HIS A CG  1 
ATOM   412  N ND1 . HIS A 1 63 ? -0.850  6.903   2.336   1.00 8.53  ? 58   HIS A ND1 1 
ATOM   413  C CD2 . HIS A 1 63 ? 0.021   7.892   0.592   1.00 9.08  ? 58   HIS A CD2 1 
ATOM   414  C CE1 . HIS A 1 63 ? -1.549  8.006   2.122   1.00 9.51  ? 58   HIS A CE1 1 
ATOM   415  N NE2 . HIS A 1 63 ? -1.048  8.618   1.064   1.00 10.62 ? 58   HIS A NE2 1 
ATOM   416  N N   . VAL A 1 64 ? 3.683   3.969   2.672   1.00 7.50  ? 59   VAL A N   1 
ATOM   417  C CA  . VAL A 1 64 ? 4.770   3.023   2.442   1.00 8.16  ? 59   VAL A CA  1 
ATOM   418  C C   . VAL A 1 64 ? 4.324   1.585   2.674   1.00 7.51  ? 59   VAL A C   1 
ATOM   419  O O   . VAL A 1 64 ? 3.669   1.277   3.674   1.00 8.45  ? 59   VAL A O   1 
ATOM   420  C CB  . VAL A 1 64 ? 5.993   3.355   3.321   1.00 10.27 ? 59   VAL A CB  1 
ATOM   421  C CG1 . VAL A 1 64 ? 7.091   2.321   3.114   1.00 9.87  ? 59   VAL A CG1 1 
ATOM   422  C CG2 . VAL A 1 64 ? 6.515   4.762   3.007   1.00 10.04 ? 59   VAL A CG2 1 
ATOM   423  N N   . ILE A 1 65 ? 4.660   0.712   1.723   1.00 7.75  ? 60   ILE A N   1 
ATOM   424  C CA  . ILE A 1 65 ? 4.435   -0.722  1.862   1.00 7.60  ? 60   ILE A CA  1 
ATOM   425  C C   . ILE A 1 65 ? 5.789   -1.426  1.749   1.00 9.92  ? 60   ILE A C   1 
ATOM   426  O O   . ILE A 1 65 ? 6.561   -1.146  0.840   1.00 9.55  ? 60   ILE A O   1 
ATOM   427  C CB  . ILE A 1 65 ? 3.511   -1.290  0.758   1.00 8.65  ? 60   ILE A CB  1 
ATOM   428  C CG1 . ILE A 1 65 ? 2.278   -0.406  0.541   1.00 11.38 ? 60   ILE A CG1 1 
ATOM   429  C CG2 . ILE A 1 65 ? 3.152   -2.763  1.055   1.00 8.45  ? 60   ILE A CG2 1 
ATOM   430  C CD1 . ILE A 1 65 ? 1.402   -0.204  1.752   1.00 13.47 ? 60   ILE A CD1 1 
ATOM   431  N N   . VAL A 1 66 ? 6.074   -2.334  2.680   1.00 8.02  ? 61   VAL A N   1 
ATOM   432  C CA  . VAL A 1 66 ? 7.333   -3.077  2.671   1.00 7.39  ? 61   VAL A CA  1 
ATOM   433  C C   . VAL A 1 66 ? 7.012   -4.549  2.813   1.00 10.72 ? 61   VAL A C   1 
ATOM   434  O O   . VAL A 1 66 ? 6.379   -4.941  3.786   1.00 7.99  ? 61   VAL A O   1 
ATOM   435  C CB  . VAL A 1 66 ? 8.209   -2.688  3.871   1.00 10.00 ? 61   VAL A CB  1 
ATOM   436  C CG1 . VAL A 1 66 ? 9.481   -3.549  3.910   1.00 9.89  ? 61   VAL A CG1 1 
ATOM   437  C CG2 . VAL A 1 66 ? 8.542   -1.195  3.838   1.00 9.10  ? 61   VAL A CG2 1 
ATOM   438  N N   . GLY A 1 67 ? 7.430   -5.381  1.858   1.00 10.71 ? 62   GLY A N   1 
ATOM   439  C CA  . GLY A 1 67 ? 7.116   -6.798  1.961   1.00 9.97  ? 62   GLY A CA  1 
ATOM   440  C C   . GLY A 1 67 ? 7.737   -7.671  0.891   1.00 10.88 ? 62   GLY A C   1 
ATOM   441  O O   . GLY A 1 67 ? 8.386   -7.162  -0.015  1.00 11.19 ? 62   GLY A O   1 
ATOM   442  N N   . LYS A 1 68 ? 7.550   -8.985  1.004   1.00 11.72 ? 63   LYS A N   1 
ATOM   443  C CA  . LYS A 1 68 ? 8.088   -9.916  0.012   1.00 10.43 ? 63   LYS A CA  1 
ATOM   444  C C   . LYS A 1 68 ? 7.019   -10.434 -0.936  1.00 13.30 ? 63   LYS A C   1 
ATOM   445  O O   . LYS A 1 68 ? 7.339   -10.990 -1.988  1.00 10.78 ? 63   LYS A O   1 
ATOM   446  C CB  . LYS A 1 68 ? 8.732   -11.124 0.689   1.00 13.80 ? 63   LYS A CB  1 
ATOM   447  C CG  . LYS A 1 68 ? 9.846   -10.815 1.664   1.00 20.22 ? 63   LYS A CG  1 
ATOM   448  C CD  . LYS A 1 68 ? 10.252  -12.129 2.339   1.00 24.55 ? 63   LYS A CD  1 
ATOM   449  C CE  . LYS A 1 68 ? 11.151  -11.907 3.522   1.00 30.35 ? 63   LYS A CE  1 
ATOM   450  N NZ  . LYS A 1 68 ? 11.460  -13.203 4.180   1.00 29.40 ? 63   LYS A NZ  1 
ATOM   451  N N   . ASN A 1 69 ? 5.754   -10.301 -0.551  1.00 8.68  ? 64   ASN A N   1 
ATOM   452  C CA  . ASN A 1 69 ? 4.677   -10.799 -1.405  1.00 9.83  ? 64   ASN A CA  1 
ATOM   453  C C   . ASN A 1 69 ? 3.433   -9.941  -1.386  1.00 12.79 ? 64   ASN A C   1 
ATOM   454  O O   . ASN A 1 69 ? 2.637   -10.011 -0.447  1.00 8.81  ? 64   ASN A O   1 
ATOM   455  C CB  . ASN A 1 69 ? 4.292   -12.241 -1.066  1.00 11.82 ? 64   ASN A CB  1 
ATOM   456  C CG  . ASN A 1 69 ? 3.167   -12.755 -1.957  1.00 17.62 ? 64   ASN A CG  1 
ATOM   457  O OD1 . ASN A 1 69 ? 1.988   -12.700 -1.599  1.00 17.06 ? 64   ASN A OD1 1 
ATOM   458  N ND2 . ASN A 1 69 ? 3.525   -13.215 -3.144  1.00 16.42 ? 64   ASN A ND2 1 
ATOM   459  N N   . PHE A 1 70 ? 3.265   -9.140  -2.433  1.00 8.64  ? 65   PHE A N   1 
ATOM   460  C CA  . PHE A 1 70 ? 2.052   -8.357  -2.597  1.00 9.68  ? 65   PHE A CA  1 
ATOM   461  C C   . PHE A 1 70 ? 1.963   -7.782  -3.996  1.00 8.12  ? 65   PHE A C   1 
ATOM   462  O O   . PHE A 1 70 ? 2.980   -7.600  -4.677  1.00 7.88  ? 65   PHE A O   1 
ATOM   463  C CB  . PHE A 1 70 ? 1.974   -7.229  -1.552  1.00 9.07  ? 65   PHE A CB  1 
ATOM   464  C CG  . PHE A 1 70 ? 3.075   -6.195  -1.662  1.00 9.49  ? 65   PHE A CG  1 
ATOM   465  C CD1 . PHE A 1 70 ? 2.852   -4.985  -2.310  1.00 11.86 ? 65   PHE A CD1 1 
ATOM   466  C CD2 . PHE A 1 70 ? 4.310   -6.409  -1.070  1.00 9.14  ? 65   PHE A CD2 1 
ATOM   467  C CE1 . PHE A 1 70 ? 3.858   -4.030  -2.397  1.00 15.66 ? 65   PHE A CE1 1 
ATOM   468  C CE2 . PHE A 1 70 ? 5.320   -5.461  -1.157  1.00 11.17 ? 65   PHE A CE2 1 
ATOM   469  C CZ  . PHE A 1 70 ? 5.090   -4.265  -1.817  1.00 15.84 ? 65   PHE A CZ  1 
ATOM   470  N N   . GLY A 1 71 ? 0.731   -7.517  -4.419  1.00 9.85  ? 66   GLY A N   1 
ATOM   471  C CA  . GLY A 1 71 ? 0.451   -6.734  -5.614  1.00 8.14  ? 66   GLY A CA  1 
ATOM   472  C C   . GLY A 1 71 ? -0.280  -5.495  -5.138  1.00 10.42 ? 66   GLY A C   1 
ATOM   473  O O   . GLY A 1 71 ? -0.912  -5.513  -4.072  1.00 9.16  ? 66   GLY A O   1 
ATOM   474  N N   . SER A 1 72 ? -0.187  -4.407  -5.890  1.00 8.35  ? 67   SER A N   1 
ATOM   475  C CA  . SER A 1 72 ? -0.805  -3.170  -5.441  1.00 7.85  ? 67   SER A CA  1 
ATOM   476  C C   . SER A 1 72 ? -1.200  -2.289  -6.611  1.00 8.02  ? 67   SER A C   1 
ATOM   477  O O   . SER A 1 72 ? -0.554  -2.304  -7.652  1.00 10.54 ? 67   SER A O   1 
ATOM   478  C CB  . SER A 1 72 ? 0.157   -2.399  -4.535  1.00 11.59 ? 67   SER A CB  1 
ATOM   479  O OG  . SER A 1 72 ? -0.425  -1.182  -4.082  1.00 17.00 ? 67   SER A OG  1 
ATOM   480  N N   . TYR A 1 73 ? -2.255  -1.509  -6.427  1.00 10.74 ? 68   TYR A N   1 
ATOM   481  C CA  . TYR A 1 73 ? -2.613  -0.488  -7.399  1.00 8.04  ? 68   TYR A CA  1 
ATOM   482  C C   . TYR A 1 73 ? -2.931  0.776   -6.611  1.00 9.78  ? 68   TYR A C   1 
ATOM   483  O O   . TYR A 1 73 ? -3.850  0.793   -5.787  1.00 6.92  ? 68   TYR A O   1 
ATOM   484  C CB  . TYR A 1 73 ? -3.819  -0.922  -8.236  1.00 11.29 ? 68   TYR A CB  1 
ATOM   485  C CG  . TYR A 1 73 ? -3.915  -0.198  -9.561  1.00 14.60 ? 68   TYR A CG  1 
ATOM   486  C CD1 . TYR A 1 73 ? -3.399  -0.753  -10.722 1.00 14.85 ? 68   TYR A CD1 1 
ATOM   487  C CD2 . TYR A 1 73 ? -4.503  1.060   -9.641  1.00 19.61 ? 68   TYR A CD2 1 
ATOM   488  C CE1 . TYR A 1 73 ? -3.481  -0.079  -11.942 1.00 16.75 ? 68   TYR A CE1 1 
ATOM   489  C CE2 . TYR A 1 73 ? -4.591  1.743   -10.847 1.00 19.31 ? 68   TYR A CE2 1 
ATOM   490  C CZ  . TYR A 1 73 ? -4.082  1.172   -11.997 1.00 23.65 ? 68   TYR A CZ  1 
ATOM   491  O OH  . TYR A 1 73 ? -4.169  1.871   -13.197 1.00 15.26 ? 68   TYR A OH  1 
ATOM   492  N N   . VAL A 1 74 ? -2.145  1.820   -6.849  1.00 8.28  ? 69   VAL A N   1 
ATOM   493  C CA  . VAL A 1 74 ? -2.243  3.059   -6.089  1.00 7.97  ? 69   VAL A CA  1 
ATOM   494  C C   . VAL A 1 74 ? -2.227  4.258   -7.022  1.00 11.97 ? 69   VAL A C   1 
ATOM   495  O O   . VAL A 1 74 ? -1.971  4.130   -8.224  1.00 9.26  ? 69   VAL A O   1 
ATOM   496  C CB  . VAL A 1 74 ? -1.080  3.214   -5.088  1.00 7.89  ? 69   VAL A CB  1 
ATOM   497  C CG1 . VAL A 1 74 ? -0.973  1.975   -4.208  1.00 8.56  ? 69   VAL A CG1 1 
ATOM   498  C CG2 . VAL A 1 74 ? 0.243   3.463   -5.836  1.00 10.32 ? 69   VAL A CG2 1 
ATOM   499  N N   . THR A 1 75 ? -2.507  5.424   -6.454  1.00 9.56  ? 70   THR A N   1 
ATOM   500  C CA  . THR A 1 75 ? -2.458  6.669   -7.202  1.00 10.79 ? 70   THR A CA  1 
ATOM   501  C C   . THR A 1 75 ? -1.491  7.596   -6.478  1.00 12.56 ? 70   THR A C   1 
ATOM   502  O O   . THR A 1 75 ? -1.528  7.700   -5.245  1.00 12.32 ? 70   THR A O   1 
ATOM   503  C CB  . THR A 1 75 ? -3.843  7.310   -7.274  1.00 12.20 ? 70   THR A CB  1 
ATOM   504  O OG1 . THR A 1 75 ? -4.713  6.480   -8.057  1.00 13.54 ? 70   THR A OG1 1 
ATOM   505  C CG2 . THR A 1 75 ? -3.763  8.684   -7.901  1.00 14.08 ? 70   THR A CG2 1 
ATOM   506  N N   . HIS A 1 76 ? -0.612  8.253   -7.227  1.00 8.10  ? 71   HIS A N   1 
ATOM   507  C CA  . HIS A 1 76 ? 0.421   9.072   -6.603  1.00 10.67 ? 71   HIS A CA  1 
ATOM   508  C C   . HIS A 1 76 ? 0.564   10.426  -7.270  1.00 13.65 ? 71   HIS A C   1 
ATOM   509  O O   . HIS A 1 76 ? 0.294   10.583  -8.451  1.00 11.82 ? 71   HIS A O   1 
ATOM   510  C CB  . HIS A 1 76 ? 1.775   8.357   -6.640  1.00 9.84  ? 71   HIS A CB  1 
ATOM   511  C CG  . HIS A 1 76 ? 2.305   8.140   -8.024  1.00 11.12 ? 71   HIS A CG  1 
ATOM   512  N ND1 . HIS A 1 76 ? 2.951   9.129   -8.739  1.00 11.55 ? 71   HIS A ND1 1 
ATOM   513  C CD2 . HIS A 1 76 ? 2.287   7.049   -8.824  1.00 11.48 ? 71   HIS A CD2 1 
ATOM   514  C CE1 . HIS A 1 76 ? 3.308   8.652   -9.920  1.00 13.01 ? 71   HIS A CE1 1 
ATOM   515  N NE2 . HIS A 1 76 ? 2.915   7.393   -9.997  1.00 12.80 ? 71   HIS A NE2 1 
ATOM   516  N N   . GLU A 1 77 ? 1.009   11.400  -6.493  1.00 10.51 ? 72   GLU A N   1 
ATOM   517  C CA  . GLU A 1 77 ? 1.365   12.700  -7.031  1.00 11.68 ? 72   GLU A CA  1 
ATOM   518  C C   . GLU A 1 77 ? 2.503   12.539  -8.031  1.00 15.18 ? 72   GLU A C   1 
ATOM   519  O O   . GLU A 1 77 ? 3.421   11.732  -7.833  1.00 14.08 ? 72   GLU A O   1 
ATOM   520  C CB  . GLU A 1 77 ? 1.760   13.612  -5.870  1.00 16.74 ? 72   GLU A CB  1 
ATOM   521  C CG  . GLU A 1 77 ? 2.343   14.948  -6.239  1.00 19.83 ? 72   GLU A CG  1 
ATOM   522  C CD  . GLU A 1 77 ? 2.724   15.740  -5.002  1.00 25.23 ? 72   GLU A CD  1 
ATOM   523  O OE1 . GLU A 1 77 ? 1.990   15.648  -3.991  1.00 21.23 ? 72   GLU A OE1 1 
ATOM   524  O OE2 . GLU A 1 77 ? 3.757   16.443  -5.042  1.00 29.24 ? 72   GLU A OE2 1 
ATOM   525  N N   . LYS A 1 78 ? 2.425   13.286  -9.124  1.00 13.33 ? 73   LYS A N   1 
ATOM   526  C CA  . LYS A 1 78 ? 3.457   13.247  -10.152 1.00 18.54 ? 73   LYS A CA  1 
ATOM   527  C C   . LYS A 1 78 ? 4.835   13.492  -9.532  1.00 17.05 ? 73   LYS A C   1 
ATOM   528  O O   . LYS A 1 78 ? 4.975   14.319  -8.632  1.00 16.35 ? 73   LYS A O   1 
ATOM   529  C CB  . LYS A 1 78 ? 3.118   14.264  -11.249 1.00 18.93 ? 73   LYS A CB  1 
ATOM   530  C CG  . LYS A 1 78 ? 4.303   14.853  -11.992 1.00 30.29 ? 73   LYS A CG  1 
ATOM   531  C CD  . LYS A 1 78 ? 3.824   15.707  -13.181 1.00 36.09 ? 73   LYS A CD  1 
ATOM   532  C CE  . LYS A 1 78 ? 4.982   16.394  -13.912 1.00 32.45 ? 73   LYS A CE  1 
ATOM   533  N NZ  . LYS A 1 78 ? 5.558   17.525  -13.123 1.00 46.37 ? 73   LYS A NZ  1 
ATOM   534  N N   . GLY A 1 79 ? 5.830   12.737  -9.989  1.00 12.39 ? 74   GLY A N   1 
ATOM   535  C CA  . GLY A 1 79 ? 7.185   12.820  -9.474  1.00 11.83 ? 74   GLY A CA  1 
ATOM   536  C C   . GLY A 1 79 ? 7.417   12.293  -8.063  1.00 13.34 ? 74   GLY A C   1 
ATOM   537  O O   . GLY A 1 79 ? 8.482   12.504  -7.491  1.00 12.84 ? 74   GLY A O   1 
ATOM   538  N N   . HIS A 1 80 ? 6.434   11.608  -7.491  1.00 13.05 ? 75   HIS A N   1 
ATOM   539  C CA  . HIS A 1 80 ? 6.557   11.131  -6.111  1.00 10.38 ? 75   HIS A CA  1 
ATOM   540  C C   . HIS A 1 80 ? 6.168   9.665   -5.942  1.00 11.38 ? 75   HIS A C   1 
ATOM   541  O O   . HIS A 1 80 ? 5.277   9.331   -5.155  1.00 9.92  ? 75   HIS A O   1 
ATOM   542  C CB  . HIS A 1 80 ? 5.745   12.019  -5.164  1.00 14.47 ? 75   HIS A CB  1 
ATOM   543  C CG  . HIS A 1 80 ? 6.261   13.421  -5.071  1.00 13.67 ? 75   HIS A CG  1 
ATOM   544  N ND1 . HIS A 1 80 ? 6.103   14.340  -6.085  1.00 16.58 ? 75   HIS A ND1 1 
ATOM   545  C CD2 . HIS A 1 80 ? 6.954   14.056  -4.093  1.00 17.39 ? 75   HIS A CD2 1 
ATOM   546  C CE1 . HIS A 1 80 ? 6.665   15.485  -5.734  1.00 17.35 ? 75   HIS A CE1 1 
ATOM   547  N NE2 . HIS A 1 80 ? 7.189   15.336  -4.530  1.00 20.05 ? 75   HIS A NE2 1 
ATOM   548  N N   . PHE A 1 81 ? 6.861   8.796   -6.672  1.00 11.85 ? 76   PHE A N   1 
ATOM   549  C CA  . PHE A 1 81 ? 6.604   7.359   -6.638  1.00 10.08 ? 76   PHE A CA  1 
ATOM   550  C C   . PHE A 1 81 ? 7.888   6.606   -6.931  1.00 13.39 ? 76   PHE A C   1 
ATOM   551  O O   . PHE A 1 81 ? 8.582   6.906   -7.900  1.00 12.26 ? 76   PHE A O   1 
ATOM   552  C CB  . PHE A 1 81 ? 5.524   6.982   -7.665  1.00 12.77 ? 76   PHE A CB  1 
ATOM   553  C CG  . PHE A 1 81 ? 5.522   5.523   -8.043  1.00 12.28 ? 76   PHE A CG  1 
ATOM   554  C CD1 . PHE A 1 81 ? 4.941   4.576   -7.210  1.00 13.19 ? 76   PHE A CD1 1 
ATOM   555  C CD2 . PHE A 1 81 ? 6.093   5.099   -9.235  1.00 12.08 ? 76   PHE A CD2 1 
ATOM   556  C CE1 . PHE A 1 81 ? 4.941   3.214   -7.555  1.00 11.08 ? 76   PHE A CE1 1 
ATOM   557  C CE2 . PHE A 1 81 ? 6.090   3.747   -9.585  1.00 14.28 ? 76   PHE A CE2 1 
ATOM   558  C CZ  . PHE A 1 81 ? 5.514   2.806   -8.741  1.00 16.47 ? 76   PHE A CZ  1 
ATOM   559  N N   . VAL A 1 82 ? 8.220   5.643   -6.077  1.00 7.39  ? 77   VAL A N   1 
ATOM   560  C CA  . VAL A 1 82 ? 9.319   4.727   -6.383  1.00 12.41 ? 77   VAL A CA  1 
ATOM   561  C C   . VAL A 1 82 ? 9.042   3.344   -5.802  1.00 12.97 ? 77   VAL A C   1 
ATOM   562  O O   . VAL A 1 82 ? 8.488   3.218   -4.705  1.00 12.41 ? 77   VAL A O   1 
ATOM   563  C CB  . VAL A 1 82 ? 10.696  5.272   -5.932  1.00 12.25 ? 77   VAL A CB  1 
ATOM   564  C CG1 . VAL A 1 82 ? 10.769  5.414   -4.410  1.00 11.92 ? 77   VAL A CG1 1 
ATOM   565  C CG2 . VAL A 1 82 ? 11.821  4.383   -6.448  1.00 13.52 ? 77   VAL A CG2 1 
ATOM   566  N N   . TYR A 1 83 ? 9.399   2.319   -6.569  1.00 9.34  ? 78   TYR A N   1 
ATOM   567  C CA  . TYR A 1 83 ? 9.207   0.933   -6.182  1.00 11.47 ? 78   TYR A CA  1 
ATOM   568  C C   . TYR A 1 83 ? 10.533  0.223   -6.399  1.00 13.61 ? 78   TYR A C   1 
ATOM   569  O O   . TYR A 1 83 ? 11.056  0.188   -7.523  1.00 13.58 ? 78   TYR A O   1 
ATOM   570  C CB  . TYR A 1 83 ? 8.088   0.295   -7.025  1.00 11.55 ? 78   TYR A CB  1 
ATOM   571  C CG  . TYR A 1 83 ? 8.021   -1.211  -6.913  1.00 12.83 ? 78   TYR A CG  1 
ATOM   572  C CD1 . TYR A 1 83 ? 7.761   -1.828  -5.696  1.00 13.87 ? 78   TYR A CD1 1 
ATOM   573  C CD2 . TYR A 1 83 ? 8.215   -2.017  -8.029  1.00 15.91 ? 78   TYR A CD2 1 
ATOM   574  C CE1 . TYR A 1 83 ? 7.707   -3.208  -5.591  1.00 13.92 ? 78   TYR A CE1 1 
ATOM   575  C CE2 . TYR A 1 83 ? 8.159   -3.397  -7.934  1.00 18.91 ? 78   TYR A CE2 1 
ATOM   576  C CZ  . TYR A 1 83 ? 7.911   -3.984  -6.711  1.00 16.65 ? 78   TYR A CZ  1 
ATOM   577  O OH  . TYR A 1 83 ? 7.854   -5.351  -6.622  1.00 16.68 ? 78   TYR A OH  1 
ATOM   578  N N   . PHE A 1 84 ? 11.089  -0.325  -5.324  1.00 11.38 ? 79   PHE A N   1 
ATOM   579  C CA  . PHE A 1 84 ? 12.443  -0.861  -5.374  1.00 9.73  ? 79   PHE A CA  1 
ATOM   580  C C   . PHE A 1 84 ? 12.627  -2.034  -4.412  1.00 13.63 ? 79   PHE A C   1 
ATOM   581  O O   . PHE A 1 84 ? 11.821  -2.244  -3.498  1.00 11.34 ? 79   PHE A O   1 
ATOM   582  C CB  . PHE A 1 84 ? 13.454  0.250   -5.063  1.00 10.38 ? 79   PHE A CB  1 
ATOM   583  C CG  . PHE A 1 84 ? 13.320  0.840   -3.674  1.00 13.32 ? 79   PHE A CG  1 
ATOM   584  C CD1 . PHE A 1 84 ? 12.431  1.881   -3.423  1.00 12.16 ? 79   PHE A CD1 1 
ATOM   585  C CD2 . PHE A 1 84 ? 14.104  0.372   -2.632  1.00 11.62 ? 79   PHE A CD2 1 
ATOM   586  C CE1 . PHE A 1 84 ? 12.315  2.425   -2.157  1.00 13.10 ? 79   PHE A CE1 1 
ATOM   587  C CE2 . PHE A 1 84 ? 13.992  0.918   -1.352  1.00 13.45 ? 79   PHE A CE2 1 
ATOM   588  C CZ  . PHE A 1 84 ? 13.100  1.943   -1.121  1.00 12.17 ? 79   PHE A CZ  1 
ATOM   589  N N   . TYR A 1 85 ? 13.685  -2.806  -4.629  1.00 11.49 ? 80   TYR A N   1 
ATOM   590  C CA  . TYR A 1 85 ? 14.024  -3.896  -3.727  1.00 11.53 ? 80   TYR A CA  1 
ATOM   591  C C   . TYR A 1 85 ? 15.314  -3.563  -3.026  1.00 13.86 ? 80   TYR A C   1 
ATOM   592  O O   . TYR A 1 85 ? 16.195  -2.936  -3.610  1.00 14.33 ? 80   TYR A O   1 
ATOM   593  C CB  . TYR A 1 85 ? 14.261  -5.199  -4.507  1.00 12.52 ? 80   TYR A CB  1 
ATOM   594  C CG  . TYR A 1 85 ? 13.039  -6.063  -4.673  1.00 12.85 ? 80   TYR A CG  1 
ATOM   595  C CD1 . TYR A 1 85 ? 12.084  -5.769  -5.645  1.00 14.07 ? 80   TYR A CD1 1 
ATOM   596  C CD2 . TYR A 1 85 ? 12.841  -7.182  -3.865  1.00 13.60 ? 80   TYR A CD2 1 
ATOM   597  C CE1 . TYR A 1 85 ? 10.961  -6.557  -5.806  1.00 14.79 ? 80   TYR A CE1 1 
ATOM   598  C CE2 . TYR A 1 85 ? 11.724  -7.989  -4.024  1.00 13.62 ? 80   TYR A CE2 1 
ATOM   599  C CZ  . TYR A 1 85 ? 10.788  -7.666  -4.994  1.00 12.42 ? 80   TYR A CZ  1 
ATOM   600  O OH  . TYR A 1 85 ? 9.679   -8.456  -5.157  1.00 15.69 ? 80   TYR A OH  1 
ATOM   601  N N   . ILE A 1 86 ? 15.418  -3.993  -1.776  1.00 14.52 ? 81   ILE A N   1 
ATOM   602  C CA  . ILE A 1 86 ? 16.702  -4.100  -1.106  1.00 15.55 ? 81   ILE A CA  1 
ATOM   603  C C   . ILE A 1 86 ? 16.792  -5.548  -0.645  1.00 17.55 ? 81   ILE A C   1 
ATOM   604  O O   . ILE A 1 86 ? 16.031  -5.976  0.223   1.00 13.98 ? 81   ILE A O   1 
ATOM   605  C CB  . ILE A 1 86 ? 16.796  -3.181  0.123   1.00 14.80 ? 81   ILE A CB  1 
ATOM   606  C CG1 . ILE A 1 86 ? 16.607  -1.717  -0.277  1.00 16.14 ? 81   ILE A CG1 1 
ATOM   607  C CG2 . ILE A 1 86 ? 18.147  -3.384  0.831   1.00 18.12 ? 81   ILE A CG2 1 
ATOM   608  C CD1 . ILE A 1 86 ? 16.811  -0.748  0.873   1.00 14.12 ? 81   ILE A CD1 1 
ATOM   609  N N   . GLY A 1 87 ? 17.696  -6.317  -1.239  1.00 17.32 ? 82   GLY A N   1 
ATOM   610  C CA  . GLY A 1 87 ? 17.720  -7.743  -0.970  1.00 21.50 ? 82   GLY A CA  1 
ATOM   611  C C   . GLY A 1 87 ? 16.389  -8.347  -1.386  1.00 20.64 ? 82   GLY A C   1 
ATOM   612  O O   . GLY A 1 87 ? 15.874  -8.035  -2.453  1.00 20.41 ? 82   GLY A O   1 
ATOM   613  N N   . PRO A 1 88 ? 15.809  -9.195  -0.531  1.00 20.09 ? 83   PRO A N   1 
ATOM   614  C CA  . PRO A 1 88 ? 14.554  -9.874  -0.850  1.00 19.48 ? 83   PRO A CA  1 
ATOM   615  C C   . PRO A 1 88 ? 13.331  -9.002  -0.572  1.00 14.58 ? 83   PRO A C   1 
ATOM   616  O O   . PRO A 1 88 ? 12.212  -9.434  -0.828  1.00 14.28 ? 83   PRO A O   1 
ATOM   617  C CB  . PRO A 1 88 ? 14.559  -11.045 0.125   1.00 24.36 ? 83   PRO A CB  1 
ATOM   618  C CG  . PRO A 1 88 ? 15.225  -10.463 1.347   1.00 23.28 ? 83   PRO A CG  1 
ATOM   619  C CD  . PRO A 1 88 ? 16.312  -9.564  0.805   1.00 21.40 ? 83   PRO A CD  1 
ATOM   620  N N   . LEU A 1 89 ? 13.546  -7.798  -0.052  1.00 14.88 ? 84   LEU A N   1 
ATOM   621  C CA  . LEU A 1 89 ? 12.455  -6.981  0.463   1.00 10.70 ? 84   LEU A CA  1 
ATOM   622  C C   . LEU A 1 89 ? 12.036  -5.885  -0.529  1.00 12.84 ? 84   LEU A C   1 
ATOM   623  O O   . LEU A 1 89 ? 12.859  -5.064  -0.932  1.00 11.87 ? 84   LEU A O   1 
ATOM   624  C CB  . LEU A 1 89 ? 12.902  -6.354  1.784   1.00 16.43 ? 84   LEU A CB  1 
ATOM   625  C CG  . LEU A 1 89 ? 11.867  -6.069  2.858   1.00 22.52 ? 84   LEU A CG  1 
ATOM   626  C CD1 . LEU A 1 89 ? 11.006  -7.306  3.096   1.00 16.65 ? 84   LEU A CD1 1 
ATOM   627  C CD2 . LEU A 1 89 ? 12.565  -5.613  4.152   1.00 17.80 ? 84   LEU A CD2 1 
ATOM   628  N N   . ALA A 1 90 ? 10.761  -5.879  -0.918  1.00 12.23 ? 85   ALA A N   1 
ATOM   629  C CA  . ALA A 1 90 ? 10.229  -4.850  -1.806  1.00 8.62  ? 85   ALA A CA  1 
ATOM   630  C C   . ALA A 1 90 ? 9.720   -3.630  -1.033  1.00 11.23 ? 85   ALA A C   1 
ATOM   631  O O   . ALA A 1 90 ? 9.112   -3.763  0.030   1.00 9.37  ? 85   ALA A O   1 
ATOM   632  C CB  . ALA A 1 90 ? 9.116   -5.417  -2.673  1.00 9.32  ? 85   ALA A CB  1 
ATOM   633  N N   . PHE A 1 91 ? 9.965   -2.448  -1.583  1.00 7.50  ? 86   PHE A N   1 
ATOM   634  C CA  . PHE A 1 91 ? 9.498   -1.193  -0.997  1.00 10.74 ? 86   PHE A CA  1 
ATOM   635  C C   . PHE A 1 91 ? 8.639   -0.430  -2.003  1.00 11.24 ? 86   PHE A C   1 
ATOM   636  O O   . PHE A 1 91 ? 9.103   -0.140  -3.110  1.00 7.42  ? 86   PHE A O   1 
ATOM   637  C CB  . PHE A 1 91 ? 10.686  -0.285  -0.663  1.00 10.04 ? 86   PHE A CB  1 
ATOM   638  C CG  . PHE A 1 91 ? 11.502  -0.724  0.524   1.00 9.84  ? 86   PHE A CG  1 
ATOM   639  C CD1 . PHE A 1 91 ? 12.332  -1.827  0.449   1.00 10.46 ? 86   PHE A CD1 1 
ATOM   640  C CD2 . PHE A 1 91 ? 11.474  0.011   1.704   1.00 11.77 ? 86   PHE A CD2 1 
ATOM   641  C CE1 . PHE A 1 91 ? 13.100  -2.212  1.537   1.00 14.48 ? 86   PHE A CE1 1 
ATOM   642  C CE2 . PHE A 1 91 ? 12.234  -0.371  2.796   1.00 13.77 ? 86   PHE A CE2 1 
ATOM   643  C CZ  . PHE A 1 91 ? 13.048  -1.488  2.714   1.00 12.07 ? 86   PHE A CZ  1 
ATOM   644  N N   . LEU A 1 92 ? 7.416   -0.076  -1.608  1.00 9.93  ? 87   LEU A N   1 
ATOM   645  C CA  . LEU A 1 92 ? 6.571   0.812   -2.415  1.00 8.52  ? 87   LEU A CA  1 
ATOM   646  C C   . LEU A 1 92 ? 6.409   2.113   -1.634  1.00 8.67  ? 87   LEU A C   1 
ATOM   647  O O   . LEU A 1 92 ? 5.866   2.113   -0.527  1.00 7.77  ? 87   LEU A O   1 
ATOM   648  C CB  . LEU A 1 92 ? 5.208   0.152   -2.685  1.00 9.16  ? 87   LEU A CB  1 
ATOM   649  C CG  . LEU A 1 92 ? 4.044   0.967   -3.263  1.00 10.77 ? 87   LEU A CG  1 
ATOM   650  C CD1 . LEU A 1 92 ? 4.429   1.593   -4.582  1.00 11.30 ? 87   LEU A CD1 1 
ATOM   651  C CD2 . LEU A 1 92 ? 2.800   0.088   -3.423  1.00 12.02 ? 87   LEU A CD2 1 
ATOM   652  N N   . VAL A 1 93 ? 6.910   3.210   -2.188  1.00 8.53  ? 88   VAL A N   1 
ATOM   653  C CA  . VAL A 1 93 ? 6.901   4.499   -1.497  1.00 9.91  ? 88   VAL A CA  1 
ATOM   654  C C   . VAL A 1 93 ? 6.289   5.544   -2.404  1.00 10.46 ? 88   VAL A C   1 
ATOM   655  O O   . VAL A 1 93 ? 6.752   5.732   -3.527  1.00 7.87  ? 88   VAL A O   1 
ATOM   656  C CB  . VAL A 1 93 ? 8.325   4.958   -1.109  1.00 9.39  ? 88   VAL A CB  1 
ATOM   657  C CG1 . VAL A 1 93 ? 8.279   6.304   -0.362  1.00 6.40  ? 88   VAL A CG1 1 
ATOM   658  C CG2 . VAL A 1 93 ? 8.993   3.903   -0.240  1.00 10.77 ? 88   VAL A CG2 1 
ATOM   659  N N   . PHE A 1 94 ? 5.245   6.216   -1.929  1.00 9.64  ? 89   PHE A N   1 
ATOM   660  C CA  . PHE A 1 94 ? 4.592   7.234   -2.744  1.00 10.52 ? 89   PHE A CA  1 
ATOM   661  C C   . PHE A 1 94 ? 3.882   8.300   -1.917  1.00 11.53 ? 89   PHE A C   1 
ATOM   662  O O   . PHE A 1 94 ? 3.615   8.110   -0.726  1.00 7.66  ? 89   PHE A O   1 
ATOM   663  C CB  . PHE A 1 94 ? 3.635   6.605   -3.762  1.00 9.53  ? 89   PHE A CB  1 
ATOM   664  C CG  . PHE A 1 94 ? 2.438   5.920   -3.149  1.00 13.40 ? 89   PHE A CG  1 
ATOM   665  C CD1 . PHE A 1 94 ? 2.553   4.660   -2.572  1.00 10.32 ? 89   PHE A CD1 1 
ATOM   666  C CD2 . PHE A 1 94 ? 1.190   6.521   -3.189  1.00 9.49  ? 89   PHE A CD2 1 
ATOM   667  C CE1 . PHE A 1 94 ? 1.440   4.028   -2.021  1.00 11.49 ? 89   PHE A CE1 1 
ATOM   668  C CE2 . PHE A 1 94 ? 0.079   5.901   -2.651  1.00 10.09 ? 89   PHE A CE2 1 
ATOM   669  C CZ  . PHE A 1 94 ? 0.203   4.650   -2.059  1.00 10.68 ? 89   PHE A CZ  1 
ATOM   670  N N   . LYS A 1 95 ? 3.584   9.418   -2.575  1.00 10.58 ? 90   LYS A N   1 
ATOM   671  C CA  . LYS A 1 95 ? 2.981   10.572  -1.928  1.00 10.28 ? 90   LYS A CA  1 
ATOM   672  C C   . LYS A 1 95 ? 1.655   10.915  -2.588  1.00 11.38 ? 90   LYS A C   1 
ATOM   673  O O   . LYS A 1 95 ? 1.522   10.818  -3.813  1.00 11.83 ? 90   LYS A O   1 
ATOM   674  C CB  . LYS A 1 95 ? 3.929   11.775  -2.026  1.00 12.60 ? 90   LYS A CB  1 
ATOM   675  C CG  . LYS A 1 95 ? 3.489   13.000  -1.221  1.00 13.98 ? 90   LYS A CG  1 
ATOM   676  C CD  . LYS A 1 95 ? 4.392   14.199  -1.532  1.00 13.39 ? 90   LYS A CD  1 
ATOM   677  C CE  . LYS A 1 95 ? 3.913   15.447  -0.813  1.00 16.49 ? 90   LYS A CE  1 
ATOM   678  N NZ  . LYS A 1 95 ? 2.533   15.856  -1.233  1.00 16.09 ? 90   LYS A NZ  1 
ATOM   679  N N   . THR A 1 96 ? 0.682   11.306  -1.766  1.00 10.74 ? 91   THR A N   1 
ATOM   680  C CA  . THR A 1 96 ? -0.551  11.940  -2.234  1.00 11.77 ? 91   THR A CA  1 
ATOM   681  C C   . THR A 1 96 ? -0.679  13.313  -1.570  1.00 14.36 ? 91   THR A C   1 
ATOM   682  O O   . THR A 1 96 ? 0.202   13.729  -0.819  1.00 15.06 ? 91   THR A O   1 
ATOM   683  C CB  . THR A 1 96 ? -1.808  11.105  -1.908  1.00 12.12 ? 91   THR A CB  1 
ATOM   684  O OG1 . THR A 1 96 ? -1.968  10.994  -0.483  1.00 12.87 ? 91   THR A OG1 1 
ATOM   685  C CG2 . THR A 1 96 ? -1.709  9.694   -2.527  1.00 11.81 ? 91   THR A CG2 1 
ATOM   686  N N   . ALA A 1 97 ? -1.771  14.017  -1.843  1.00 14.76 ? 92   ALA A N   1 
ATOM   687  C CA  . ALA A 1 97 ? -1.996  15.324  -1.223  1.00 14.97 ? 92   ALA A CA  1 
ATOM   688  C C   . ALA A 1 97 ? -1.847  15.243  0.304   1.00 22.61 ? 92   ALA A C   1 
ATOM   689  O O   . ALA A 1 97 ? -2.427  14.386  0.957   1.00 17.48 ? 92   ALA A O   1 
ATOM   690  C CB  . ALA A 1 97 ? -3.376  15.845  -1.595  1.00 17.95 ? 92   ALA A CB  1 
ATOM   691  O OXT . ALA A 1 97 ? -1.140  16.018  0.942   1.00 28.16 ? 92   ALA A OXT 1 
ATOM   692  N N   . TYR B 2 2  ? -2.212  13.619  -10.332 1.00 19.81 ? 1117 TYR B N   1 
ATOM   693  C CA  . TYR B 2 2  ? -2.115  12.223  -9.899  1.00 18.99 ? 1117 TYR B CA  1 
ATOM   694  C C   . TYR B 2 2  ? -1.872  11.294  -11.087 1.00 19.68 ? 1117 TYR B C   1 
ATOM   695  O O   . TYR B 2 2  ? -2.262  11.600  -12.218 1.00 22.22 ? 1117 TYR B O   1 
ATOM   696  C CB  . TYR B 2 2  ? -3.388  11.786  -9.165  1.00 14.54 ? 1117 TYR B CB  1 
ATOM   697  C CG  . TYR B 2 2  ? -3.475  12.185  -7.702  1.00 16.34 ? 1117 TYR B CG  1 
ATOM   698  C CD1 . TYR B 2 2  ? -2.444  12.879  -7.074  1.00 20.45 ? 1117 TYR B CD1 1 
ATOM   699  C CD2 . TYR B 2 2  ? -4.589  11.840  -6.944  1.00 13.55 ? 1117 TYR B CD2 1 
ATOM   700  C CE1 . TYR B 2 2  ? -2.532  13.236  -5.725  1.00 18.16 ? 1117 TYR B CE1 1 
ATOM   701  C CE2 . TYR B 2 2  ? -4.689  12.193  -5.605  1.00 18.02 ? 1117 TYR B CE2 1 
ATOM   702  C CZ  . TYR B 2 2  ? -3.657  12.887  -5.001  1.00 17.35 ? 1117 TYR B CZ  1 
ATOM   703  O OH  . TYR B 2 2  ? -3.765  13.235  -3.673  1.00 13.25 ? 1117 TYR B OH  1 
ATOM   704  N N   . ALA B 2 3  ? -1.224  10.164  -10.822 1.00 13.62 ? 1118 ALA B N   1 
ATOM   705  C CA  . ALA B 2 3  ? -0.944  9.155   -11.842 1.00 10.93 ? 1118 ALA B CA  1 
ATOM   706  C C   . ALA B 2 3  ? -1.100  7.793   -11.172 1.00 13.31 ? 1118 ALA B C   1 
ATOM   707  O O   . ALA B 2 3  ? -0.985  7.695   -9.946  1.00 12.44 ? 1118 ALA B O   1 
ATOM   708  C CB  . ALA B 2 3  ? 0.457   9.325   -12.378 1.00 12.88 ? 1118 ALA B CB  1 
ATOM   709  N N   . GLU B 2 4  ? -1.380  6.757   -11.956 1.00 12.47 ? 1119 GLU B N   1 
ATOM   710  C CA  . GLU B 2 4  ? -1.639  5.431   -11.398 1.00 12.60 ? 1119 GLU B CA  1 
ATOM   711  C C   . GLU B 2 4  ? -0.414  4.534   -11.530 1.00 12.07 ? 1119 GLU B C   1 
ATOM   712  O O   . GLU B 2 4  ? 0.381   4.683   -12.464 1.00 10.95 ? 1119 GLU B O   1 
ATOM   713  C CB  . GLU B 2 4  ? -2.895  4.790   -12.029 1.00 13.25 ? 1119 GLU B CB  1 
ATOM   714  C CG  . GLU B 2 4  ? -4.188  5.571   -11.681 1.00 15.52 ? 1119 GLU B CG  1 
ATOM   715  C CD  . GLU B 2 4  ? -5.481  4.921   -12.166 1.00 19.27 ? 1119 GLU B CD  1 
ATOM   716  O OE1 . GLU B 2 4  ? -5.440  3.832   -12.774 1.00 19.20 ? 1119 GLU B OE1 1 
ATOM   717  O OE2 . GLU B 2 4  ? -6.553  5.512   -11.917 1.00 21.57 ? 1119 GLU B OE2 1 
ATOM   718  N N   . SER B 2 5  ? -0.256  3.631   -10.563 1.00 10.31 ? 1120 SER B N   1 
ATOM   719  C CA  . SER B 2 5  ? 0.850   2.687   -10.535 1.00 10.73 ? 1120 SER B CA  1 
ATOM   720  C C   . SER B 2 5  ? 0.341   1.339   -10.057 1.00 9.46  ? 1120 SER B C   1 
ATOM   721  O O   . SER B 2 5  ? -0.190  1.227   -8.945  1.00 9.43  ? 1120 SER B O   1 
ATOM   722  C CB  . SER B 2 5  ? 1.951   3.166   -9.583  1.00 10.07 ? 1120 SER B CB  1 
ATOM   723  O OG  . SER B 2 5  ? 2.594   4.326   -10.080 1.00 16.41 ? 1120 SER B OG  1 
ATOM   724  N N   . GLY B 2 6  ? 0.494   0.323   -10.898 1.00 9.27  ? 1121 GLY B N   1 
ATOM   725  C CA  . GLY B 2 6  ? 0.249   -1.052  -10.490 1.00 10.63 ? 1121 GLY B CA  1 
ATOM   726  C C   . GLY B 2 6  ? 1.579   -1.780  -10.395 1.00 12.96 ? 1121 GLY B C   1 
ATOM   727  O O   . GLY B 2 6  ? 2.429   -1.641  -11.272 1.00 12.23 ? 1121 GLY B O   1 
ATOM   728  N N   . ILE B 2 7  ? 1.771   -2.553  -9.330  1.00 9.28  ? 1122 ILE B N   1 
ATOM   729  C CA  . ILE B 2 7  ? 3.028   -3.274  -9.141  1.00 11.88 ? 1122 ILE B CA  1 
ATOM   730  C C   . ILE B 2 7  ? 2.767   -4.680  -8.611  1.00 10.28 ? 1122 ILE B C   1 
ATOM   731  O O   . ILE B 2 7  ? 1.712   -4.958  -8.032  1.00 11.87 ? 1122 ILE B O   1 
ATOM   732  C CB  . ILE B 2 7  ? 3.990   -2.525  -8.177  1.00 15.30 ? 1122 ILE B CB  1 
ATOM   733  C CG1 . ILE B 2 7  ? 3.430   -2.514  -6.750  1.00 15.47 ? 1122 ILE B CG1 1 
ATOM   734  C CG2 . ILE B 2 7  ? 4.252   -1.083  -8.653  1.00 15.88 ? 1122 ILE B CG2 1 
ATOM   735  C CD1 . ILE B 2 7  ? 3.811   -3.744  -5.920  1.00 18.62 ? 1122 ILE B CD1 1 
ATOM   736  N N   . GLN B 2 8  ? 3.739   -5.562  -8.808  1.00 10.55 ? 1123 GLN B N   1 
ATOM   737  C CA  . GLN B 2 8  ? 3.650   -6.947  -8.362  1.00 10.93 ? 1123 GLN B CA  1 
ATOM   738  C C   . GLN B 2 8  ? 5.030   -7.412  -7.926  1.00 10.84 ? 1123 GLN B C   1 
ATOM   739  O O   . GLN B 2 8  ? 5.985   -7.315  -8.702  1.00 11.56 ? 1123 GLN B O   1 
ATOM   740  C CB  . GLN B 2 8  ? 3.186   -7.831  -9.514  1.00 11.67 ? 1123 GLN B CB  1 
ATOM   741  C CG  . GLN B 2 8  ? 3.144   -9.312  -9.172  1.00 10.71 ? 1123 GLN B CG  1 
ATOM   742  C CD  . GLN B 2 8  ? 2.178   -9.602  -8.043  1.00 12.99 ? 1123 GLN B CD  1 
ATOM   743  O OE1 . GLN B 2 8  ? 1.011   -9.206  -8.096  1.00 12.38 ? 1123 GLN B OE1 1 
ATOM   744  N NE2 . GLN B 2 8  ? 2.663   -10.281 -7.006  1.00 12.65 ? 1123 GLN B NE2 1 
ATOM   745  N N   . THR B 2 9  ? 5.152   -7.910  -6.699  1.00 10.22 ? 1124 THR B N   1 
ATOM   746  C CA  . THR B 2 9  ? 6.444   -8.412  -6.229  1.00 9.69  ? 1124 THR B CA  1 
ATOM   747  C C   . THR B 2 9  ? 6.895   -9.593  -7.076  1.00 11.93 ? 1124 THR B C   1 
ATOM   748  O O   . THR B 2 9  ? 6.057   -10.301 -7.637  1.00 12.87 ? 1124 THR B O   1 
ATOM   749  C CB  . THR B 2 9  ? 6.379   -8.874  -4.759  1.00 10.76 ? 1124 THR B CB  1 
ATOM   750  O OG1 . THR B 2 9  ? 5.266   -9.762  -4.594  1.00 9.33  ? 1124 THR B OG1 1 
ATOM   751  C CG2 . THR B 2 9  ? 6.230   -7.675  -3.819  1.00 9.16  ? 1124 THR B CG2 1 
ATOM   752  N N   . ASP B 2 10 ? 8.212   -9.807  -7.155  1.00 14.42 ? 1125 ASP B N   1 
ATOM   753  C CA  . ASP B 2 10 ? 8.798   -10.945 -7.883  1.00 21.48 ? 1125 ASP B CA  1 
ATOM   754  C C   . ASP B 2 10 ? 8.406   -12.276 -7.264  1.00 23.85 ? 1125 ASP B C   1 
ATOM   755  O O   . ASP B 2 10 ? 8.211   -13.265 -7.966  1.00 24.75 ? 1125 ASP B O   1 
ATOM   756  C CB  . ASP B 2 10 ? 10.330  -10.869 -7.874  1.00 23.05 ? 1125 ASP B CB  1 
ATOM   757  C CG  . ASP B 2 10 ? 10.865  -9.669  -8.628  1.00 27.74 ? 1125 ASP B CG  1 
ATOM   758  O OD1 . ASP B 2 10 ? 10.109  -9.078  -9.429  1.00 27.01 ? 1125 ASP B OD1 1 
ATOM   759  O OD2 . ASP B 2 10 ? 12.052  -9.326  -8.423  1.00 32.29 ? 1125 ASP B OD2 1 
ATOM   760  N N   . LEU B 2 11 ? 8.337   -12.302 -5.935  1.00 19.21 ? 1126 LEU B N   1 
ATOM   761  C CA  . LEU B 2 11 ? 7.909   -13.492 -5.208  1.00 25.35 ? 1126 LEU B CA  1 
ATOM   762  C C   . LEU B 2 11 ? 6.677   -13.174 -4.374  1.00 28.20 ? 1126 LEU B C   1 
ATOM   763  O O   . LEU B 2 11 ? 5.877   -12.297 -4.736  1.00 18.38 ? 1126 LEU B O   1 
ATOM   764  C CB  . LEU B 2 11 ? 9.023   -14.005 -4.289  1.00 23.22 ? 1126 LEU B CB  1 
ATOM   765  C CG  . LEU B 2 11 ? 10.336  -14.479 -4.904  1.00 29.47 ? 1126 LEU B CG  1 
ATOM   766  C CD1 . LEU B 2 11 ? 11.265  -14.964 -3.796  1.00 26.93 ? 1126 LEU B CD1 1 
ATOM   767  C CD2 . LEU B 2 11 ? 10.088  -15.581 -5.927  1.00 31.93 ? 1126 LEU B CD2 1 
ATOM   768  O OXT . LEU B 2 11 ? 6.475   -13.786 -3.315  1.00 33.73 ? 1126 LEU B OXT 1 
ATOM   769  N N   . SER C 1 12 ? -12.808 -18.251 1.238   1.00 45.92 ? 7    SER C N   1 
ATOM   770  C CA  . SER C 1 12 ? -13.821 -18.432 2.272   1.00 40.06 ? 7    SER C CA  1 
ATOM   771  C C   . SER C 1 12 ? -14.331 -17.098 2.815   1.00 34.15 ? 7    SER C C   1 
ATOM   772  O O   . SER C 1 12 ? -14.291 -16.074 2.132   1.00 36.33 ? 7    SER C O   1 
ATOM   773  C CB  . SER C 1 12 ? -13.279 -19.303 3.416   1.00 46.02 ? 7    SER C CB  1 
ATOM   774  O OG  . SER C 1 12 ? -12.092 -18.752 3.972   1.00 42.86 ? 7    SER C OG  1 
ATOM   775  N N   . THR C 1 13 ? -14.812 -17.125 4.050   1.00 29.66 ? 8    THR C N   1 
ATOM   776  C CA  . THR C 1 13 ? -15.430 -15.961 4.664   1.00 27.65 ? 8    THR C CA  1 
ATOM   777  C C   . THR C 1 13 ? -14.388 -14.922 5.050   1.00 23.96 ? 8    THR C C   1 
ATOM   778  O O   . THR C 1 13 ? -13.425 -15.244 5.740   1.00 24.27 ? 8    THR C O   1 
ATOM   779  C CB  . THR C 1 13 ? -16.207 -16.369 5.918   1.00 31.74 ? 8    THR C CB  1 
ATOM   780  O OG1 . THR C 1 13 ? -17.233 -17.306 5.559   1.00 37.25 ? 8    THR C OG1 1 
ATOM   781  C CG2 . THR C 1 13 ? -16.838 -15.155 6.575   1.00 27.05 ? 8    THR C CG2 1 
ATOM   782  N N   . PRO C 1 14 ? -14.576 -13.672 4.603   1.00 25.84 ? 9    PRO C N   1 
ATOM   783  C CA  . PRO C 1 14 ? -13.611 -12.610 4.916   1.00 17.69 ? 9    PRO C CA  1 
ATOM   784  C C   . PRO C 1 14 ? -13.433 -12.424 6.416   1.00 22.00 ? 9    PRO C C   1 
ATOM   785  O O   . PRO C 1 14 ? -14.403 -12.503 7.176   1.00 20.56 ? 9    PRO C O   1 
ATOM   786  C CB  . PRO C 1 14 ? -14.256 -11.363 4.306   1.00 19.65 ? 9    PRO C CB  1 
ATOM   787  C CG  . PRO C 1 14 ? -15.120 -11.894 3.202   1.00 22.10 ? 9    PRO C CG  1 
ATOM   788  C CD  . PRO C 1 14 ? -15.653 -13.198 3.717   1.00 24.35 ? 9    PRO C CD  1 
ATOM   789  N N   . ILE C 1 15 ? -12.194 -12.182 6.835   1.00 14.73 ? 10   ILE C N   1 
ATOM   790  C CA  . ILE C 1 15 ? -11.887 -11.941 8.233   1.00 13.84 ? 10   ILE C CA  1 
ATOM   791  C C   . ILE C 1 15 ? -11.321 -10.539 8.348   1.00 13.87 ? 10   ILE C C   1 
ATOM   792  O O   . ILE C 1 15 ? -10.223 -10.266 7.854   1.00 13.77 ? 10   ILE C O   1 
ATOM   793  C CB  . ILE C 1 15 ? -10.876 -12.977 8.772   1.00 19.95 ? 10   ILE C CB  1 
ATOM   794  C CG1 . ILE C 1 15 ? -11.469 -14.387 8.667   1.00 23.75 ? 10   ILE C CG1 1 
ATOM   795  C CG2 . ILE C 1 15 ? -10.482 -12.661 10.205  1.00 21.66 ? 10   ILE C CG2 1 
ATOM   796  C CD1 . ILE C 1 15 ? -10.535 -15.485 9.128   1.00 32.72 ? 10   ILE C CD1 1 
ATOM   797  N N   . VAL C 1 16 ? -12.086 -9.643  8.971   1.00 15.55 ? 11   VAL C N   1 
ATOM   798  C CA  . VAL C 1 16 ? -11.674 -8.247  9.100   1.00 12.34 ? 11   VAL C CA  1 
ATOM   799  C C   . VAL C 1 16 ? -10.763 -8.066  10.306  1.00 16.56 ? 11   VAL C C   1 
ATOM   800  O O   . VAL C 1 16 ? -11.154 -8.366  11.439  1.00 15.78 ? 11   VAL C O   1 
ATOM   801  C CB  . VAL C 1 16 ? -12.883 -7.312  9.236   1.00 15.33 ? 11   VAL C CB  1 
ATOM   802  C CG1 . VAL C 1 16 ? -12.415 -5.878  9.327   1.00 13.17 ? 11   VAL C CG1 1 
ATOM   803  C CG2 . VAL C 1 16 ? -13.831 -7.496  8.071   1.00 12.09 ? 11   VAL C CG2 1 
ATOM   804  N N   . LYS C 1 17 ? -9.552  -7.569  10.069  1.00 10.79 ? 12   LYS C N   1 
ATOM   805  C CA  . LYS C 1 17 ? -8.549  -7.465  11.123  1.00 11.18 ? 12   LYS C CA  1 
ATOM   806  C C   . LYS C 1 17 ? -8.307  -6.039  11.612  1.00 15.69 ? 12   LYS C C   1 
ATOM   807  O O   . LYS C 1 17 ? -7.682  -5.832  12.649  1.00 14.42 ? 12   LYS C O   1 
ATOM   808  C CB  . LYS C 1 17 ? -7.239  -8.121  10.668  1.00 18.43 ? 12   LYS C CB  1 
ATOM   809  C CG  . LYS C 1 17 ? -7.411  -9.615  10.415  1.00 18.82 ? 12   LYS C CG  1 
ATOM   810  C CD  . LYS C 1 17 ? -6.233  -10.414 10.940  1.00 21.32 ? 12   LYS C CD  1 
ATOM   811  C CE  . LYS C 1 17 ? -6.488  -11.898 10.794  1.00 22.73 ? 12   LYS C CE  1 
ATOM   812  N NZ  . LYS C 1 17 ? -5.472  -12.696 11.542  1.00 29.87 ? 12   LYS C NZ  1 
ATOM   813  N N   . ALA C 1 18 ? -8.788  -5.064  10.845  1.00 13.12 ? 13   ALA C N   1 
ATOM   814  C CA  . ALA C 1 18 ? -8.780  -3.671  11.270  1.00 13.88 ? 13   ALA C CA  1 
ATOM   815  C C   . ALA C 1 18 ? -9.770  -2.919  10.409  1.00 15.47 ? 13   ALA C C   1 
ATOM   816  O O   . ALA C 1 18 ? -9.933  -3.233  9.234   1.00 12.42 ? 13   ALA C O   1 
ATOM   817  C CB  . ALA C 1 18 ? -7.392  -3.067  11.153  1.00 13.57 ? 13   ALA C CB  1 
ATOM   818  N N   . SER C 1 19 ? -10.455 -1.936  10.983  1.00 14.88 ? 14   SER C N   1 
ATOM   819  C CA  . SER C 1 19 ? -11.371 -1.139  10.181  1.00 13.94 ? 14   SER C CA  1 
ATOM   820  C C   . SER C 1 19 ? -11.714 0.202   10.806  1.00 14.99 ? 14   SER C C   1 
ATOM   821  O O   . SER C 1 19 ? -11.739 0.356   12.023  1.00 12.22 ? 14   SER C O   1 
ATOM   822  C CB  . SER C 1 19 ? -12.662 -1.904  9.896   1.00 11.41 ? 14   SER C CB  1 
ATOM   823  O OG  . SER C 1 19 ? -13.406 -2.058  11.081  1.00 18.67 ? 14   SER C OG  1 
ATOM   824  N N   . ASP C 1 20 ? -11.965 1.167   9.935   1.00 15.49 ? 15   ASP C N   1 
ATOM   825  C CA  . ASP C 1 20 ? -12.564 2.432   10.308  1.00 15.16 ? 15   ASP C CA  1 
ATOM   826  C C   . ASP C 1 20 ? -13.431 2.771   9.111   1.00 14.28 ? 15   ASP C C   1 
ATOM   827  O O   . ASP C 1 20 ? -12.977 3.405   8.154   1.00 12.60 ? 15   ASP C O   1 
ATOM   828  C CB  . ASP C 1 20 ? -11.490 3.486   10.542  1.00 12.47 ? 15   ASP C CB  1 
ATOM   829  C CG  . ASP C 1 20 ? -12.072 4.876   10.705  1.00 18.78 ? 15   ASP C CG  1 
ATOM   830  O OD1 . ASP C 1 20 ? -13.287 4.978   10.970  1.00 16.32 ? 15   ASP C OD1 1 
ATOM   831  O OD2 . ASP C 1 20 ? -11.319 5.858   10.563  1.00 20.51 ? 15   ASP C OD2 1 
ATOM   832  N N   . ILE C 1 21 ? -14.674 2.308   9.148   1.00 14.19 ? 16   ILE C N   1 
ATOM   833  C CA  . ILE C 1 21 ? -15.497 2.270   7.950   1.00 14.45 ? 16   ILE C CA  1 
ATOM   834  C C   . ILE C 1 21 ? -16.926 1.917   8.320   1.00 16.48 ? 16   ILE C C   1 
ATOM   835  O O   . ILE C 1 21 ? -17.157 1.220   9.304   1.00 16.98 ? 16   ILE C O   1 
ATOM   836  C CB  . ILE C 1 21 ? -14.946 1.218   6.958   1.00 14.79 ? 16   ILE C CB  1 
ATOM   837  C CG1 . ILE C 1 21 ? -15.566 1.381   5.565   1.00 16.43 ? 16   ILE C CG1 1 
ATOM   838  C CG2 . ILE C 1 21 ? -15.151 -0.196  7.493   1.00 16.34 ? 16   ILE C CG2 1 
ATOM   839  C CD1 . ILE C 1 21 ? -14.688 0.828   4.467   1.00 17.28 ? 16   ILE C CD1 1 
ATOM   840  N N   . THR C 1 22 ? -17.882 2.410   7.541   1.00 15.53 ? 17   THR C N   1 
ATOM   841  C CA  . THR C 1 22 ? -19.285 2.076   7.757   1.00 14.96 ? 17   THR C CA  1 
ATOM   842  C C   . THR C 1 22 ? -19.585 0.665   7.270   1.00 17.50 ? 17   THR C C   1 
ATOM   843  O O   . THR C 1 22 ? -18.935 0.161   6.349   1.00 17.09 ? 17   THR C O   1 
ATOM   844  C CB  . THR C 1 22 ? -20.216 3.057   7.010   1.00 21.49 ? 17   THR C CB  1 
ATOM   845  O OG1 . THR C 1 22 ? -20.050 2.887   5.593   1.00 23.29 ? 17   THR C OG1 1 
ATOM   846  C CG2 . THR C 1 22 ? -19.898 4.487   7.387   1.00 23.62 ? 17   THR C CG2 1 
ATOM   847  N N   . ASP C 1 23 ? -20.576 0.028   7.880   1.00 16.34 ? 18   ASP C N   1 
ATOM   848  C CA  . ASP C 1 23 ? -20.967 -1.319  7.487   1.00 14.14 ? 18   ASP C CA  1 
ATOM   849  C C   . ASP C 1 23 ? -21.271 -1.423  6.001   1.00 18.46 ? 18   ASP C C   1 
ATOM   850  O O   . ASP C 1 23 ? -20.880 -2.393  5.353   1.00 18.83 ? 18   ASP C O   1 
ATOM   851  C CB  . ASP C 1 23 ? -22.185 -1.776  8.287   1.00 17.24 ? 18   ASP C CB  1 
ATOM   852  C CG  . ASP C 1 23 ? -21.818 -2.291  9.660   1.00 23.92 ? 18   ASP C CG  1 
ATOM   853  O OD1 . ASP C 1 23 ? -20.630 -2.182  10.050  1.00 23.30 ? 18   ASP C OD1 1 
ATOM   854  O OD2 . ASP C 1 23 ? -22.723 -2.810  10.350  1.00 19.88 ? 18   ASP C OD2 1 
ATOM   855  N N   . LYS C 1 24 ? -21.982 -0.433  5.462   1.00 15.10 ? 19   LYS C N   1 
ATOM   856  C CA  . LYS C 1 24 ? -22.407 -0.484  4.064   1.00 17.66 ? 19   LYS C CA  1 
ATOM   857  C C   . LYS C 1 24 ? -21.214 -0.505  3.114   1.00 16.75 ? 19   LYS C C   1 
ATOM   858  O O   . LYS C 1 24 ? -21.166 -1.305  2.180   1.00 15.38 ? 19   LYS C O   1 
ATOM   859  C CB  . LYS C 1 24 ? -23.321 0.699   3.720   1.00 19.55 ? 19   LYS C CB  1 
ATOM   860  C CG  . LYS C 1 24 ? -23.656 0.791   2.235   1.00 28.03 ? 19   LYS C CG  1 
ATOM   861  C CD  . LYS C 1 24 ? -24.752 1.816   1.936   1.00 40.06 ? 19   LYS C CD  1 
ATOM   862  C CE  . LYS C 1 24 ? -25.128 1.796   0.452   1.00 40.05 ? 19   LYS C CE  1 
ATOM   863  N NZ  . LYS C 1 24 ? -26.418 2.501   0.181   1.00 42.24 ? 19   LYS C NZ  1 
ATOM   864  N N   . LEU C 1 25 ? -20.266 0.396   3.352   1.00 16.60 ? 20   LEU C N   1 
ATOM   865  C CA  . LEU C 1 25 ? -19.081 0.520   2.506   1.00 17.83 ? 20   LEU C CA  1 
ATOM   866  C C   . LEU C 1 25 ? -18.218 -0.725  2.651   1.00 14.67 ? 20   LEU C C   1 
ATOM   867  O O   . LEU C 1 25 ? -17.741 -1.295  1.663   1.00 13.06 ? 20   LEU C O   1 
ATOM   868  C CB  . LEU C 1 25 ? -18.295 1.768   2.907   1.00 16.39 ? 20   LEU C CB  1 
ATOM   869  C CG  . LEU C 1 25 ? -17.137 2.210   2.007   1.00 20.48 ? 20   LEU C CG  1 
ATOM   870  C CD1 . LEU C 1 25 ? -17.533 2.206   0.531   1.00 17.86 ? 20   LEU C CD1 1 
ATOM   871  C CD2 . LEU C 1 25 ? -16.650 3.588   2.425   1.00 16.02 ? 20   LEU C CD2 1 
ATOM   872  N N   . LYS C 1 26 ? -18.036 -1.160  3.892   1.00 12.75 ? 21   LYS C N   1 
ATOM   873  C CA  . LYS C 1 26 ? -17.330 -2.411  4.161   1.00 15.52 ? 21   LYS C CA  1 
ATOM   874  C C   . LYS C 1 26 ? -17.900 -3.575  3.362   1.00 13.83 ? 21   LYS C C   1 
ATOM   875  O O   . LYS C 1 26 ? -17.165 -4.276  2.662   1.00 13.91 ? 21   LYS C O   1 
ATOM   876  C CB  . LYS C 1 26 ? -17.364 -2.752  5.657   1.00 10.78 ? 21   LYS C CB  1 
ATOM   877  C CG  . LYS C 1 26 ? -16.740 -4.106  5.975   1.00 14.35 ? 21   LYS C CG  1 
ATOM   878  C CD  . LYS C 1 26 ? -16.731 -4.409  7.469   1.00 17.20 ? 21   LYS C CD  1 
ATOM   879  C CE  . LYS C 1 26 ? -18.120 -4.795  7.971   1.00 17.07 ? 21   LYS C CE  1 
ATOM   880  N NZ  . LYS C 1 26 ? -18.072 -5.175  9.407   1.00 19.74 ? 21   LYS C NZ  1 
ATOM   881  N N   . GLU C 1 27 ? -19.210 -3.793  3.473   1.00 14.81 ? 22   GLU C N   1 
ATOM   882  C CA  . GLU C 1 27 ? -19.843 -4.906  2.777   1.00 18.43 ? 22   GLU C CA  1 
ATOM   883  C C   . GLU C 1 27 ? -19.592 -4.853  1.270   1.00 13.18 ? 22   GLU C C   1 
ATOM   884  O O   . GLU C 1 27 ? -19.322 -5.882  0.643   1.00 16.85 ? 22   GLU C O   1 
ATOM   885  C CB  . GLU C 1 27 ? -21.344 -4.959  3.069   1.00 20.77 ? 22   GLU C CB  1 
ATOM   886  C CG  . GLU C 1 27 ? -22.099 -6.030  2.277   1.00 28.42 ? 22   GLU C CG  1 
ATOM   887  C CD  . GLU C 1 27 ? -21.593 -7.442  2.539   1.00 31.49 ? 22   GLU C CD  1 
ATOM   888  O OE1 . GLU C 1 27 ? -20.930 -7.661  3.576   1.00 34.94 ? 22   GLU C OE1 1 
ATOM   889  O OE2 . GLU C 1 27 ? -21.861 -8.339  1.706   1.00 40.88 ? 22   GLU C OE2 1 
ATOM   890  N N   . ASP C 1 28 ? -19.659 -3.656  0.691   1.00 13.75 ? 23   ASP C N   1 
ATOM   891  C CA  . ASP C 1 28 ? -19.424 -3.508  -0.745  1.00 12.98 ? 23   ASP C CA  1 
ATOM   892  C C   . ASP C 1 28 ? -17.965 -3.793  -1.131  1.00 12.60 ? 23   ASP C C   1 
ATOM   893  O O   . ASP C 1 28 ? -17.698 -4.463  -2.129  1.00 13.60 ? 23   ASP C O   1 
ATOM   894  C CB  . ASP C 1 28 ? -19.849 -2.119  -1.237  1.00 14.99 ? 23   ASP C CB  1 
ATOM   895  C CG  . ASP C 1 28 ? -20.132 -2.096  -2.733  1.00 20.08 ? 23   ASP C CG  1 
ATOM   896  O OD1 . ASP C 1 28 ? -20.429 -3.169  -3.294  1.00 23.82 ? 23   ASP C OD1 1 
ATOM   897  O OD2 . ASP C 1 28 ? -20.069 -1.012  -3.345  1.00 20.17 ? 23   ASP C OD2 1 
ATOM   898  N N   . ILE C 1 29 ? -17.022 -3.285  -0.349  1.00 12.69 ? 24   ILE C N   1 
ATOM   899  C CA  . ILE C 1 29 ? -15.618 -3.602  -0.588  1.00 10.66 ? 24   ILE C CA  1 
ATOM   900  C C   . ILE C 1 29 ? -15.382 -5.122  -0.542  1.00 12.02 ? 24   ILE C C   1 
ATOM   901  O O   . ILE C 1 29 ? -14.702 -5.679  -1.411  1.00 12.36 ? 24   ILE C O   1 
ATOM   902  C CB  . ILE C 1 29 ? -14.694 -2.857  0.403   1.00 13.65 ? 24   ILE C CB  1 
ATOM   903  C CG1 . ILE C 1 29 ? -14.704 -1.352  0.083   1.00 12.63 ? 24   ILE C CG1 1 
ATOM   904  C CG2 . ILE C 1 29 ? -13.258 -3.411  0.347   1.00 9.78  ? 24   ILE C CG2 1 
ATOM   905  C CD1 . ILE C 1 29 ? -14.095 -0.470  1.172   1.00 11.97 ? 24   ILE C CD1 1 
ATOM   906  N N   . LEU C 1 30 ? -15.942 -5.790  0.468   1.00 12.61 ? 25   LEU C N   1 
ATOM   907  C CA  . LEU C 1 30 ? -15.818 -7.247  0.587   1.00 12.73 ? 25   LEU C CA  1 
ATOM   908  C C   . LEU C 1 30 ? -16.424 -7.971  -0.619  1.00 13.95 ? 25   LEU C C   1 
ATOM   909  O O   . LEU C 1 30 ? -15.876 -8.957  -1.109  1.00 17.47 ? 25   LEU C O   1 
ATOM   910  C CB  . LEU C 1 30 ? -16.486 -7.752  1.871   1.00 11.78 ? 25   LEU C CB  1 
ATOM   911  C CG  . LEU C 1 30 ? -15.819 -7.306  3.171   1.00 16.69 ? 25   LEU C CG  1 
ATOM   912  C CD1 . LEU C 1 30 ? -16.590 -7.812  4.392   1.00 16.21 ? 25   LEU C CD1 1 
ATOM   913  C CD2 . LEU C 1 30 ? -14.378 -7.792  3.206   1.00 18.78 ? 25   LEU C CD2 1 
ATOM   914  N N   . THR C 1 31 ? -17.574 -7.490  -1.073  1.00 13.07 ? 26   THR C N   1 
ATOM   915  C CA  . THR C 1 31 ? -18.280 -8.107  -2.188  1.00 17.50 ? 26   THR C CA  1 
ATOM   916  C C   . THR C 1 31 ? -17.481 -7.951  -3.480  1.00 16.61 ? 26   THR C C   1 
ATOM   917  O O   . THR C 1 31 ? -17.284 -8.914  -4.222  1.00 15.22 ? 26   THR C O   1 
ATOM   918  C CB  . THR C 1 31 ? -19.693 -7.523  -2.354  1.00 21.00 ? 26   THR C CB  1 
ATOM   919  O OG1 . THR C 1 31 ? -20.478 -7.854  -1.199  1.00 19.64 ? 26   THR C OG1 1 
ATOM   920  C CG2 . THR C 1 31 ? -20.365 -8.098  -3.596  1.00 19.80 ? 26   THR C CG2 1 
ATOM   921  N N   . ILE C 1 32 ? -17.013 -6.736  -3.726  1.00 12.96 ? 27   ILE C N   1 
ATOM   922  C CA  . ILE C 1 32 ? -16.182 -6.446  -4.889  1.00 14.27 ? 27   ILE C CA  1 
ATOM   923  C C   . ILE C 1 32 ? -14.899 -7.283  -4.848  1.00 13.41 ? 27   ILE C C   1 
ATOM   924  O O   . ILE C 1 32 ? -14.455 -7.819  -5.871  1.00 13.21 ? 27   ILE C O   1 
ATOM   925  C CB  . ILE C 1 32 ? -15.830 -4.938  -4.950  1.00 11.12 ? 27   ILE C CB  1 
ATOM   926  C CG1 . ILE C 1 32 ? -17.055 -4.120  -5.367  1.00 14.83 ? 27   ILE C CG1 1 
ATOM   927  C CG2 . ILE C 1 32 ? -14.684 -4.678  -5.920  1.00 12.26 ? 27   ILE C CG2 1 
ATOM   928  C CD1 . ILE C 1 32 ? -16.935 -2.634  -5.058  1.00 15.57 ? 27   ILE C CD1 1 
ATOM   929  N N   . SER C 1 33 ? -14.313 -7.404  -3.660  1.00 9.62  ? 28   SER C N   1 
ATOM   930  C CA  . SER C 1 33 ? -13.067 -8.158  -3.513  1.00 14.75 ? 28   SER C CA  1 
ATOM   931  C C   . SER C 1 33 ? -13.272 -9.648  -3.778  1.00 14.99 ? 28   SER C C   1 
ATOM   932  O O   . SER C 1 33 ? -12.452 -10.291 -4.445  1.00 11.92 ? 28   SER C O   1 
ATOM   933  C CB  . SER C 1 33 ? -12.449 -7.919  -2.132  1.00 11.69 ? 28   SER C CB  1 
ATOM   934  O OG  . SER C 1 33 ? -12.055 -6.565  -2.011  1.00 11.17 ? 28   SER C OG  1 
ATOM   935  N N   . LYS C 1 34 ? -14.371 -10.190 -3.261  1.00 15.33 ? 29   LYS C N   1 
ATOM   936  C CA  . LYS C 1 34 ? -14.725 -11.591 -3.510  1.00 16.85 ? 29   LYS C CA  1 
ATOM   937  C C   . LYS C 1 34 ? -14.979 -11.850 -4.999  1.00 16.12 ? 29   LYS C C   1 
ATOM   938  O O   . LYS C 1 34 ? -14.566 -12.878 -5.536  1.00 17.77 ? 29   LYS C O   1 
ATOM   939  C CB  . LYS C 1 34 ? -15.945 -11.999 -2.675  1.00 19.45 ? 29   LYS C CB  1 
ATOM   940  C CG  . LYS C 1 34 ? -15.703 -11.874 -1.167  1.00 24.54 ? 29   LYS C CG  1 
ATOM   941  C CD  . LYS C 1 34 ? -16.842 -12.450 -0.333  1.00 36.44 ? 29   LYS C CD  1 
ATOM   942  C CE  . LYS C 1 34 ? -16.827 -13.971 -0.385  1.00 47.07 ? 29   LYS C CE  1 
ATOM   943  N NZ  . LYS C 1 34 ? -15.536 -14.532 0.125   1.00 43.90 ? 29   LYS C NZ  1 
ATOM   944  N N   . ASP C 1 35 ? -15.642 -10.907 -5.664  1.00 16.15 ? 30   ASP C N   1 
ATOM   945  C CA  . ASP C 1 35 ? -15.909 -11.026 -7.093  1.00 19.47 ? 30   ASP C CA  1 
ATOM   946  C C   . ASP C 1 35 ? -14.608 -11.036 -7.872  1.00 18.49 ? 30   ASP C C   1 
ATOM   947  O O   . ASP C 1 35 ? -14.465 -11.784 -8.842  1.00 17.68 ? 30   ASP C O   1 
ATOM   948  C CB  . ASP C 1 35 ? -16.797 -9.872  -7.584  1.00 19.78 ? 30   ASP C CB  1 
ATOM   949  C CG  . ASP C 1 35 ? -16.947 -9.848  -9.106  1.00 30.18 ? 30   ASP C CG  1 
ATOM   950  O OD1 . ASP C 1 35 ? -17.615 -10.749 -9.661  1.00 34.64 ? 30   ASP C OD1 1 
ATOM   951  O OD2 . ASP C 1 35 ? -16.403 -8.926  -9.752  1.00 28.62 ? 30   ASP C OD2 1 
ATOM   952  N N   . ALA C 1 36 ? -13.670 -10.188 -7.453  1.00 14.19 ? 31   ALA C N   1 
ATOM   953  C CA  . ALA C 1 36 ? -12.351 -10.122 -8.076  1.00 12.77 ? 31   ALA C CA  1 
ATOM   954  C C   . ALA C 1 36 ? -11.656 -11.481 -8.013  1.00 14.50 ? 31   ALA C C   1 
ATOM   955  O O   . ALA C 1 36 ? -11.006 -11.897 -8.970  1.00 13.86 ? 31   ALA C O   1 
ATOM   956  C CB  . ALA C 1 36 ? -11.487 -9.053  -7.409  1.00 11.76 ? 31   ALA C CB  1 
ATOM   957  N N   . LEU C 1 37 ? -11.799 -12.170 -6.884  1.00 13.16 ? 32   LEU C N   1 
ATOM   958  C CA  . LEU C 1 37 ? -11.142 -13.464 -6.693  1.00 14.15 ? 32   LEU C CA  1 
ATOM   959  C C   . LEU C 1 37 ? -11.714 -14.580 -7.557  1.00 13.74 ? 32   LEU C C   1 
ATOM   960  O O   . LEU C 1 37 ? -11.036 -15.590 -7.791  1.00 15.15 ? 32   LEU C O   1 
ATOM   961  C CB  . LEU C 1 37 ? -11.164 -13.876 -5.213  1.00 14.13 ? 32   LEU C CB  1 
ATOM   962  C CG  . LEU C 1 37 ? -10.316 -12.979 -4.306  1.00 14.29 ? 32   LEU C CG  1 
ATOM   963  C CD1 . LEU C 1 37 ? -10.529 -13.318 -2.843  1.00 16.53 ? 32   LEU C CD1 1 
ATOM   964  C CD2 . LEU C 1 37 ? -8.835  -13.097 -4.685  1.00 12.82 ? 32   LEU C CD2 1 
ATOM   965  N N   . ASP C 1 38 ? -12.951 -14.415 -8.026  1.00 14.12 ? 33   ASP C N   1 
ATOM   966  C CA  . ASP C 1 38 ? -13.545 -15.384 -8.949  1.00 13.87 ? 33   ASP C CA  1 
ATOM   967  C C   . ASP C 1 38 ? -12.980 -15.256 -10.371 1.00 18.36 ? 33   ASP C C   1 
ATOM   968  O O   . ASP C 1 38 ? -13.179 -16.147 -11.205 1.00 20.49 ? 33   ASP C O   1 
ATOM   969  C CB  . ASP C 1 38 ? -15.071 -15.219 -9.029  1.00 18.51 ? 33   ASP C CB  1 
ATOM   970  C CG  . ASP C 1 38 ? -15.782 -15.667 -7.765  1.00 24.48 ? 33   ASP C CG  1 
ATOM   971  O OD1 . ASP C 1 38 ? -15.247 -16.542 -7.048  1.00 23.31 ? 33   ASP C OD1 1 
ATOM   972  O OD2 . ASP C 1 38 ? -16.885 -15.143 -7.494  1.00 29.25 ? 33   ASP C OD2 1 
ATOM   973  N N   . LYS C 1 39 ? -12.306 -14.139 -10.647 1.00 12.44 ? 34   LYS C N   1 
ATOM   974  C CA  . LYS C 1 39 ? -11.873 -13.793 -12.006 1.00 15.90 ? 34   LYS C CA  1 
ATOM   975  C C   . LYS C 1 39 ? -10.357 -13.689 -12.154 1.00 13.29 ? 34   LYS C C   1 
ATOM   976  O O   . LYS C 1 39 ? -9.821  -13.959 -13.227 1.00 12.93 ? 34   LYS C O   1 
ATOM   977  C CB  . LYS C 1 39 ? -12.485 -12.455 -12.442 1.00 15.47 ? 34   LYS C CB  1 
ATOM   978  C CG  . LYS C 1 39 ? -13.987 -12.482 -12.741 1.00 11.53 ? 34   LYS C CG  1 
ATOM   979  C CD  . LYS C 1 39 ? -14.469 -11.078 -13.069 1.00 22.76 ? 34   LYS C CD  1 
ATOM   980  C CE  . LYS C 1 39 ? -15.921 -11.080 -13.521 1.00 33.34 ? 34   LYS C CE  1 
ATOM   981  N NZ  . LYS C 1 39 ? -16.834 -11.266 -12.360 1.00 46.98 ? 34   LYS C NZ  1 
ATOM   982  N N   . TYR C 1 40 ? -9.677  -13.294 -11.075 1.00 12.47 ? 35   TYR C N   1 
ATOM   983  C CA  . TYR C 1 40 ? -8.242  -12.973 -11.095 1.00 11.61 ? 35   TYR C CA  1 
ATOM   984  C C   . TYR C 1 40 ? -7.468  -13.690 -10.003 1.00 11.45 ? 35   TYR C C   1 
ATOM   985  O O   . TYR C 1 40 ? -7.955  -13.842 -8.891  1.00 15.31 ? 35   TYR C O   1 
ATOM   986  C CB  . TYR C 1 40 ? -8.035  -11.461 -10.947 1.00 11.31 ? 35   TYR C CB  1 
ATOM   987  C CG  . TYR C 1 40 ? -8.837  -10.711 -11.969 1.00 12.83 ? 35   TYR C CG  1 
ATOM   988  C CD1 . TYR C 1 40 ? -8.603  -10.903 -13.323 1.00 9.50  ? 35   TYR C CD1 1 
ATOM   989  C CD2 . TYR C 1 40 ? -9.867  -9.857  -11.589 1.00 11.58 ? 35   TYR C CD2 1 
ATOM   990  C CE1 . TYR C 1 40 ? -9.368  -10.252 -14.277 1.00 11.33 ? 35   TYR C CE1 1 
ATOM   991  C CE2 . TYR C 1 40 ? -10.627 -9.197  -12.531 1.00 11.88 ? 35   TYR C CE2 1 
ATOM   992  C CZ  . TYR C 1 40 ? -10.380 -9.406  -13.873 1.00 13.07 ? 35   TYR C CZ  1 
ATOM   993  O OH  . TYR C 1 40 ? -11.147 -8.762  -14.825 1.00 14.53 ? 35   TYR C OH  1 
ATOM   994  N N   . GLN C 1 41 ? -6.252  -14.112 -10.328 1.00 11.61 ? 36   GLN C N   1 
ATOM   995  C CA  . GLN C 1 41 ? -5.379  -14.776 -9.375  1.00 12.14 ? 36   GLN C CA  1 
ATOM   996  C C   . GLN C 1 41 ? -4.151  -13.928 -9.025  1.00 11.46 ? 36   GLN C C   1 
ATOM   997  O O   . GLN C 1 41 ? -3.641  -13.996 -7.911  1.00 14.31 ? 36   GLN C O   1 
ATOM   998  C CB  . GLN C 1 41 ? -4.938  -16.148 -9.910  1.00 13.91 ? 36   GLN C CB  1 
ATOM   999  C CG  . GLN C 1 41 ? -6.097  -17.114 -10.199 1.00 14.83 ? 36   GLN C CG  1 
ATOM   1000 C CD  . GLN C 1 41 ? -6.882  -16.723 -11.430 1.00 15.60 ? 36   GLN C CD  1 
ATOM   1001 O OE1 . GLN C 1 41 ? -6.305  -16.292 -12.433 1.00 18.13 ? 36   GLN C OE1 1 
ATOM   1002 N NE2 . GLN C 1 41 ? -8.209  -16.862 -11.364 1.00 15.38 ? 36   GLN C NE2 1 
ATOM   1003 N N   . LEU C 1 42 ? -3.668  -13.146 -9.986  1.00 10.20 ? 37   LEU C N   1 
ATOM   1004 C CA  . LEU C 1 42 ? -2.494  -12.308 -9.772  1.00 8.38  ? 37   LEU C CA  1 
ATOM   1005 C C   . LEU C 1 42 ? -2.858  -11.178 -8.814  1.00 9.49  ? 37   LEU C C   1 
ATOM   1006 O O   . LEU C 1 42 ? -3.870  -10.506 -8.998  1.00 8.58  ? 37   LEU C O   1 
ATOM   1007 C CB  . LEU C 1 42 ? -1.984  -11.729 -11.097 1.00 10.59 ? 37   LEU C CB  1 
ATOM   1008 C CG  . LEU C 1 42 ? -0.647  -10.978 -11.058 1.00 13.02 ? 37   LEU C CG  1 
ATOM   1009 C CD1 . LEU C 1 42 ? 0.536   -11.932 -10.815 1.00 13.31 ? 37   LEU C CD1 1 
ATOM   1010 C CD2 . LEU C 1 42 ? -0.432  -10.186 -12.352 1.00 16.40 ? 37   LEU C CD2 1 
ATOM   1011 N N   . GLU C 1 43 ? -2.036  -10.969 -7.790  1.00 9.74  ? 38   GLU C N   1 
ATOM   1012 C CA  . GLU C 1 43 ? -2.348  -9.981  -6.760  1.00 10.53 ? 38   GLU C CA  1 
ATOM   1013 C C   . GLU C 1 43 ? -2.543  -8.582  -7.351  1.00 9.76  ? 38   GLU C C   1 
ATOM   1014 O O   . GLU C 1 43 ? -3.456  -7.860  -6.958  1.00 10.71 ? 38   GLU C O   1 
ATOM   1015 C CB  . GLU C 1 43 ? -1.268  -9.985  -5.664  1.00 9.39  ? 38   GLU C CB  1 
ATOM   1016 C CG  . GLU C 1 43 ? -1.376  -11.193 -4.729  1.00 10.39 ? 38   GLU C CG  1 
ATOM   1017 C CD  . GLU C 1 43 ? -0.073  -11.509 -3.998  1.00 20.65 ? 38   GLU C CD  1 
ATOM   1018 O OE1 . GLU C 1 43 ? 0.960   -10.870 -4.304  1.00 16.13 ? 38   GLU C OE1 1 
ATOM   1019 O OE2 . GLU C 1 43 ? -0.079  -12.397 -3.111  1.00 20.29 ? 38   GLU C OE2 1 
ATOM   1020 N N   . ARG C 1 44 ? -1.697  -8.203  -8.302  1.00 8.20  ? 39   ARG C N   1 
ATOM   1021 C CA  . ARG C 1 44 ? -1.830  -6.900  -8.961  1.00 8.03  ? 39   ARG C CA  1 
ATOM   1022 C C   . ARG C 1 44 ? -3.160  -6.749  -9.716  1.00 9.59  ? 39   ARG C C   1 
ATOM   1023 O O   . ARG C 1 44 ? -3.741  -5.655  -9.741  1.00 8.26  ? 39   ARG C O   1 
ATOM   1024 C CB  . ARG C 1 44 ? -0.659  -6.650  -9.930  1.00 10.97 ? 39   ARG C CB  1 
ATOM   1025 C CG  . ARG C 1 44 ? -0.713  -5.282  -10.597 1.00 15.88 ? 39   ARG C CG  1 
ATOM   1026 C CD  . ARG C 1 44 ? 0.395   -5.102  -11.628 1.00 20.49 ? 39   ARG C CD  1 
ATOM   1027 N NE  . ARG C 1 44 ? 0.226   -6.005  -12.757 1.00 20.60 ? 39   ARG C NE  1 
ATOM   1028 C CZ  . ARG C 1 44 ? 1.209   -6.715  -13.309 1.00 29.26 ? 39   ARG C CZ  1 
ATOM   1029 N NH1 . ARG C 1 44 ? 0.957   -7.516  -14.344 1.00 29.95 ? 39   ARG C NH1 1 
ATOM   1030 N NH2 . ARG C 1 44 ? 2.448   -6.630  -12.831 1.00 33.45 ? 39   ARG C NH2 1 
ATOM   1031 N N   . ASP C 1 45 ? -3.617  -7.826  -10.359 1.00 11.28 ? 40   ASP C N   1 
ATOM   1032 C CA  . ASP C 1 45 ? -4.887  -7.808  -11.086 1.00 10.87 ? 40   ASP C CA  1 
ATOM   1033 C C   . ASP C 1 45 ? -6.030  -7.590  -10.101 1.00 9.14  ? 40   ASP C C   1 
ATOM   1034 O O   . ASP C 1 45 ? -6.913  -6.769  -10.335 1.00 9.36  ? 40   ASP C O   1 
ATOM   1035 C CB  . ASP C 1 45 ? -5.139  -9.122  -11.846 1.00 10.63 ? 40   ASP C CB  1 
ATOM   1036 C CG  . ASP C 1 45 ? -4.203  -9.323  -13.027 1.00 12.38 ? 40   ASP C CG  1 
ATOM   1037 O OD1 . ASP C 1 45 ? -3.574  -8.347  -13.478 1.00 14.99 ? 40   ASP C OD1 1 
ATOM   1038 O OD2 . ASP C 1 45 ? -4.108  -10.475 -13.509 1.00 12.95 ? 40   ASP C OD2 1 
ATOM   1039 N N   . ILE C 1 46 ? -6.013  -8.348  -9.010  1.00 8.90  ? 41   ILE C N   1 
ATOM   1040 C CA  . ILE C 1 46 ? -7.041  -8.237  -7.971  1.00 10.25 ? 41   ILE C CA  1 
ATOM   1041 C C   . ILE C 1 46 ? -7.072  -6.813  -7.387  1.00 9.14  ? 41   ILE C C   1 
ATOM   1042 O O   . ILE C 1 46 ? -8.131  -6.206  -7.251  1.00 8.53  ? 41   ILE C O   1 
ATOM   1043 C CB  . ILE C 1 46 ? -6.793  -9.245  -6.832  1.00 8.46  ? 41   ILE C CB  1 
ATOM   1044 C CG1 . ILE C 1 46 ? -6.878  -10.680 -7.365  1.00 9.66  ? 41   ILE C CG1 1 
ATOM   1045 C CG2 . ILE C 1 46 ? -7.793  -9.008  -5.687  1.00 8.51  ? 41   ILE C CG2 1 
ATOM   1046 C CD1 . ILE C 1 46 ? -6.215  -11.711 -6.474  1.00 11.55 ? 41   ILE C CD1 1 
ATOM   1047 N N   . ALA C 1 47 ? -5.900  -6.278  -7.073  1.00 6.80  ? 42   ALA C N   1 
ATOM   1048 C CA  . ALA C 1 47 ? -5.809  -4.939  -6.485  1.00 8.65  ? 42   ALA C CA  1 
ATOM   1049 C C   . ALA C 1 47 ? -6.307  -3.878  -7.453  1.00 10.59 ? 42   ALA C C   1 
ATOM   1050 O O   . ALA C 1 47 ? -7.021  -2.948  -7.065  1.00 7.65  ? 42   ALA C O   1 
ATOM   1051 C CB  . ALA C 1 47 ? -4.370  -4.637  -6.067  1.00 7.12  ? 42   ALA C CB  1 
ATOM   1052 N N   . GLY C 1 48 ? -5.919  -4.004  -8.717  1.00 8.17  ? 43   GLY C N   1 
ATOM   1053 C CA  . GLY C 1 48 ? -6.308  -3.016  -9.711  1.00 8.53  ? 43   GLY C CA  1 
ATOM   1054 C C   . GLY C 1 48 ? -7.807  -2.961  -9.953  1.00 10.20 ? 43   GLY C C   1 
ATOM   1055 O O   . GLY C 1 48 ? -8.372  -1.878  -10.101 1.00 10.98 ? 43   GLY C O   1 
ATOM   1056 N N   . THR C 1 49 ? -8.469  -4.115  -10.000 1.00 8.80  ? 44   THR C N   1 
ATOM   1057 C CA  . THR C 1 49 ? -9.901  -4.086  -10.277 1.00 11.45 ? 44   THR C CA  1 
ATOM   1058 C C   . THR C 1 49 ? -10.692 -3.538  -9.087  1.00 11.74 ? 44   THR C C   1 
ATOM   1059 O O   . THR C 1 49 ? -11.660 -2.808  -9.267  1.00 11.28 ? 44   THR C O   1 
ATOM   1060 C CB  . THR C 1 49 ? -10.479 -5.436  -10.756 1.00 15.13 ? 44   THR C CB  1 
ATOM   1061 O OG1 . THR C 1 49 ? -11.798 -5.217  -11.263 1.00 16.19 ? 44   THR C OG1 1 
ATOM   1062 C CG2 . THR C 1 49 ? -10.559 -6.453  -9.620  1.00 10.47 ? 44   THR C CG2 1 
ATOM   1063 N N   . VAL C 1 50 ? -10.270 -3.875  -7.875  1.00 7.53  ? 45   VAL C N   1 
ATOM   1064 C CA  . VAL C 1 50 ? -10.919 -3.309  -6.697  1.00 8.29  ? 45   VAL C CA  1 
ATOM   1065 C C   . VAL C 1 50 ? -10.705 -1.794  -6.649  1.00 8.33  ? 45   VAL C C   1 
ATOM   1066 O O   . VAL C 1 50 ? -11.651 -1.027  -6.473  1.00 10.45 ? 45   VAL C O   1 
ATOM   1067 C CB  . VAL C 1 50 ? -10.408 -3.975  -5.398  1.00 7.40  ? 45   VAL C CB  1 
ATOM   1068 C CG1 . VAL C 1 50 ? -11.016 -3.295  -4.180  1.00 9.19  ? 45   VAL C CG1 1 
ATOM   1069 C CG2 . VAL C 1 50 ? -10.772 -5.453  -5.407  1.00 11.29 ? 45   VAL C CG2 1 
ATOM   1070 N N   . LYS C 1 51 ? -9.459  -1.358  -6.804  1.00 8.17  ? 46   LYS C N   1 
ATOM   1071 C CA  . LYS C 1 51 ? -9.154  0.078   -6.753  1.00 8.86  ? 46   LYS C CA  1 
ATOM   1072 C C   . LYS C 1 51 ? -9.993  0.849   -7.761  1.00 9.50  ? 46   LYS C C   1 
ATOM   1073 O O   . LYS C 1 51 ? -10.643 1.836   -7.423  1.00 10.01 ? 46   LYS C O   1 
ATOM   1074 C CB  . LYS C 1 51 ? -7.661  0.324   -7.022  1.00 8.79  ? 46   LYS C CB  1 
ATOM   1075 C CG  . LYS C 1 51 ? -7.211  1.787   -6.968  1.00 10.60 ? 46   LYS C CG  1 
ATOM   1076 C CD  . LYS C 1 51 ? -7.286  2.466   -8.341  1.00 12.03 ? 46   LYS C CD  1 
ATOM   1077 C CE  . LYS C 1 51 ? -6.389  3.708   -8.390  1.00 10.39 ? 46   LYS C CE  1 
ATOM   1078 N NZ  . LYS C 1 51 ? -6.866  4.776   -7.465  1.00 9.81  ? 46   LYS C NZ  1 
ATOM   1079 N N   . LYS C 1 52 ? -9.996  0.387   -9.005  1.00 9.46  ? 47   LYS C N   1 
ATOM   1080 C CA  . LYS C 1 52 ? -10.714 1.109   -10.049 1.00 12.30 ? 47   LYS C CA  1 
ATOM   1081 C C   . LYS C 1 52 ? -12.218 1.144   -9.800  1.00 11.61 ? 47   LYS C C   1 
ATOM   1082 O O   . LYS C 1 52 ? -12.845 2.185   -9.959  1.00 14.03 ? 47   LYS C O   1 
ATOM   1083 C CB  . LYS C 1 52 ? -10.375 0.545   -11.429 1.00 14.35 ? 47   LYS C CB  1 
ATOM   1084 C CG  . LYS C 1 52 ? -8.905  0.753   -11.810 1.00 16.23 ? 47   LYS C CG  1 
ATOM   1085 C CD  . LYS C 1 52 ? -8.498  -0.102  -13.013 1.00 23.06 ? 47   LYS C CD  1 
ATOM   1086 C CE  . LYS C 1 52 ? -7.071  0.208   -13.450 1.00 24.76 ? 47   LYS C CE  1 
ATOM   1087 N NZ  . LYS C 1 52 ? -6.565  -0.790  -14.436 1.00 29.79 ? 47   LYS C NZ  1 
ATOM   1088 N N   . GLN C 1 53 ? -12.807 0.024   -9.398  1.00 12.33 ? 48   GLN C N   1 
ATOM   1089 C CA  . GLN C 1 53 ? -14.240 0.021   -9.100  1.00 15.27 ? 48   GLN C CA  1 
ATOM   1090 C C   . GLN C 1 53 ? -14.623 0.989   -7.981  1.00 14.59 ? 48   GLN C C   1 
ATOM   1091 O O   . GLN C 1 53 ? -15.666 1.640   -8.045  1.00 14.42 ? 48   GLN C O   1 
ATOM   1092 C CB  . GLN C 1 53 ? -14.735 -1.382  -8.751  1.00 12.67 ? 48   GLN C CB  1 
ATOM   1093 C CG  . GLN C 1 53 ? -14.883 -2.303  -9.944  1.00 13.52 ? 48   GLN C CG  1 
ATOM   1094 C CD  . GLN C 1 53 ? -15.265 -3.707  -9.531  1.00 15.37 ? 48   GLN C CD  1 
ATOM   1095 O OE1 . GLN C 1 53 ? -16.388 -3.948  -9.083  1.00 17.06 ? 48   GLN C OE1 1 
ATOM   1096 N NE2 . GLN C 1 53 ? -14.333 -4.646  -9.676  1.00 18.50 ? 48   GLN C NE2 1 
ATOM   1097 N N   . LEU C 1 54 ? -13.794 1.069   -6.944  1.00 11.51 ? 49   LEU C N   1 
ATOM   1098 C CA  . LEU C 1 54 ? -14.069 1.981   -5.835  1.00 10.89 ? 49   LEU C CA  1 
ATOM   1099 C C   . LEU C 1 54 ? -13.901 3.453   -6.246  1.00 11.44 ? 49   LEU C C   1 
ATOM   1100 O O   . LEU C 1 54 ? -14.654 4.315   -5.801  1.00 13.23 ? 49   LEU C O   1 
ATOM   1101 C CB  . LEU C 1 54 ? -13.185 1.653   -4.632  1.00 8.50  ? 49   LEU C CB  1 
ATOM   1102 C CG  . LEU C 1 54 ? -13.421 0.271   -4.010  1.00 9.06  ? 49   LEU C CG  1 
ATOM   1103 C CD1 . LEU C 1 54 ? -12.396 0.038   -2.904  1.00 10.75 ? 49   LEU C CD1 1 
ATOM   1104 C CD2 . LEU C 1 54 ? -14.859 0.126   -3.467  1.00 11.89 ? 49   LEU C CD2 1 
ATOM   1105 N N   . ASP C 1 55 ? -12.909 3.741   -7.081  1.00 13.98 ? 50   ASP C N   1 
ATOM   1106 C CA  . ASP C 1 55 ? -12.757 5.090   -7.619  1.00 13.54 ? 50   ASP C CA  1 
ATOM   1107 C C   . ASP C 1 55 ? -14.029 5.508   -8.359  1.00 16.06 ? 50   ASP C C   1 
ATOM   1108 O O   . ASP C 1 55 ? -14.523 6.620   -8.194  1.00 17.26 ? 50   ASP C O   1 
ATOM   1109 C CB  . ASP C 1 55 ? -11.565 5.171   -8.575  1.00 13.75 ? 50   ASP C CB  1 
ATOM   1110 C CG  . ASP C 1 55 ? -10.260 5.456   -7.864  1.00 12.76 ? 50   ASP C CG  1 
ATOM   1111 O OD1 . ASP C 1 55 ? -10.269 5.680   -6.636  1.00 13.08 ? 50   ASP C OD1 1 
ATOM   1112 O OD2 . ASP C 1 55 ? -9.213  5.467   -8.548  1.00 12.38 ? 50   ASP C OD2 1 
ATOM   1113 N N   . VAL C 1 56 ? -14.552 4.612   -9.185  1.00 14.06 ? 51   VAL C N   1 
ATOM   1114 C CA  . VAL C 1 56 ? -15.767 4.901   -9.942  1.00 13.99 ? 51   VAL C CA  1 
ATOM   1115 C C   . VAL C 1 56 ? -16.987 5.087   -9.040  1.00 19.86 ? 51   VAL C C   1 
ATOM   1116 O O   . VAL C 1 56 ? -17.723 6.070   -9.169  1.00 18.05 ? 51   VAL C O   1 
ATOM   1117 C CB  . VAL C 1 56 ? -16.062 3.787   -10.963 1.00 16.90 ? 51   VAL C CB  1 
ATOM   1118 C CG1 . VAL C 1 56 ? -17.440 3.991   -11.591 1.00 18.54 ? 51   VAL C CG1 1 
ATOM   1119 C CG2 . VAL C 1 56 ? -14.968 3.745   -12.022 1.00 16.76 ? 51   VAL C CG2 1 
ATOM   1120 N N   . LYS C 1 57 ? -17.188 4.147   -8.121  1.00 15.89 ? 52   LYS C N   1 
ATOM   1121 C CA  . LYS C 1 57 ? -18.405 4.107   -7.316  1.00 16.10 ? 52   LYS C CA  1 
ATOM   1122 C C   . LYS C 1 57 ? -18.424 5.112   -6.159  1.00 22.14 ? 52   LYS C C   1 
ATOM   1123 O O   . LYS C 1 57 ? -19.470 5.689   -5.844  1.00 20.13 ? 52   LYS C O   1 
ATOM   1124 C CB  . LYS C 1 57 ? -18.650 2.684   -6.807  1.00 19.67 ? 52   LYS C CB  1 
ATOM   1125 C CG  . LYS C 1 57 ? -19.966 2.486   -6.059  1.00 24.17 ? 52   LYS C CG  1 
ATOM   1126 C CD  . LYS C 1 57 ? -20.309 1.009   -5.987  1.00 30.25 ? 52   LYS C CD  1 
ATOM   1127 C CE  . LYS C 1 57 ? -21.620 0.758   -5.257  1.00 29.19 ? 52   LYS C CE  1 
ATOM   1128 N NZ  . LYS C 1 57 ? -22.002 -0.677  -5.375  1.00 30.66 ? 52   LYS C NZ  1 
ATOM   1129 N N   . TYR C 1 58 ? -17.273 5.330   -5.532  1.00 18.96 ? 53   TYR C N   1 
ATOM   1130 C CA  . TYR C 1 58 ? -17.220 6.150   -4.318  1.00 20.75 ? 53   TYR C CA  1 
ATOM   1131 C C   . TYR C 1 58 ? -16.363 7.405   -4.430  1.00 19.69 ? 53   TYR C C   1 
ATOM   1132 O O   . TYR C 1 58 ? -16.200 8.140   -3.460  1.00 20.78 ? 53   TYR C O   1 
ATOM   1133 C CB  . TYR C 1 58 ? -16.762 5.297   -3.135  1.00 19.72 ? 53   TYR C CB  1 
ATOM   1134 C CG  . TYR C 1 58 ? -17.719 4.164   -2.851  1.00 21.39 ? 53   TYR C CG  1 
ATOM   1135 C CD1 . TYR C 1 58 ? -18.949 4.413   -2.266  1.00 23.64 ? 53   TYR C CD1 1 
ATOM   1136 C CD2 . TYR C 1 58 ? -17.402 2.851   -3.177  1.00 18.89 ? 53   TYR C CD2 1 
ATOM   1137 C CE1 . TYR C 1 58 ? -19.838 3.392   -2.008  1.00 25.29 ? 53   TYR C CE1 1 
ATOM   1138 C CE2 . TYR C 1 58 ? -18.286 1.822   -2.922  1.00 19.88 ? 53   TYR C CE2 1 
ATOM   1139 C CZ  . TYR C 1 58 ? -19.505 2.104   -2.333  1.00 21.89 ? 53   TYR C CZ  1 
ATOM   1140 O OH  . TYR C 1 58 ? -20.398 1.102   -2.072  1.00 21.50 ? 53   TYR C OH  1 
ATOM   1141 N N   . GLY C 1 59 ? -15.821 7.657   -5.615  1.00 18.89 ? 54   GLY C N   1 
ATOM   1142 C CA  . GLY C 1 59 ? -14.994 8.832   -5.820  1.00 17.38 ? 54   GLY C CA  1 
ATOM   1143 C C   . GLY C 1 59 ? -13.537 8.571   -5.487  1.00 20.59 ? 54   GLY C C   1 
ATOM   1144 O O   . GLY C 1 59 ? -13.218 7.644   -4.732  1.00 19.92 ? 54   GLY C O   1 
ATOM   1145 N N   . ASN C 1 60 ? -12.652 9.386   -6.055  1.00 21.56 ? 55   ASN C N   1 
ATOM   1146 C CA  . ASN C 1 60 ? -11.213 9.249   -5.840  1.00 16.59 ? 55   ASN C CA  1 
ATOM   1147 C C   . ASN C 1 60 ? -10.870 9.631   -4.398  1.00 19.06 ? 55   ASN C C   1 
ATOM   1148 O O   . ASN C 1 60 ? -11.636 10.346  -3.753  1.00 18.56 ? 55   ASN C O   1 
ATOM   1149 C CB  . ASN C 1 60 ? -10.459 10.124  -6.841  1.00 19.87 ? 55   ASN C CB  1 
ATOM   1150 C CG  . ASN C 1 60 ? -10.781 9.771   -8.294  1.00 24.84 ? 55   ASN C CG  1 
ATOM   1151 O OD1 . ASN C 1 60 ? -10.943 8.597   -8.649  1.00 20.91 ? 55   ASN C OD1 1 
ATOM   1152 N ND2 . ASN C 1 60 ? -10.863 10.789  -9.141  1.00 27.24 ? 55   ASN C ND2 1 
ATOM   1153 N N   . THR C 1 61 ? -9.753  9.149   -3.856  1.00 15.14 ? 56   THR C N   1 
ATOM   1154 C CA  . THR C 1 61 ? -8.775  8.318   -4.542  1.00 12.46 ? 56   THR C CA  1 
ATOM   1155 C C   . THR C 1 61 ? -8.508  7.097   -3.660  1.00 12.15 ? 56   THR C C   1 
ATOM   1156 O O   . THR C 1 61 ? -8.160  7.240   -2.487  1.00 11.57 ? 56   THR C O   1 
ATOM   1157 C CB  . THR C 1 61 ? -7.456  9.097   -4.703  1.00 15.36 ? 56   THR C CB  1 
ATOM   1158 O OG1 . THR C 1 61 ? -7.677  10.257  -5.515  1.00 14.86 ? 56   THR C OG1 1 
ATOM   1159 C CG2 . THR C 1 61 ? -6.384  8.242   -5.347  1.00 11.97 ? 56   THR C CG2 1 
ATOM   1160 N N   . TRP C 1 62 ? -8.665  5.907   -4.226  1.00 11.29 ? 57   TRP C N   1 
ATOM   1161 C CA  . TRP C 1 62 ? -8.495  4.673   -3.471  1.00 8.37  ? 57   TRP C CA  1 
ATOM   1162 C C   . TRP C 1 62 ? -7.169  3.981   -3.775  1.00 11.38 ? 57   TRP C C   1 
ATOM   1163 O O   . TRP C 1 62 ? -6.572  4.179   -4.836  1.00 10.91 ? 57   TRP C O   1 
ATOM   1164 C CB  . TRP C 1 62 ? -9.661  3.717   -3.742  1.00 10.39 ? 57   TRP C CB  1 
ATOM   1165 C CG  . TRP C 1 62 ? -10.970 4.210   -3.175  1.00 15.50 ? 57   TRP C CG  1 
ATOM   1166 C CD1 . TRP C 1 62 ? -11.838 5.100   -3.759  1.00 14.67 ? 57   TRP C CD1 1 
ATOM   1167 C CD2 . TRP C 1 62 ? -11.549 3.850   -1.914  1.00 11.72 ? 57   TRP C CD2 1 
ATOM   1168 N NE1 . TRP C 1 62 ? -12.922 5.300   -2.937  1.00 12.02 ? 57   TRP C NE1 1 
ATOM   1169 C CE2 . TRP C 1 62 ? -12.768 4.546   -1.801  1.00 14.28 ? 57   TRP C CE2 1 
ATOM   1170 C CE3 . TRP C 1 62 ? -11.155 2.998   -0.871  1.00 8.70  ? 57   TRP C CE3 1 
ATOM   1171 C CZ2 . TRP C 1 62 ? -13.596 4.423   -0.682  1.00 16.60 ? 57   TRP C CZ2 1 
ATOM   1172 C CZ3 . TRP C 1 62 ? -11.976 2.873   0.231   1.00 9.00  ? 57   TRP C CZ3 1 
ATOM   1173 C CH2 . TRP C 1 62 ? -13.184 3.579   0.319   1.00 12.65 ? 57   TRP C CH2 1 
ATOM   1174 N N   . HIS C 1 63 ? -6.717  3.162   -2.830  1.00 7.81  ? 58   HIS C N   1 
ATOM   1175 C CA  . HIS C 1 63 ? -5.448  2.465   -2.968  1.00 9.96  ? 58   HIS C CA  1 
ATOM   1176 C C   . HIS C 1 63 ? -5.649  1.068   -2.416  1.00 8.10  ? 58   HIS C C   1 
ATOM   1177 O O   . HIS C 1 63 ? -6.285  0.898   -1.374  1.00 8.77  ? 58   HIS C O   1 
ATOM   1178 C CB  . HIS C 1 63 ? -4.360  3.180   -2.171  1.00 9.89  ? 58   HIS C CB  1 
ATOM   1179 C CG  . HIS C 1 63 ? -4.312  4.654   -2.410  1.00 10.24 ? 58   HIS C CG  1 
ATOM   1180 N ND1 . HIS C 1 63 ? -3.519  5.230   -3.385  1.00 9.40  ? 58   HIS C ND1 1 
ATOM   1181 C CD2 . HIS C 1 63 ? -4.973  5.671   -1.810  1.00 9.02  ? 58   HIS C CD2 1 
ATOM   1182 C CE1 . HIS C 1 63 ? -3.692  6.541   -3.366  1.00 10.63 ? 58   HIS C CE1 1 
ATOM   1183 N NE2 . HIS C 1 63 ? -4.570  6.832   -2.422  1.00 8.24  ? 58   HIS C NE2 1 
ATOM   1184 N N   . VAL C 1 64 ? -5.118  0.068   -3.107  1.00 8.07  ? 59   VAL C N   1 
ATOM   1185 C CA  . VAL C 1 64 ? -5.372  -1.310  -2.715  1.00 6.88  ? 59   VAL C CA  1 
ATOM   1186 C C   . VAL C 1 64 ? -4.090  -2.114  -2.740  1.00 6.52  ? 59   VAL C C   1 
ATOM   1187 O O   . VAL C 1 64 ? -3.351  -2.069  -3.719  1.00 6.48  ? 59   VAL C O   1 
ATOM   1188 C CB  . VAL C 1 64 ? -6.406  -1.995  -3.633  1.00 8.27  ? 59   VAL C CB  1 
ATOM   1189 C CG1 . VAL C 1 64 ? -6.595  -3.455  -3.212  1.00 8.19  ? 59   VAL C CG1 1 
ATOM   1190 C CG2 . VAL C 1 64 ? -7.729  -1.240  -3.591  1.00 8.54  ? 59   VAL C CG2 1 
ATOM   1191 N N   . ILE C 1 65 ? -3.830  -2.834  -1.650  1.00 7.57  ? 60   ILE C N   1 
ATOM   1192 C CA  . ILE C 1 65 ? -2.689  -3.749  -1.564  1.00 10.23 ? 60   ILE C CA  1 
ATOM   1193 C C   . ILE C 1 65 ? -3.246  -5.151  -1.282  1.00 10.03 ? 60   ILE C C   1 
ATOM   1194 O O   . ILE C 1 65 ? -4.081  -5.308  -0.405  1.00 9.85  ? 60   ILE C O   1 
ATOM   1195 C CB  . ILE C 1 65 ? -1.689  -3.334  -0.442  1.00 8.38  ? 60   ILE C CB  1 
ATOM   1196 C CG1 . ILE C 1 65 ? -1.045  -1.980  -0.757  1.00 9.61  ? 60   ILE C CG1 1 
ATOM   1197 C CG2 . ILE C 1 65 ? -0.593  -4.390  -0.281  1.00 11.20 ? 60   ILE C CG2 1 
ATOM   1198 C CD1 . ILE C 1 65 ? -1.974  -0.792  -0.636  1.00 11.18 ? 60   ILE C CD1 1 
ATOM   1199 N N   . VAL C 1 66 ? -2.825  -6.151  -2.059  1.00 8.57  ? 61   VAL C N   1 
ATOM   1200 C CA  . VAL C 1 66 ? -3.279  -7.533  -1.866  1.00 9.00  ? 61   VAL C CA  1 
ATOM   1201 C C   . VAL C 1 66 ? -2.049  -8.426  -1.793  1.00 8.44  ? 61   VAL C C   1 
ATOM   1202 O O   . VAL C 1 66 ? -1.205  -8.398  -2.686  1.00 7.77  ? 61   VAL C O   1 
ATOM   1203 C CB  . VAL C 1 66 ? -4.173  -8.006  -3.040  1.00 8.57  ? 61   VAL C CB  1 
ATOM   1204 C CG1 . VAL C 1 66 ? -4.672  -9.433  -2.811  1.00 8.53  ? 61   VAL C CG1 1 
ATOM   1205 C CG2 . VAL C 1 66 ? -5.350  -7.056  -3.239  1.00 8.39  ? 61   VAL C CG2 1 
ATOM   1206 N N   . GLY C 1 67 ? -1.931  -9.223  -0.737  1.00 9.44  ? 62   GLY C N   1 
ATOM   1207 C CA  . GLY C 1 67 ? -0.732  -10.031 -0.589  1.00 10.41 ? 62   GLY C CA  1 
ATOM   1208 C C   . GLY C 1 67 ? -0.694  -10.898 0.647   1.00 10.33 ? 62   GLY C C   1 
ATOM   1209 O O   . GLY C 1 67 ? -1.565  -10.798 1.509   1.00 9.55  ? 62   GLY C O   1 
ATOM   1210 N N   . LYS C 1 68 ? 0.328   -11.748 0.725   1.00 10.74 ? 63   LYS C N   1 
ATOM   1211 C CA  . LYS C 1 68 ? 0.497   -12.652 1.854   1.00 11.09 ? 63   LYS C CA  1 
ATOM   1212 C C   . LYS C 1 68 ? 1.543   -12.152 2.841   1.00 11.41 ? 63   LYS C C   1 
ATOM   1213 O O   . LYS C 1 68 ? 1.545   -12.551 4.008   1.00 10.53 ? 63   LYS C O   1 
ATOM   1214 C CB  . LYS C 1 68 ? 0.902   -14.042 1.360   1.00 10.61 ? 63   LYS C CB  1 
ATOM   1215 C CG  . LYS C 1 68 ? -0.104  -14.683 0.422   1.00 14.44 ? 63   LYS C CG  1 
ATOM   1216 C CD  . LYS C 1 68 ? 0.451   -15.988 -0.125  1.00 12.89 ? 63   LYS C CD  1 
ATOM   1217 C CE  . LYS C 1 68 ? -0.485  -16.594 -1.140  1.00 12.40 ? 63   LYS C CE  1 
ATOM   1218 N NZ  . LYS C 1 68 ? 0.110   -17.856 -1.676  1.00 14.90 ? 63   LYS C NZ  1 
ATOM   1219 N N   . ASN C 1 69 ? 2.444   -11.294 2.373   1.00 10.92 ? 64   ASN C N   1 
ATOM   1220 C CA  . ASN C 1 69 ? 3.494   -10.791 3.241   1.00 12.96 ? 64   ASN C CA  1 
ATOM   1221 C C   . ASN C 1 69 ? 3.843   -9.345  2.981   1.00 10.60 ? 64   ASN C C   1 
ATOM   1222 O O   . ASN C 1 69 ? 4.571   -9.033  2.035   1.00 9.46  ? 64   ASN C O   1 
ATOM   1223 C CB  . ASN C 1 69 ? 4.769   -11.626 3.147   1.00 11.70 ? 64   ASN C CB  1 
ATOM   1224 C CG  . ASN C 1 69 ? 5.893   -11.045 3.983   1.00 15.08 ? 64   ASN C CG  1 
ATOM   1225 O OD1 . ASN C 1 69 ? 6.771   -10.352 3.469   1.00 12.56 ? 64   ASN C OD1 1 
ATOM   1226 N ND2 . ASN C 1 69 ? 5.848   -11.289 5.290   1.00 16.70 ? 64   ASN C ND2 1 
ATOM   1227 N N   . PHE C 1 70 ? 3.333   -8.468  3.832   1.00 7.73  ? 65   PHE C N   1 
ATOM   1228 C CA  . PHE C 1 70 ? 3.732   -7.065  3.790   1.00 8.29  ? 65   PHE C CA  1 
ATOM   1229 C C   . PHE C 1 70 ? 3.445   -6.381  5.118   1.00 8.63  ? 65   PHE C C   1 
ATOM   1230 O O   . PHE C 1 70 ? 2.626   -6.849  5.903   1.00 8.92  ? 65   PHE C O   1 
ATOM   1231 C CB  . PHE C 1 70 ? 3.040   -6.319  2.634   1.00 8.86  ? 65   PHE C CB  1 
ATOM   1232 C CG  . PHE C 1 70 ? 1.533   -6.263  2.738   1.00 9.00  ? 65   PHE C CG  1 
ATOM   1233 C CD1 . PHE C 1 70 ? 0.903   -5.222  3.417   1.00 11.65 ? 65   PHE C CD1 1 
ATOM   1234 C CD2 . PHE C 1 70 ? 0.746   -7.232  2.137   1.00 10.08 ? 65   PHE C CD2 1 
ATOM   1235 C CE1 . PHE C 1 70 ? -0.486  -5.166  3.504   1.00 10.95 ? 65   PHE C CE1 1 
ATOM   1236 C CE2 . PHE C 1 70 ? -0.644  -7.183  2.212   1.00 7.36  ? 65   PHE C CE2 1 
ATOM   1237 C CZ  . PHE C 1 70 ? -1.261  -6.146  2.897   1.00 10.01 ? 65   PHE C CZ  1 
ATOM   1238 N N   . GLY C 1 71 ? 4.165   -5.294  5.367   1.00 8.35  ? 66   GLY C N   1 
ATOM   1239 C CA  . GLY C 1 71 ? 3.819   -4.365  6.421   1.00 8.74  ? 66   GLY C CA  1 
ATOM   1240 C C   . GLY C 1 71 ? 3.507   -3.039  5.759   1.00 8.13  ? 66   GLY C C   1 
ATOM   1241 O O   . GLY C 1 71 ? 4.093   -2.697  4.735   1.00 8.69  ? 66   GLY C O   1 
ATOM   1242 N N   . SER C 1 72 ? 2.589   -2.284  6.340   1.00 8.62  ? 67   SER C N   1 
ATOM   1243 C CA  . SER C 1 72 ? 2.198   -1.030  5.724   1.00 8.69  ? 67   SER C CA  1 
ATOM   1244 C C   . SER C 1 72 ? 1.996   0.072   6.744   1.00 9.76  ? 67   SER C C   1 
ATOM   1245 O O   . SER C 1 72 ? 1.595   -0.170  7.878   1.00 10.34 ? 67   SER C O   1 
ATOM   1246 C CB  . SER C 1 72 ? 0.914   -1.224  4.920   1.00 12.89 ? 67   SER C CB  1 
ATOM   1247 O OG  . SER C 1 72 ? -0.143  -1.653  5.767   1.00 17.31 ? 67   SER C OG  1 
ATOM   1248 N N   . TYR C 1 73 ? 2.283   1.296   6.331   1.00 9.17  ? 68   TYR C N   1 
ATOM   1249 C CA  . TYR C 1 73 ? 1.981   2.437   7.156   1.00 9.20  ? 68   TYR C CA  1 
ATOM   1250 C C   . TYR C 1 73 ? 1.476   3.537   6.233   1.00 11.19 ? 68   TYR C C   1 
ATOM   1251 O O   . TYR C 1 73 ? 2.210   4.033   5.376   1.00 8.86  ? 68   TYR C O   1 
ATOM   1252 C CB  . TYR C 1 73 ? 3.211   2.888   7.941   1.00 11.45 ? 68   TYR C CB  1 
ATOM   1253 C CG  . TYR C 1 73 ? 2.824   3.700   9.147   1.00 11.03 ? 68   TYR C CG  1 
ATOM   1254 C CD1 . TYR C 1 73 ? 2.729   3.110   10.401  1.00 9.90  ? 68   TYR C CD1 1 
ATOM   1255 C CD2 . TYR C 1 73 ? 2.498   5.045   9.023   1.00 10.63 ? 68   TYR C CD2 1 
ATOM   1256 C CE1 . TYR C 1 73 ? 2.346   3.841   11.509  1.00 13.64 ? 68   TYR C CE1 1 
ATOM   1257 C CE2 . TYR C 1 73 ? 2.116   5.791   10.134  1.00 14.70 ? 68   TYR C CE2 1 
ATOM   1258 C CZ  . TYR C 1 73 ? 2.036   5.178   11.369  1.00 13.36 ? 68   TYR C CZ  1 
ATOM   1259 O OH  . TYR C 1 73 ? 1.665   5.923   12.468  1.00 14.76 ? 68   TYR C OH  1 
ATOM   1260 N N   . VAL C 1 74 ? 0.204   3.884   6.393   1.00 8.25  ? 69   VAL C N   1 
ATOM   1261 C CA  . VAL C 1 74 ? -0.454  4.792   5.472   1.00 9.98  ? 69   VAL C CA  1 
ATOM   1262 C C   . VAL C 1 74 ? -1.320  5.791   6.232   1.00 12.87 ? 69   VAL C C   1 
ATOM   1263 O O   . VAL C 1 74 ? -1.544  5.653   7.439   1.00 10.89 ? 69   VAL C O   1 
ATOM   1264 C CB  . VAL C 1 74 ? -1.338  4.021   4.449   1.00 8.78  ? 69   VAL C CB  1 
ATOM   1265 C CG1 . VAL C 1 74 ? -0.526  2.909   3.756   1.00 7.86  ? 69   VAL C CG1 1 
ATOM   1266 C CG2 . VAL C 1 74 ? -2.566  3.440   5.138   1.00 11.66 ? 69   VAL C CG2 1 
ATOM   1267 N N   . THR C 1 75 ? -1.794  6.802   5.519   1.00 11.45 ? 70   THR C N   1 
ATOM   1268 C CA  . THR C 1 75 ? -2.757  7.734   6.080   1.00 10.98 ? 70   THR C CA  1 
ATOM   1269 C C   . THR C 1 75 ? -4.034  7.597   5.266   1.00 12.89 ? 70   THR C C   1 
ATOM   1270 O O   . THR C 1 75 ? -3.976  7.508   4.044   1.00 11.21 ? 70   THR C O   1 
ATOM   1271 C CB  . THR C 1 75 ? -2.241  9.179   5.999   1.00 13.84 ? 70   THR C CB  1 
ATOM   1272 O OG1 . THR C 1 75 ? -1.068  9.315   6.812   1.00 12.92 ? 70   THR C OG1 1 
ATOM   1273 C CG2 . THR C 1 75 ? -3.313  10.166  6.466   1.00 13.16 ? 70   THR C CG2 1 
ATOM   1274 N N   . HIS C 1 76 ? -5.182  7.554   5.937   1.00 10.54 ? 71   HIS C N   1 
ATOM   1275 C CA  . HIS C 1 76 ? -6.452  7.404   5.231   1.00 13.41 ? 71   HIS C CA  1 
ATOM   1276 C C   . HIS C 1 76 ? -7.484  8.405   5.728   1.00 15.53 ? 71   HIS C C   1 
ATOM   1277 O O   . HIS C 1 76 ? -7.415  8.860   6.872   1.00 14.30 ? 71   HIS C O   1 
ATOM   1278 C CB  . HIS C 1 76 ? -6.998  5.990   5.404   1.00 12.38 ? 71   HIS C CB  1 
ATOM   1279 C CG  . HIS C 1 76 ? -7.252  5.611   6.831   1.00 12.43 ? 71   HIS C CG  1 
ATOM   1280 N ND1 . HIS C 1 76 ? -8.420  5.935   7.491   1.00 14.35 ? 71   HIS C ND1 1 
ATOM   1281 C CD2 . HIS C 1 76 ? -6.491  4.935   7.724   1.00 14.33 ? 71   HIS C CD2 1 
ATOM   1282 C CE1 . HIS C 1 76 ? -8.366  5.473   8.728   1.00 17.27 ? 71   HIS C CE1 1 
ATOM   1283 N NE2 . HIS C 1 76 ? -7.208  4.858   8.894   1.00 17.51 ? 71   HIS C NE2 1 
ATOM   1284 N N   . GLU C 1 77 ? -8.437  8.747   4.866   1.00 13.38 ? 72   GLU C N   1 
ATOM   1285 C CA  . GLU C 1 77 ? -9.573  9.542   5.302   1.00 13.36 ? 72   GLU C CA  1 
ATOM   1286 C C   . GLU C 1 77 ? -10.269 8.765   6.410   1.00 17.85 ? 72   GLU C C   1 
ATOM   1287 O O   . GLU C 1 77 ? -10.347 7.536   6.355   1.00 13.56 ? 72   GLU C O   1 
ATOM   1288 C CB  . GLU C 1 77 ? -10.551 9.778   4.149   1.00 17.37 ? 72   GLU C CB  1 
ATOM   1289 C CG  . GLU C 1 77 ? -11.687 10.720  4.550   1.00 27.87 ? 72   GLU C CG  1 
ATOM   1290 C CD  . GLU C 1 77 ? -12.777 10.869  3.495   1.00 27.20 ? 72   GLU C CD  1 
ATOM   1291 O OE1 . GLU C 1 77 ? -12.561 10.486  2.323   1.00 27.53 ? 72   GLU C OE1 1 
ATOM   1292 O OE2 . GLU C 1 77 ? -13.861 11.381  3.856   1.00 33.40 ? 72   GLU C OE2 1 
ATOM   1293 N N   . LYS C 1 78 ? -10.774 9.458   7.425   1.00 17.42 ? 73   LYS C N   1 
ATOM   1294 C CA  . LYS C 1 78 ? -11.548 8.763   8.444   1.00 18.52 ? 73   LYS C CA  1 
ATOM   1295 C C   . LYS C 1 78 ? -12.780 8.095   7.824   1.00 16.78 ? 73   LYS C C   1 
ATOM   1296 O O   . LYS C 1 78 ? -13.383 8.621   6.891   1.00 14.27 ? 73   LYS C O   1 
ATOM   1297 C CB  . LYS C 1 78 ? -11.930 9.693   9.601   1.00 27.19 ? 73   LYS C CB  1 
ATOM   1298 C CG  . LYS C 1 78 ? -13.170 10.545  9.388   1.00 37.42 ? 73   LYS C CG  1 
ATOM   1299 C CD  . LYS C 1 78 ? -13.717 11.015  10.748  1.00 42.01 ? 73   LYS C CD  1 
ATOM   1300 C CE  . LYS C 1 78 ? -14.933 11.930  10.622  1.00 40.49 ? 73   LYS C CE  1 
ATOM   1301 N NZ  . LYS C 1 78 ? -14.537 13.352  10.385  1.00 38.60 ? 73   LYS C NZ  1 
ATOM   1302 N N   . GLY C 1 79 ? -13.120 6.912   8.321   1.00 15.61 ? 74   GLY C N   1 
ATOM   1303 C CA  . GLY C 1 79 ? -14.268 6.185   7.820   1.00 14.73 ? 74   GLY C CA  1 
ATOM   1304 C C   . GLY C 1 79 ? -14.027 5.484   6.495   1.00 13.45 ? 74   GLY C C   1 
ATOM   1305 O O   . GLY C 1 79 ? -14.945 4.914   5.919   1.00 13.44 ? 74   GLY C O   1 
ATOM   1306 N N   . HIS C 1 80 ? -12.793 5.515   6.005   1.00 11.28 ? 75   HIS C N   1 
ATOM   1307 C CA  . HIS C 1 80 ? -12.490 4.884   4.724   1.00 13.33 ? 75   HIS C CA  1 
ATOM   1308 C C   . HIS C 1 80 ? -11.252 3.998   4.781   1.00 12.22 ? 75   HIS C C   1 
ATOM   1309 O O   . HIS C 1 80 ? -10.292 4.205   4.043   1.00 10.38 ? 75   HIS C O   1 
ATOM   1310 C CB  . HIS C 1 80 ? -12.359 5.948   3.633   1.00 14.67 ? 75   HIS C CB  1 
ATOM   1311 C CG  . HIS C 1 80 ? -13.635 6.688   3.380   1.00 16.87 ? 75   HIS C CG  1 
ATOM   1312 N ND1 . HIS C 1 80 ? -14.142 7.619   4.265   1.00 17.79 ? 75   HIS C ND1 1 
ATOM   1313 C CD2 . HIS C 1 80 ? -14.533 6.599   2.374   1.00 15.09 ? 75   HIS C CD2 1 
ATOM   1314 C CE1 . HIS C 1 80 ? -15.282 8.093   3.796   1.00 16.82 ? 75   HIS C CE1 1 
ATOM   1315 N NE2 . HIS C 1 80 ? -15.543 7.487   2.652   1.00 18.10 ? 75   HIS C NE2 1 
ATOM   1316 N N   . PHE C 1 81 ? -11.287 3.004   5.659   1.00 13.54 ? 76   PHE C N   1 
ATOM   1317 C CA  . PHE C 1 81 ? -10.139 2.120   5.832   1.00 13.15 ? 76   PHE C CA  1 
ATOM   1318 C C   . PHE C 1 81 ? -10.602 0.735   6.265   1.00 11.77 ? 76   PHE C C   1 
ATOM   1319 O O   . PHE C 1 81 ? -11.408 0.599   7.177   1.00 12.83 ? 76   PHE C O   1 
ATOM   1320 C CB  . PHE C 1 81 ? -9.149  2.691   6.857   1.00 14.92 ? 76   PHE C CB  1 
ATOM   1321 C CG  . PHE C 1 81 ? -8.236  1.651   7.458   1.00 11.91 ? 76   PHE C CG  1 
ATOM   1322 C CD1 . PHE C 1 81 ? -7.121  1.212   6.772   1.00 15.58 ? 76   PHE C CD1 1 
ATOM   1323 C CD2 . PHE C 1 81 ? -8.508  1.104   8.698   1.00 17.96 ? 76   PHE C CD2 1 
ATOM   1324 C CE1 . PHE C 1 81 ? -6.282  0.242   7.310   1.00 18.21 ? 76   PHE C CE1 1 
ATOM   1325 C CE2 . PHE C 1 81 ? -7.679  0.135   9.247   1.00 21.05 ? 76   PHE C CE2 1 
ATOM   1326 C CZ  . PHE C 1 81 ? -6.564  -0.300  8.553   1.00 17.56 ? 76   PHE C CZ  1 
ATOM   1327 N N   . VAL C 1 82 ? -10.107 -0.299  5.594   1.00 11.60 ? 77   VAL C N   1 
ATOM   1328 C CA  . VAL C 1 82 ? -10.426 -1.650  6.017   1.00 9.45  ? 77   VAL C CA  1 
ATOM   1329 C C   . VAL C 1 82 ? -9.296  -2.581  5.613   1.00 12.37 ? 77   VAL C C   1 
ATOM   1330 O O   . VAL C 1 82 ? -8.685  -2.425  4.545   1.00 8.91  ? 77   VAL C O   1 
ATOM   1331 C CB  . VAL C 1 82 ? -11.818 -2.133  5.507   1.00 10.59 ? 77   VAL C CB  1 
ATOM   1332 C CG1 . VAL C 1 82 ? -11.832 -2.344  3.976   1.00 11.31 ? 77   VAL C CG1 1 
ATOM   1333 C CG2 . VAL C 1 82 ? -12.248 -3.407  6.238   1.00 13.46 ? 77   VAL C CG2 1 
ATOM   1334 N N   . TYR C 1 83 ? -8.993  -3.519  6.500   1.00 12.43 ? 78   TYR C N   1 
ATOM   1335 C CA  . TYR C 1 83 ? -7.914  -4.467  6.283   1.00 9.98  ? 78   TYR C CA  1 
ATOM   1336 C C   . TYR C 1 83 ? -8.468  -5.818  6.649   1.00 9.36  ? 78   TYR C C   1 
ATOM   1337 O O   . TYR C 1 83 ? -8.960  -6.008  7.766   1.00 12.18 ? 78   TYR C O   1 
ATOM   1338 C CB  . TYR C 1 83 ? -6.715  -4.120  7.157   1.00 9.07  ? 78   TYR C CB  1 
ATOM   1339 C CG  . TYR C 1 83 ? -5.678  -5.227  7.246   1.00 13.05 ? 78   TYR C CG  1 
ATOM   1340 C CD1 . TYR C 1 83 ? -4.910  -5.581  6.143   1.00 14.37 ? 78   TYR C CD1 1 
ATOM   1341 C CD2 . TYR C 1 83 ? -5.463  -5.910  8.436   1.00 15.15 ? 78   TYR C CD2 1 
ATOM   1342 C CE1 . TYR C 1 83 ? -3.959  -6.592  6.226   1.00 11.78 ? 78   TYR C CE1 1 
ATOM   1343 C CE2 . TYR C 1 83 ? -4.523  -6.920  8.528   1.00 13.69 ? 78   TYR C CE2 1 
ATOM   1344 C CZ  . TYR C 1 83 ? -3.775  -7.256  7.418   1.00 14.20 ? 78   TYR C CZ  1 
ATOM   1345 O OH  . TYR C 1 83 ? -2.832  -8.256  7.518   1.00 15.34 ? 78   TYR C OH  1 
ATOM   1346 N N   . PHE C 1 84 ? -8.425  -6.749  5.703   1.00 10.03 ? 79   PHE C N   1 
ATOM   1347 C CA  . PHE C 1 84 ? -9.117  -8.023  5.857   1.00 10.10 ? 79   PHE C CA  1 
ATOM   1348 C C   . PHE C 1 84 ? -8.443  -9.132  5.063   1.00 10.60 ? 79   PHE C C   1 
ATOM   1349 O O   . PHE C 1 84 ? -7.729  -8.872  4.095   1.00 9.70  ? 79   PHE C O   1 
ATOM   1350 C CB  . PHE C 1 84 ? -10.586 -7.894  5.429   1.00 11.39 ? 79   PHE C CB  1 
ATOM   1351 C CG  . PHE C 1 84 ? -10.775 -7.498  3.975   1.00 9.85  ? 79   PHE C CG  1 
ATOM   1352 C CD1 . PHE C 1 84 ? -10.762 -6.163  3.602   1.00 10.82 ? 79   PHE C CD1 1 
ATOM   1353 C CD2 . PHE C 1 84 ? -10.977 -8.462  2.994   1.00 12.58 ? 79   PHE C CD2 1 
ATOM   1354 C CE1 . PHE C 1 84 ? -10.938 -5.788  2.275   1.00 11.63 ? 79   PHE C CE1 1 
ATOM   1355 C CE2 . PHE C 1 84 ? -11.153 -8.093  1.670   1.00 13.69 ? 79   PHE C CE2 1 
ATOM   1356 C CZ  . PHE C 1 84 ? -11.138 -6.751  1.313   1.00 10.91 ? 79   PHE C CZ  1 
ATOM   1357 N N   . TYR C 1 85 ? -8.670  -10.370 5.486   1.00 9.89  ? 80   TYR C N   1 
ATOM   1358 C CA  . TYR C 1 85 ? -8.212  -11.530 4.733   1.00 10.75 ? 80   TYR C CA  1 
ATOM   1359 C C   . TYR C 1 85 ? -9.395  -12.184 4.037   1.00 11.46 ? 80   TYR C C   1 
ATOM   1360 O O   . TYR C 1 85 ? -10.505 -12.208 4.571   1.00 13.45 ? 80   TYR C O   1 
ATOM   1361 C CB  . TYR C 1 85 ? -7.570  -12.578 5.663   1.00 9.80  ? 80   TYR C CB  1 
ATOM   1362 C CG  . TYR C 1 85 ? -6.110  -12.352 5.986   1.00 11.36 ? 80   TYR C CG  1 
ATOM   1363 C CD1 . TYR C 1 85 ? -5.726  -11.452 6.963   1.00 12.18 ? 80   TYR C CD1 1 
ATOM   1364 C CD2 . TYR C 1 85 ? -5.115  -13.058 5.315   1.00 13.48 ? 80   TYR C CD2 1 
ATOM   1365 C CE1 . TYR C 1 85 ? -4.388  -11.251 7.270   1.00 15.02 ? 80   TYR C CE1 1 
ATOM   1366 C CE2 . TYR C 1 85 ? -3.776  -12.864 5.610   1.00 10.43 ? 80   TYR C CE2 1 
ATOM   1367 C CZ  . TYR C 1 85 ? -3.420  -11.958 6.587   1.00 11.71 ? 80   TYR C CZ  1 
ATOM   1368 O OH  . TYR C 1 85 ? -2.094  -11.758 6.878   1.00 11.52 ? 80   TYR C OH  1 
ATOM   1369 N N   . ILE C 1 86 ? -9.154  -12.701 2.840   1.00 8.95  ? 81   ILE C N   1 
ATOM   1370 C CA  . ILE C 1 86 ? -10.022 -13.696 2.239   1.00 10.94 ? 81   ILE C CA  1 
ATOM   1371 C C   . ILE C 1 86 ? -9.104  -14.864 1.926   1.00 17.01 ? 81   ILE C C   1 
ATOM   1372 O O   . ILE C 1 86 ? -8.223  -14.761 1.069   1.00 16.19 ? 81   ILE C O   1 
ATOM   1373 C CB  . ILE C 1 86 ? -10.688 -13.214 0.941   1.00 13.78 ? 81   ILE C CB  1 
ATOM   1374 C CG1 . ILE C 1 86 ? -11.577 -11.988 1.204   1.00 12.14 ? 81   ILE C CG1 1 
ATOM   1375 C CG2 . ILE C 1 86 ? -11.514 -14.344 0.330   1.00 15.56 ? 81   ILE C CG2 1 
ATOM   1376 C CD1 . ILE C 1 86 ? -12.332 -11.503 -0.038  1.00 16.88 ? 81   ILE C CD1 1 
ATOM   1377 N N   . GLY C 1 87 ? -9.279  -15.966 2.643   1.00 15.24 ? 82   GLY C N   1 
ATOM   1378 C CA  . GLY C 1 87 ? -8.351  -17.068 2.510   1.00 16.75 ? 82   GLY C CA  1 
ATOM   1379 C C   . GLY C 1 87 ? -6.973  -16.595 2.929   1.00 15.70 ? 82   GLY C C   1 
ATOM   1380 O O   . GLY C 1 87 ? -6.835  -15.893 3.933   1.00 14.81 ? 82   GLY C O   1 
ATOM   1381 N N   . PRO C 1 88 ? -5.944  -16.958 2.152   1.00 14.84 ? 83   PRO C N   1 
ATOM   1382 C CA  . PRO C 1 88 ? -4.571  -16.618 2.528   1.00 17.25 ? 83   PRO C CA  1 
ATOM   1383 C C   . PRO C 1 88 ? -4.202  -15.191 2.146   1.00 13.99 ? 83   PRO C C   1 
ATOM   1384 O O   . PRO C 1 88 ? -3.100  -14.751 2.461   1.00 12.97 ? 83   PRO C O   1 
ATOM   1385 C CB  . PRO C 1 88 ? -3.741  -17.604 1.702   1.00 16.04 ? 83   PRO C CB  1 
ATOM   1386 C CG  . PRO C 1 88 ? -4.548  -17.806 0.460   1.00 18.28 ? 83   PRO C CG  1 
ATOM   1387 C CD  . PRO C 1 88 ? -6.000  -17.742 0.903   1.00 16.88 ? 83   PRO C CD  1 
ATOM   1388 N N   . LEU C 1 89 ? -5.101  -14.471 1.481   1.00 10.66 ? 84   LEU C N   1 
ATOM   1389 C CA  . LEU C 1 89 ? -4.747  -13.144 0.986   1.00 9.45  ? 84   LEU C CA  1 
ATOM   1390 C C   . LEU C 1 89 ? -5.207  -12.004 1.886   1.00 8.25  ? 84   LEU C C   1 
ATOM   1391 O O   . LEU C 1 89 ? -6.390  -11.884 2.186   1.00 8.67  ? 84   LEU C O   1 
ATOM   1392 C CB  . LEU C 1 89 ? -5.311  -12.916 -0.421  1.00 12.28 ? 84   LEU C CB  1 
ATOM   1393 C CG  . LEU C 1 89 ? -4.724  -13.754 -1.563  1.00 14.42 ? 84   LEU C CG  1 
ATOM   1394 C CD1 . LEU C 1 89 ? -5.524  -13.560 -2.851  1.00 11.21 ? 84   LEU C CD1 1 
ATOM   1395 C CD2 . LEU C 1 89 ? -3.276  -13.387 -1.781  1.00 16.11 ? 84   LEU C CD2 1 
ATOM   1396 N N   . ALA C 1 90 ? -4.265  -11.149 2.272   1.00 10.11 ? 85   ALA C N   1 
ATOM   1397 C CA  . ALA C 1 90 ? -4.595  -9.929  3.006   1.00 9.46  ? 85   ALA C CA  1 
ATOM   1398 C C   . ALA C 1 90 ? -4.932  -8.804  2.030   1.00 10.12 ? 85   ALA C C   1 
ATOM   1399 O O   . ALA C 1 90 ? -4.258  -8.641  1.014   1.00 11.68 ? 85   ALA C O   1 
ATOM   1400 C CB  . ALA C 1 90 ? -3.433  -9.520  3.898   1.00 11.60 ? 85   ALA C CB  1 
ATOM   1401 N N   . PHE C 1 91 ? -5.974  -8.034  2.346   1.00 8.80  ? 86   PHE C N   1 
ATOM   1402 C CA  . PHE C 1 91 ? -6.376  -6.878  1.552   1.00 9.73  ? 86   PHE C CA  1 
ATOM   1403 C C   . PHE C 1 91 ? -6.285  -5.629  2.420   1.00 9.79  ? 86   PHE C C   1 
ATOM   1404 O O   . PHE C 1 91 ? -6.886  -5.574  3.495   1.00 9.80  ? 86   PHE C O   1 
ATOM   1405 C CB  . PHE C 1 91 ? -7.834  -6.997  1.092   1.00 9.27  ? 86   PHE C CB  1 
ATOM   1406 C CG  . PHE C 1 91 ? -8.077  -8.026  0.011   1.00 11.31 ? 86   PHE C CG  1 
ATOM   1407 C CD1 . PHE C 1 91 ? -7.957  -9.386  0.275   1.00 9.48  ? 86   PHE C CD1 1 
ATOM   1408 C CD2 . PHE C 1 91 ? -8.486  -7.629  -1.256  1.00 10.25 ? 86   PHE C CD2 1 
ATOM   1409 C CE1 . PHE C 1 91 ? -8.214  -10.332 -0.717  1.00 10.98 ? 86   PHE C CE1 1 
ATOM   1410 C CE2 . PHE C 1 91 ? -8.734  -8.579  -2.268  1.00 9.35  ? 86   PHE C CE2 1 
ATOM   1411 C CZ  . PHE C 1 91 ? -8.607  -9.927  -1.988  1.00 10.86 ? 86   PHE C CZ  1 
ATOM   1412 N N   . LEU C 1 92 ? -5.540  -4.632  1.954   1.00 7.70  ? 87   LEU C N   1 
ATOM   1413 C CA  . LEU C 1 92 ? -5.538  -3.316  2.582   1.00 7.82  ? 87   LEU C CA  1 
ATOM   1414 C C   . LEU C 1 92 ? -6.187  -2.364  1.586   1.00 8.08  ? 87   LEU C C   1 
ATOM   1415 O O   . LEU C 1 92 ? -5.722  -2.237  0.445   1.00 7.60  ? 87   LEU C O   1 
ATOM   1416 C CB  . LEU C 1 92 ? -4.111  -2.868  2.902   1.00 8.27  ? 87   LEU C CB  1 
ATOM   1417 C CG  . LEU C 1 92 ? -3.899  -1.373  3.183   1.00 7.59  ? 87   LEU C CG  1 
ATOM   1418 C CD1 . LEU C 1 92 ? -4.700  -0.926  4.406   1.00 10.45 ? 87   LEU C CD1 1 
ATOM   1419 C CD2 . LEU C 1 92 ? -2.411  -1.103  3.396   1.00 10.51 ? 87   LEU C CD2 1 
ATOM   1420 N N   . VAL C 1 93 ? -7.289  -1.735  1.995   1.00 7.83  ? 88   VAL C N   1 
ATOM   1421 C CA  . VAL C 1 93 ? -8.070  -0.890  1.087   1.00 7.20  ? 88   VAL C CA  1 
ATOM   1422 C C   . VAL C 1 93 ? -8.340  0.430   1.780   1.00 7.49  ? 88   VAL C C   1 
ATOM   1423 O O   . VAL C 1 93 ? -8.907  0.452   2.878   1.00 9.08  ? 88   VAL C O   1 
ATOM   1424 C CB  . VAL C 1 93 ? -9.418  -1.544  0.738   1.00 8.03  ? 88   VAL C CB  1 
ATOM   1425 C CG1 . VAL C 1 93 ? -10.257 -0.616  -0.155  1.00 9.55  ? 88   VAL C CG1 1 
ATOM   1426 C CG2 . VAL C 1 93 ? -9.204  -2.878  0.047   1.00 8.36  ? 88   VAL C CG2 1 
ATOM   1427 N N   . PHE C 1 94 ? -7.934  1.535   1.176   1.00 6.92  ? 89   PHE C N   1 
ATOM   1428 C CA  . PHE C 1 94 ? -8.168  2.818   1.838   1.00 7.66  ? 89   PHE C CA  1 
ATOM   1429 C C   . PHE C 1 94 ? -8.254  3.974   0.862   1.00 9.39  ? 89   PHE C C   1 
ATOM   1430 O O   . PHE C 1 94 ? -7.802  3.873   -0.284  1.00 8.24  ? 89   PHE C O   1 
ATOM   1431 C CB  . PHE C 1 94 ? -7.093  3.090   2.897   1.00 7.57  ? 89   PHE C CB  1 
ATOM   1432 C CG  . PHE C 1 94 ? -5.714  3.305   2.330   1.00 10.76 ? 89   PHE C CG  1 
ATOM   1433 C CD1 . PHE C 1 94 ? -4.945  2.230   1.914   1.00 10.04 ? 89   PHE C CD1 1 
ATOM   1434 C CD2 . PHE C 1 94 ? -5.185  4.584   2.232   1.00 10.95 ? 89   PHE C CD2 1 
ATOM   1435 C CE1 . PHE C 1 94 ? -3.674  2.425   1.406   1.00 11.61 ? 89   PHE C CE1 1 
ATOM   1436 C CE2 . PHE C 1 94 ? -3.913  4.791   1.719   1.00 11.23 ? 89   PHE C CE2 1 
ATOM   1437 C CZ  . PHE C 1 94 ? -3.157  3.708   1.307   1.00 10.57 ? 89   PHE C CZ  1 
ATOM   1438 N N   . LYS C 1 95 ? -8.835  5.066   1.341   1.00 8.60  ? 90   LYS C N   1 
ATOM   1439 C CA  . LYS C 1 95 ? -9.077  6.242   0.521   1.00 11.31 ? 90   LYS C CA  1 
ATOM   1440 C C   . LYS C 1 95 ? -8.262  7.426   1.033   1.00 9.49  ? 90   LYS C C   1 
ATOM   1441 O O   . LYS C 1 95 ? -8.080  7.602   2.249   1.00 9.36  ? 90   LYS C O   1 
ATOM   1442 C CB  . LYS C 1 95 ? -10.569 6.575   0.543   1.00 11.43 ? 90   LYS C CB  1 
ATOM   1443 C CG  . LYS C 1 95 ? -10.997 7.593   -0.494  1.00 14.72 ? 90   LYS C CG  1 
ATOM   1444 C CD  . LYS C 1 95 ? -12.435 8.000   -0.250  1.00 16.26 ? 90   LYS C CD  1 
ATOM   1445 C CE  . LYS C 1 95 ? -12.844 9.158   -1.141  1.00 23.49 ? 90   LYS C CE  1 
ATOM   1446 N NZ  . LYS C 1 95 ? -14.099 9.781   -0.619  1.00 30.72 ? 90   LYS C NZ  1 
ATOM   1447 N N   . THR C 1 96 ? -7.755  8.225   0.103   1.00 9.02  ? 91   THR C N   1 
ATOM   1448 C CA  . THR C 1 96 ? -7.074  9.458   0.456   1.00 10.48 ? 91   THR C CA  1 
ATOM   1449 C C   . THR C 1 96 ? -7.659  10.606  -0.347  1.00 12.23 ? 91   THR C C   1 
ATOM   1450 O O   . THR C 1 96 ? -8.433  10.392  -1.285  1.00 13.04 ? 91   THR C O   1 
ATOM   1451 C CB  . THR C 1 96 ? -5.555  9.404   0.160   1.00 11.34 ? 91   THR C CB  1 
ATOM   1452 O OG1 . THR C 1 96 ? -5.337  9.378   -1.260  1.00 11.76 ? 91   THR C OG1 1 
ATOM   1453 C CG2 . THR C 1 96 ? -4.921  8.178   0.803   1.00 9.25  ? 91   THR C CG2 1 
ATOM   1454 N N   . ALA C 1 97 ? -7.268  11.824  0.015   1.00 13.39 ? 92   ALA C N   1 
ATOM   1455 C CA  . ALA C 1 97 ? -7.542  12.989  -0.819  1.00 12.63 ? 92   ALA C CA  1 
ATOM   1456 C C   . ALA C 1 97 ? -6.752  12.852  -2.106  1.00 17.54 ? 92   ALA C C   1 
ATOM   1457 O O   . ALA C 1 97 ? -7.044  13.495  -3.123  1.00 16.15 ? 92   ALA C O   1 
ATOM   1458 C CB  . ALA C 1 97 ? -7.143  14.263  -0.091  1.00 14.13 ? 92   ALA C CB  1 
ATOM   1459 O OXT . ALA C 1 97 ? -5.782  12.092  -2.141  1.00 15.30 ? 92   ALA C OXT 1 
ATOM   1460 N N   . ASN D 2 1  ? -11.247 14.783  7.761   1.00 37.12 ? 1116 ASN D N   1 
ATOM   1461 C CA  . ASN D 2 1  ? -10.312 14.277  8.764   1.00 34.31 ? 1116 ASN D CA  1 
ATOM   1462 C C   . ASN D 2 1  ? -9.594  13.013  8.294   1.00 29.19 ? 1116 ASN D C   1 
ATOM   1463 O O   . ASN D 2 1  ? -10.143 12.233  7.501   1.00 23.93 ? 1116 ASN D O   1 
ATOM   1464 C CB  . ASN D 2 1  ? -11.028 14.025  10.096  1.00 39.36 ? 1116 ASN D CB  1 
ATOM   1465 N N   . TYR D 2 2  ? -8.377  12.818  8.801   1.00 25.11 ? 1117 TYR D N   1 
ATOM   1466 C CA  . TYR D 2 2  ? -7.491  11.744  8.346   1.00 22.74 ? 1117 TYR D CA  1 
ATOM   1467 C C   . TYR D 2 2  ? -6.799  11.063  9.529   1.00 24.65 ? 1117 TYR D C   1 
ATOM   1468 O O   . TYR D 2 2  ? -6.687  11.644  10.609  1.00 26.22 ? 1117 TYR D O   1 
ATOM   1469 C CB  . TYR D 2 2  ? -6.461  12.301  7.354   1.00 24.82 ? 1117 TYR D CB  1 
ATOM   1470 C CG  . TYR D 2 2  ? -7.106  12.913  6.127   1.00 28.47 ? 1117 TYR D CG  1 
ATOM   1471 C CD1 . TYR D 2 2  ? -7.328  12.153  4.975   1.00 27.64 ? 1117 TYR D CD1 1 
ATOM   1472 C CD2 . TYR D 2 2  ? -7.518  14.248  6.121   1.00 31.00 ? 1117 TYR D CD2 1 
ATOM   1473 C CE1 . TYR D 2 2  ? -7.940  12.712  3.848   1.00 25.26 ? 1117 TYR D CE1 1 
ATOM   1474 C CE2 . TYR D 2 2  ? -8.124  14.808  5.002   1.00 27.55 ? 1117 TYR D CE2 1 
ATOM   1475 C CZ  . TYR D 2 2  ? -8.331  14.034  3.869   1.00 29.24 ? 1117 TYR D CZ  1 
ATOM   1476 O OH  . TYR D 2 2  ? -8.934  14.590  2.755   1.00 37.36 ? 1117 TYR D OH  1 
ATOM   1477 N N   . ALA D 2 3  ? -6.356  9.824   9.330   1.00 19.31 ? 1118 ALA D N   1 
ATOM   1478 C CA  . ALA D 2 3  ? -5.741  9.048   10.405  1.00 17.23 ? 1118 ALA D CA  1 
ATOM   1479 C C   . ALA D 2 3  ? -4.695  8.094   9.859   1.00 19.86 ? 1118 ALA D C   1 
ATOM   1480 O O   . ALA D 2 3  ? -4.719  7.750   8.674   1.00 16.66 ? 1118 ALA D O   1 
ATOM   1481 C CB  . ALA D 2 3  ? -6.794  8.278   11.181  1.00 20.80 ? 1118 ALA D CB  1 
ATOM   1482 N N   . GLU D 2 4  ? -3.784  7.670   10.732  1.00 15.56 ? 1119 GLU D N   1 
ATOM   1483 C CA  . GLU D 2 4  ? -2.686  6.792   10.341  1.00 15.64 ? 1119 GLU D CA  1 
ATOM   1484 C C   . GLU D 2 4  ? -2.982  5.354   10.743  1.00 18.10 ? 1119 GLU D C   1 
ATOM   1485 O O   . GLU D 2 4  ? -3.614  5.101   11.768  1.00 18.70 ? 1119 GLU D O   1 
ATOM   1486 C CB  . GLU D 2 4  ? -1.359  7.273   10.946  1.00 16.56 ? 1119 GLU D CB  1 
ATOM   1487 C CG  . GLU D 2 4  ? -0.841  8.572   10.331  1.00 15.64 ? 1119 GLU D CG  1 
ATOM   1488 C CD  . GLU D 2 4  ? 0.455   9.086   10.956  1.00 17.98 ? 1119 GLU D CD  1 
ATOM   1489 O OE1 . GLU D 2 4  ? 1.015   8.431   11.865  1.00 20.23 ? 1119 GLU D OE1 1 
ATOM   1490 O OE2 . GLU D 2 4  ? 0.916   10.160  10.523  1.00 16.56 ? 1119 GLU D OE2 1 
ATOM   1491 N N   . SER D 2 5  ? -2.545  4.417   9.907   1.00 13.91 ? 1120 SER D N   1 
ATOM   1492 C CA  . SER D 2 5  ? -2.724  2.993   10.160  1.00 14.64 ? 1120 SER D CA  1 
ATOM   1493 C C   . SER D 2 5  ? -1.426  2.261   9.868   1.00 15.89 ? 1120 SER D C   1 
ATOM   1494 O O   . SER D 2 5  ? -0.812  2.477   8.827   1.00 14.34 ? 1120 SER D O   1 
ATOM   1495 C CB  . SER D 2 5  ? -3.835  2.416   9.275   1.00 18.39 ? 1120 SER D CB  1 
ATOM   1496 O OG  . SER D 2 5  ? -3.702  1.002   9.134   1.00 18.70 ? 1120 SER D OG  1 
ATOM   1497 N N   . GLY D 2 6  ? -1.006  1.413   10.799  1.00 11.70 ? 1121 GLY D N   1 
ATOM   1498 C CA  . GLY D 2 6  ? 0.117   0.517   10.590  1.00 11.36 ? 1121 GLY D CA  1 
ATOM   1499 C C   . GLY D 2 6  ? -0.360  -0.921  10.705  1.00 14.99 ? 1121 GLY D C   1 
ATOM   1500 O O   . GLY D 2 6  ? -1.016  -1.297  11.685  1.00 15.10 ? 1121 GLY D O   1 
ATOM   1501 N N   . ILE D 2 7  ? -0.033  -1.728  9.698   1.00 12.75 ? 1122 ILE D N   1 
ATOM   1502 C CA  . ILE D 2 7  ? -0.466  -3.125  9.659   1.00 10.53 ? 1122 ILE D CA  1 
ATOM   1503 C C   . ILE D 2 7  ? 0.692   -4.048  9.313   1.00 10.63 ? 1122 ILE D C   1 
ATOM   1504 O O   . ILE D 2 7  ? 1.585   -3.684  8.549   1.00 9.36  ? 1122 ILE D O   1 
ATOM   1505 C CB  . ILE D 2 7  ? -1.571  -3.332  8.606   1.00 13.96 ? 1122 ILE D CB  1 
ATOM   1506 C CG1 . ILE D 2 7  ? -2.841  -2.580  9.001   1.00 19.44 ? 1122 ILE D CG1 1 
ATOM   1507 C CG2 . ILE D 2 7  ? -1.887  -4.815  8.432   1.00 16.42 ? 1122 ILE D CG2 1 
ATOM   1508 C CD1 . ILE D 2 7  ? -3.823  -2.425  7.838   1.00 18.80 ? 1122 ILE D CD1 1 
ATOM   1509 N N   . GLN D 2 8  ? 0.664   -5.248  9.885   1.00 10.71 ? 1123 GLN D N   1 
ATOM   1510 C CA  . GLN D 2 8  ? 1.620   -6.289  9.547   1.00 11.93 ? 1123 GLN D CA  1 
ATOM   1511 C C   . GLN D 2 8  ? 0.844   -7.559  9.249   1.00 9.69  ? 1123 GLN D C   1 
ATOM   1512 O O   . GLN D 2 8  ? 0.044   -8.001  10.075  1.00 10.48 ? 1123 GLN D O   1 
ATOM   1513 C CB  . GLN D 2 8  ? 2.583   -6.523  10.712  1.00 11.66 ? 1123 GLN D CB  1 
ATOM   1514 C CG  . GLN D 2 8  ? 3.592   -7.634  10.468  1.00 14.78 ? 1123 GLN D CG  1 
ATOM   1515 C CD  . GLN D 2 8  ? 4.521   -7.310  9.330   1.00 14.37 ? 1123 GLN D CD  1 
ATOM   1516 O OE1 . GLN D 2 8  ? 5.111   -6.224  9.286   1.00 11.42 ? 1123 GLN D OE1 1 
ATOM   1517 N NE2 . GLN D 2 8  ? 4.646   -8.235  8.385   1.00 12.89 ? 1123 GLN D NE2 1 
ATOM   1518 N N   . THR D 2 9  ? 1.063   -8.145  8.072   1.00 10.04 ? 1124 THR D N   1 
ATOM   1519 C CA  . THR D 2 9  ? 0.374   -9.377  7.711   1.00 8.64  ? 1124 THR D CA  1 
ATOM   1520 C C   . THR D 2 9  ? 0.731   -10.478 8.700   1.00 13.01 ? 1124 THR D C   1 
ATOM   1521 O O   . THR D 2 9  ? 1.775   -10.417 9.351   1.00 11.47 ? 1124 THR D O   1 
ATOM   1522 C CB  . THR D 2 9  ? 0.738   -9.854  6.300   1.00 9.63  ? 1124 THR D CB  1 
ATOM   1523 O OG1 . THR D 2 9  ? 2.170   -9.914  6.172   1.00 10.54 ? 1124 THR D OG1 1 
ATOM   1524 C CG2 . THR D 2 9  ? 0.147   -8.916  5.245   1.00 7.80  ? 1124 THR D CG2 1 
ATOM   1525 N N   . ASP D 2 10 ? -0.135  -11.480 8.819   1.00 11.39 ? 1125 ASP D N   1 
ATOM   1526 C CA  . ASP D 2 10 ? 0.110   -12.575 9.758   1.00 12.68 ? 1125 ASP D CA  1 
ATOM   1527 C C   . ASP D 2 10 ? 1.395   -13.339 9.429   1.00 17.81 ? 1125 ASP D C   1 
ATOM   1528 O O   . ASP D 2 10 ? 2.114   -13.792 10.324  1.00 16.42 ? 1125 ASP D O   1 
ATOM   1529 C CB  . ASP D 2 10 ? -1.078  -13.543 9.781   1.00 18.21 ? 1125 ASP D CB  1 
ATOM   1530 C CG  . ASP D 2 10 ? -2.380  -12.876 10.235  1.00 20.30 ? 1125 ASP D CG  1 
ATOM   1531 O OD1 . ASP D 2 10 ? -2.342  -11.791 10.860  1.00 16.38 ? 1125 ASP D OD1 1 
ATOM   1532 O OD2 . ASP D 2 10 ? -3.451  -13.463 9.976   1.00 24.12 ? 1125 ASP D OD2 1 
ATOM   1533 N N   . LEU D 2 11 ? 1.668   -13.493 8.139   1.00 12.94 ? 1126 LEU D N   1 
ATOM   1534 C CA  . LEU D 2 11 ? 2.847   -14.213 7.673   1.00 17.98 ? 1126 LEU D CA  1 
ATOM   1535 C C   . LEU D 2 11 ? 3.842   -13.269 7.010   1.00 20.81 ? 1126 LEU D C   1 
ATOM   1536 O O   . LEU D 2 11 ? 4.960   -13.669 6.675   1.00 22.89 ? 1126 LEU D O   1 
ATOM   1537 C CB  . LEU D 2 11 ? 2.440   -15.293 6.672   1.00 14.96 ? 1126 LEU D CB  1 
ATOM   1538 C CG  . LEU D 2 11 ? 1.547   -16.390 7.244   1.00 18.26 ? 1126 LEU D CG  1 
ATOM   1539 C CD1 . LEU D 2 11 ? 1.055   -17.310 6.136   1.00 18.46 ? 1126 LEU D CD1 1 
ATOM   1540 C CD2 . LEU D 2 11 ? 2.323   -17.171 8.293   1.00 21.14 ? 1126 LEU D CD2 1 
ATOM   1541 O OXT . LEU D 2 11 ? 3.542   -12.092 6.780   1.00 14.35 ? 1126 LEU D OXT 1 
HETATM 1542 O O   . HOH E 3 .  ? 15.595  5.479   8.659   1.00 13.42 ? 101  HOH A O   1 
HETATM 1543 O O   . HOH E 3 .  ? 10.399  -3.863  14.511  1.00 13.98 ? 102  HOH A O   1 
HETATM 1544 O O   . HOH E 3 .  ? 9.522   -10.608 -3.560  1.00 15.61 ? 103  HOH A O   1 
HETATM 1545 O O   . HOH E 3 .  ? -1.611  2.036   -14.641 1.00 16.24 ? 104  HOH A O   1 
HETATM 1546 O O   . HOH E 3 .  ? 12.533  13.436  8.373   1.00 15.65 ? 105  HOH A O   1 
HETATM 1547 O O   . HOH E 3 .  ? 7.972   -8.399  9.211   1.00 14.00 ? 106  HOH A O   1 
HETATM 1548 O O   . HOH E 3 .  ? 3.109   6.159   -12.502 1.00 10.00 ? 107  HOH A O   1 
HETATM 1549 O O   . HOH E 3 .  ? 0.633   13.159  7.445   1.00 20.85 ? 108  HOH A O   1 
HETATM 1550 O O   . HOH E 3 .  ? 11.676  -11.508 -2.265  1.00 15.35 ? 109  HOH A O   1 
HETATM 1551 O O   . HOH E 3 .  ? 2.784   18.508  1.526   1.00 24.42 ? 110  HOH A O   1 
HETATM 1552 O O   . HOH E 3 .  ? 1.116   18.136  -0.555  1.00 21.44 ? 111  HOH A O   1 
HETATM 1553 O O   . HOH E 3 .  ? 4.743   0.972   13.055  1.00 28.09 ? 112  HOH A O   1 
HETATM 1554 O O   . HOH E 3 .  ? 11.430  8.339   -12.581 1.00 20.17 ? 113  HOH A O   1 
HETATM 1555 O O   . HOH E 3 .  ? 16.375  -3.992  15.359  1.00 27.02 ? 114  HOH A O   1 
HETATM 1556 O O   . HOH E 3 .  ? 11.940  12.920  11.139  1.00 26.99 ? 115  HOH A O   1 
HETATM 1557 O O   . HOH E 3 .  ? 5.652   12.234  10.606  1.00 20.93 ? 116  HOH A O   1 
HETATM 1558 O O   . HOH E 3 .  ? 13.550  15.858  8.478   1.00 25.54 ? 117  HOH A O   1 
HETATM 1559 O O   . HOH E 3 .  ? 17.146  -7.444  -4.704  1.00 25.80 ? 118  HOH A O   1 
HETATM 1560 O O   . HOH E 3 .  ? 18.426  0.331   -9.736  1.00 25.82 ? 119  HOH A O   1 
HETATM 1561 O O   . HOH E 3 .  ? 11.287  6.424   -14.314 1.00 26.73 ? 120  HOH A O   1 
HETATM 1562 O O   . HOH E 3 .  ? 21.944  2.522   6.222   1.00 28.56 ? 121  HOH A O   1 
HETATM 1563 O O   . HOH E 3 .  ? 8.203   2.604   12.963  1.00 17.30 ? 122  HOH A O   1 
HETATM 1564 O O   . HOH E 3 .  ? 7.284   13.309  -13.463 1.00 25.42 ? 123  HOH A O   1 
HETATM 1565 O O   . HOH E 3 .  ? 16.687  -6.661  3.056   1.00 30.01 ? 124  HOH A O   1 
HETATM 1566 O O   . HOH E 3 .  ? 14.656  4.982   11.294  1.00 18.90 ? 125  HOH A O   1 
HETATM 1567 O O   . HOH E 3 .  ? 15.621  -5.443  9.274   1.00 21.70 ? 126  HOH A O   1 
HETATM 1568 O O   . HOH E 3 .  ? -1.760  13.745  6.006   1.00 21.49 ? 127  HOH A O   1 
HETATM 1569 O O   . HOH E 3 .  ? 14.652  11.821  7.725   1.00 21.57 ? 128  HOH A O   1 
HETATM 1570 O O   . HOH E 3 .  ? 21.425  4.593   4.837   1.00 20.92 ? 129  HOH A O   1 
HETATM 1571 O O   . HOH E 3 .  ? 5.702   3.369   13.072  1.00 27.63 ? 130  HOH A O   1 
HETATM 1572 O O   . HOH E 3 .  ? 17.098  8.410   8.360   1.00 27.35 ? 131  HOH A O   1 
HETATM 1573 O O   . HOH E 3 .  ? 19.028  9.220   6.714   1.00 31.20 ? 132  HOH A O   1 
HETATM 1574 O O   . HOH E 3 .  ? 4.438   15.069  10.204  1.00 31.28 ? 133  HOH A O   1 
HETATM 1575 O O   . HOH E 3 .  ? 20.887  -1.456  5.728   1.00 25.43 ? 134  HOH A O   1 
HETATM 1576 O O   . HOH E 3 .  ? 15.531  -7.194  -6.944  1.00 32.29 ? 135  HOH A O   1 
HETATM 1577 O O   . HOH E 3 .  ? 15.098  9.187   -10.616 1.00 32.06 ? 136  HOH A O   1 
HETATM 1578 O O   . HOH E 3 .  ? 12.700  -14.664 1.976   1.00 32.40 ? 137  HOH A O   1 
HETATM 1579 O O   . HOH E 3 .  ? 2.958   18.875  5.472   1.00 35.58 ? 138  HOH A O   1 
HETATM 1580 O O   . HOH E 3 .  ? 2.416   0.751   14.195  1.00 33.04 ? 139  HOH A O   1 
HETATM 1581 O O   . HOH E 3 .  ? 10.160  14.384  -7.725  1.00 27.48 ? 140  HOH A O   1 
HETATM 1582 O O   . HOH E 3 .  ? 2.132   15.220  8.776   1.00 35.19 ? 141  HOH A O   1 
HETATM 1583 O O   . HOH E 3 .  ? 13.769  -11.743 -4.234  1.00 36.20 ? 142  HOH A O   1 
HETATM 1584 O O   . HOH E 3 .  ? 10.057  11.148  11.611  1.00 28.77 ? 143  HOH A O   1 
HETATM 1585 O O   . HOH E 3 .  ? 15.797  -8.602  4.692   1.00 38.69 ? 144  HOH A O   1 
HETATM 1586 O O   . HOH E 3 .  ? 10.946  16.640  -6.485  1.00 38.16 ? 145  HOH A O   1 
HETATM 1587 O O   . HOH E 3 .  ? -0.203  16.034  -4.134  1.00 30.70 ? 146  HOH A O   1 
HETATM 1588 O O   . HOH E 3 .  ? 7.906   19.240  8.927   1.00 33.66 ? 147  HOH A O   1 
HETATM 1589 O O   . HOH E 3 .  ? 14.165  16.831  -3.592  1.00 30.60 ? 148  HOH A O   1 
HETATM 1590 O O   . HOH E 3 .  ? 15.811  15.644  -1.610  1.00 33.24 ? 149  HOH A O   1 
HETATM 1591 O O   . HOH E 3 .  ? 14.501  15.910  -6.041  1.00 35.08 ? 150  HOH A O   1 
HETATM 1592 O O   . HOH E 3 .  ? 13.893  11.680  12.413  1.00 38.42 ? 151  HOH A O   1 
HETATM 1593 O O   . HOH E 3 .  ? 16.697  12.949  6.591   1.00 29.70 ? 152  HOH A O   1 
HETATM 1594 O O   . HOH E 3 .  ? 20.678  1.783   -6.148  1.00 39.55 ? 153  HOH A O   1 
HETATM 1595 O O   . HOH E 3 .  ? 12.241  -2.659  -13.947 1.00 32.36 ? 154  HOH A O   1 
HETATM 1596 O O   . HOH E 3 .  ? 21.691  2.888   10.170  1.00 31.23 ? 155  HOH A O   1 
HETATM 1597 O O   . HOH E 3 .  ? 18.997  -5.666  -3.748  1.00 25.52 ? 156  HOH A O   1 
HETATM 1598 O O   . HOH E 3 .  ? -3.735  12.701  0.393   1.00 22.60 ? 157  HOH A O   1 
HETATM 1599 O O   . HOH E 3 .  ? 8.782   16.476  -2.556  1.00 33.71 ? 158  HOH A O   1 
HETATM 1600 O O   . HOH E 3 .  ? 13.561  -11.974 5.668   1.00 36.39 ? 159  HOH A O   1 
HETATM 1601 O O   . HOH E 3 .  ? 11.192  16.906  -3.332  1.00 37.33 ? 160  HOH A O   1 
HETATM 1602 O O   . HOH E 3 .  ? 11.058  -9.336  6.339   1.00 36.42 ? 161  HOH A O   1 
HETATM 1603 O O   . HOH E 3 .  ? -6.062  7.617   -10.102 1.00 23.98 ? 162  HOH A O   1 
HETATM 1604 O O   . HOH E 3 .  ? 12.115  -7.557  7.706   1.00 30.34 ? 163  HOH A O   1 
HETATM 1605 O O   . HOH E 3 .  ? 15.111  -2.791  -12.868 1.00 34.93 ? 164  HOH A O   1 
HETATM 1606 O O   . HOH E 3 .  ? 11.436  -10.429 10.519  1.00 33.48 ? 165  HOH A O   1 
HETATM 1607 O O   . HOH E 3 .  ? 4.406   20.494  6.489   1.00 40.67 ? 166  HOH A O   1 
HETATM 1608 O O   . HOH E 3 .  ? 4.631   17.636  7.571   1.00 34.39 ? 167  HOH A O   1 
HETATM 1609 O O   . HOH E 3 .  ? 18.257  11.187  4.767   1.00 35.67 ? 168  HOH A O   1 
HETATM 1610 O O   . HOH E 3 .  ? 16.638  4.455   -11.127 1.00 34.41 ? 169  HOH A O   1 
HETATM 1611 O O   . HOH E 3 .  ? 11.852  -7.544  -12.530 1.00 34.18 ? 170  HOH A O   1 
HETATM 1612 O O   . HOH E 3 .  ? 14.501  5.995   -10.865 1.00 37.79 ? 171  HOH A O   1 
HETATM 1613 O O   . HOH E 3 .  ? 22.526  6.669   5.793   1.00 29.34 ? 172  HOH A O   1 
HETATM 1614 O O   . HOH E 3 .  ? 12.827  18.834  7.848   1.00 31.00 ? 173  HOH A O   1 
HETATM 1615 O O   . HOH E 3 .  ? 11.127  20.127  6.434   1.00 34.81 ? 174  HOH A O   1 
HETATM 1616 O O   . HOH E 3 .  ? 8.782   4.785   14.139  1.00 21.90 ? 175  HOH A O   1 
HETATM 1617 O O   . HOH E 3 .  ? 12.795  -9.956  -13.082 1.00 34.78 ? 176  HOH A O   1 
HETATM 1618 O O   . HOH E 3 .  ? 18.759  3.682   -8.679  1.00 40.99 ? 177  HOH A O   1 
HETATM 1619 O O   . HOH E 3 .  ? -2.904  15.176  8.014   1.00 33.65 ? 178  HOH A O   1 
HETATM 1620 O O   . HOH E 3 .  ? 14.112  -11.222 -10.799 1.00 42.20 ? 179  HOH A O   1 
HETATM 1621 O O   . HOH E 3 .  ? 8.061   19.561  11.328  1.00 39.55 ? 180  HOH A O   1 
HETATM 1622 O O   . HOH E 3 .  ? 15.078  -14.015 3.429   1.00 37.38 ? 181  HOH A O   1 
HETATM 1623 O O   . HOH E 3 .  ? 13.237  10.972  -13.890 1.00 37.04 ? 182  HOH A O   1 
HETATM 1624 O O   . HOH E 3 .  ? 18.600  15.191  -0.904  1.00 32.92 ? 183  HOH A O   1 
HETATM 1625 O O   . HOH E 3 .  ? 1.438   21.047  7.187   1.00 38.20 ? 184  HOH A O   1 
HETATM 1626 O O   . HOH F 3 .  ? 3.949   2.878   -12.123 1.00 11.93 ? 1201 HOH B O   1 
HETATM 1627 O O   . HOH F 3 .  ? 5.719   -4.627  -10.881 1.00 16.75 ? 1202 HOH B O   1 
HETATM 1628 O O   . HOH F 3 .  ? 4.597   0.161   -11.952 1.00 18.31 ? 1203 HOH B O   1 
HETATM 1629 O O   . HOH F 3 .  ? 8.484   -5.287  -11.049 1.00 25.10 ? 1204 HOH B O   1 
HETATM 1630 O O   . HOH F 3 .  ? 6.001   -0.893  -14.141 1.00 32.09 ? 1205 HOH B O   1 
HETATM 1631 O O   . HOH F 3 .  ? 8.529   -6.658  -8.924  1.00 25.70 ? 1206 HOH B O   1 
HETATM 1632 O O   . HOH F 3 .  ? 3.796   -12.622 -11.092 1.00 28.18 ? 1207 HOH B O   1 
HETATM 1633 O O   . HOH F 3 .  ? 6.544   -9.256  -10.628 1.00 27.42 ? 1208 HOH B O   1 
HETATM 1634 O O   . HOH F 3 .  ? -7.821  3.881   -14.314 1.00 31.46 ? 1209 HOH B O   1 
HETATM 1635 O O   . HOH F 3 .  ? 8.328   0.377   -14.975 1.00 35.87 ? 1210 HOH B O   1 
HETATM 1636 O O   . HOH F 3 .  ? 0.096   14.809  -9.546  1.00 22.87 ? 1211 HOH B O   1 
HETATM 1637 O O   . HOH F 3 .  ? 5.179   -16.314 -3.763  1.00 36.52 ? 1212 HOH B O   1 
HETATM 1638 O O   . HOH F 3 .  ? 5.834   -12.033 -9.967  1.00 34.79 ? 1213 HOH B O   1 
HETATM 1639 O O   . HOH F 3 .  ? 2.607   -13.576 -8.528  1.00 31.23 ? 1214 HOH B O   1 
HETATM 1640 O O   . HOH F 3 .  ? 9.714   -6.042  -13.198 1.00 38.10 ? 1215 HOH B O   1 
HETATM 1641 O O   . HOH F 3 .  ? 6.285   -15.798 -7.917  1.00 42.00 ? 1216 HOH B O   1 
HETATM 1642 O O   . HOH G 3 .  ? -0.323  -13.302 5.693   1.00 10.36 ? 101  HOH C O   1 
HETATM 1643 O O   . HOH G 3 .  ? -10.009 -16.496 -14.107 1.00 14.78 ? 102  HOH C O   1 
HETATM 1644 O O   . HOH G 3 .  ? -5.003  -12.750 -12.513 1.00 12.23 ? 103  HOH C O   1 
HETATM 1645 O O   . HOH G 3 .  ? -11.989 -18.033 -12.830 1.00 15.26 ? 104  HOH C O   1 
HETATM 1646 O O   . HOH G 3 .  ? -9.254  4.676   -11.172 1.00 20.07 ? 105  HOH C O   1 
HETATM 1647 O O   . HOH G 3 .  ? -14.755 -7.282  -8.673  1.00 15.20 ? 106  HOH C O   1 
HETATM 1648 O O   . HOH G 3 .  ? -17.946 -1.253  9.438   1.00 17.73 ? 107  HOH C O   1 
HETATM 1649 O O   . HOH G 3 .  ? -15.480 1.266   11.603  1.00 20.66 ? 108  HOH C O   1 
HETATM 1650 O O   . HOH G 3 .  ? -1.543  -15.576 4.643   1.00 11.95 ? 109  HOH C O   1 
HETATM 1651 O O   . HOH G 3 .  ? -17.654 0.558   -9.605  1.00 20.67 ? 110  HOH C O   1 
HETATM 1652 O O   . HOH G 3 .  ? -8.135  -15.954 -7.053  1.00 17.70 ? 111  HOH C O   1 
HETATM 1653 O O   . HOH G 3 .  ? -23.661 1.195   7.176   1.00 25.25 ? 112  HOH C O   1 
HETATM 1654 O O   . HOH G 3 .  ? -1.015  11.171  8.748   1.00 17.24 ? 113  HOH C O   1 
HETATM 1655 O O   . HOH G 3 .  ? -14.232 -10.295 10.722  1.00 20.90 ? 114  HOH C O   1 
HETATM 1656 O O   . HOH G 3 .  ? -7.019  -7.637  14.311  1.00 16.08 ? 115  HOH C O   1 
HETATM 1657 O O   . HOH G 3 .  ? -8.228  -10.333 13.868  1.00 29.33 ? 116  HOH C O   1 
HETATM 1658 O O   . HOH G 3 .  ? -17.702 -6.244  -8.914  1.00 24.12 ? 117  HOH C O   1 
HETATM 1659 O O   . HOH G 3 .  ? 0.205   -12.618 -6.964  1.00 16.27 ? 118  HOH C O   1 
HETATM 1660 O O   . HOH G 3 .  ? -16.416 -2.982  10.576  1.00 17.56 ? 119  HOH C O   1 
HETATM 1661 O O   . HOH G 3 .  ? -2.365  -5.825  -13.603 1.00 25.59 ? 120  HOH C O   1 
HETATM 1662 O O   . HOH G 3 .  ? -9.093  12.486  -4.496  1.00 19.89 ? 121  HOH C O   1 
HETATM 1663 O O   . HOH G 3 .  ? -1.528  0.263   7.145   1.00 17.40 ? 122  HOH C O   1 
HETATM 1664 O O   . HOH G 3 .  ? -8.284  -16.240 6.044   1.00 22.25 ? 123  HOH C O   1 
HETATM 1665 O O   . HOH G 3 .  ? -22.077 1.305   9.926   1.00 26.97 ? 124  HOH C O   1 
HETATM 1666 O O   . HOH G 3 .  ? -13.830 11.474  -7.545  1.00 24.74 ? 125  HOH C O   1 
HETATM 1667 O O   . HOH G 3 .  ? -19.382 -6.869  -6.909  1.00 26.71 ? 126  HOH C O   1 
HETATM 1668 O O   . HOH G 3 .  ? -18.355 -1.887  -8.864  1.00 29.82 ? 127  HOH C O   1 
HETATM 1669 O O   . HOH G 3 .  ? -10.866 12.201  -1.562  1.00 23.95 ? 128  HOH C O   1 
HETATM 1670 O O   . HOH G 3 .  ? -1.792  -8.399  -15.377 1.00 23.20 ? 129  HOH C O   1 
HETATM 1671 O O   . HOH G 3 .  ? -16.529 -0.108  -12.100 1.00 31.17 ? 130  HOH C O   1 
HETATM 1672 O O   . HOH G 3 .  ? -21.028 4.622   3.933   1.00 30.43 ? 131  HOH C O   1 
HETATM 1673 O O   . HOH G 3 .  ? 2.253   -16.878 -3.101  1.00 28.12 ? 132  HOH C O   1 
HETATM 1674 O O   . HOH G 3 .  ? -14.674 -15.391 -4.577  1.00 23.34 ? 133  HOH C O   1 
HETATM 1675 O O   . HOH G 3 .  ? -3.207  11.948  9.879   1.00 28.99 ? 134  HOH C O   1 
HETATM 1676 O O   . HOH G 3 .  ? -1.065  -15.195 -4.640  1.00 34.76 ? 135  HOH C O   1 
HETATM 1677 O O   . HOH G 3 .  ? -16.707 -10.899 7.422   1.00 35.78 ? 136  HOH C O   1 
HETATM 1678 O O   . HOH G 3 .  ? -9.935  -17.662 -9.400  1.00 24.71 ? 137  HOH C O   1 
HETATM 1679 O O   . HOH G 3 .  ? -21.702 3.803   1.359   1.00 34.02 ? 138  HOH C O   1 
HETATM 1680 O O   . HOH G 3 .  ? -10.520 -10.680 14.786  1.00 27.48 ? 139  HOH C O   1 
HETATM 1681 O O   . HOH G 3 .  ? -8.342  -16.150 -1.412  1.00 21.92 ? 140  HOH C O   1 
HETATM 1682 O O   . HOH G 3 .  ? -6.153  -17.149 -2.921  1.00 23.66 ? 141  HOH C O   1 
HETATM 1683 O O   . HOH G 3 .  ? -6.472  3.800   11.277  1.00 29.49 ? 142  HOH C O   1 
HETATM 1684 O O   . HOH G 3 .  ? -11.698 3.692   -11.929 1.00 28.76 ? 143  HOH C O   1 
HETATM 1685 O O   . HOH G 3 .  ? -20.272 1.538   -10.027 1.00 32.36 ? 144  HOH C O   1 
HETATM 1686 O O   . HOH G 3 .  ? -23.273 -2.616  1.060   1.00 29.89 ? 145  HOH C O   1 
HETATM 1687 O O   . HOH G 3 .  ? -1.050  -15.295 -7.425  1.00 33.97 ? 146  HOH C O   1 
HETATM 1688 O O   . HOH G 3 .  ? -7.362  10.200  -8.298  1.00 23.04 ? 147  HOH C O   1 
HETATM 1689 O O   . HOH G 3 .  ? -25.417 -2.337  10.572  1.00 35.25 ? 148  HOH C O   1 
HETATM 1690 O O   . HOH G 3 .  ? -17.429 -8.240  8.035   1.00 37.42 ? 149  HOH C O   1 
HETATM 1691 O O   . HOH G 3 .  ? -4.285  -15.770 -6.217  1.00 24.10 ? 150  HOH C O   1 
HETATM 1692 O O   . HOH G 3 .  ? -2.302  0.019   -16.915 1.00 33.87 ? 151  HOH C O   1 
HETATM 1693 O O   . HOH G 3 .  ? -3.309  -16.389 -3.466  1.00 28.22 ? 152  HOH C O   1 
HETATM 1694 O O   . HOH G 3 .  ? -4.691  -5.845  -14.243 1.00 29.57 ? 153  HOH C O   1 
HETATM 1695 O O   . HOH G 3 .  ? -20.891 -5.433  9.603   1.00 31.08 ? 154  HOH C O   1 
HETATM 1696 O O   . HOH G 3 .  ? -22.641 -0.050  12.595  1.00 31.11 ? 155  HOH C O   1 
HETATM 1697 O O   . HOH G 3 .  ? -4.374  -8.418  14.033  1.00 30.16 ? 156  HOH C O   1 
HETATM 1698 O O   . HOH G 3 .  ? -17.561 5.315   5.633   1.00 27.42 ? 157  HOH C O   1 
HETATM 1699 O O   . HOH G 3 .  ? -18.429 -13.872 -5.306  1.00 35.07 ? 158  HOH C O   1 
HETATM 1700 O O   . HOH G 3 .  ? -19.075 6.674   3.901   1.00 31.06 ? 159  HOH C O   1 
HETATM 1701 O O   . HOH G 3 .  ? -11.287 -16.273 4.764   1.00 29.52 ? 160  HOH C O   1 
HETATM 1702 O O   . HOH G 3 .  ? -10.323 11.627  1.396   1.00 28.16 ? 161  HOH C O   1 
HETATM 1703 O O   . HOH G 3 .  ? -20.647 -10.568 -0.541  1.00 34.87 ? 162  HOH C O   1 
HETATM 1704 O O   . HOH G 3 .  ? -4.001  -18.530 -6.940  1.00 32.08 ? 163  HOH C O   1 
HETATM 1705 O O   . HOH G 3 .  ? -3.849  -17.240 -13.010 1.00 10.73 ? 164  HOH C O   1 
HETATM 1706 O O   . HOH G 3 .  ? -12.368 6.247   -12.706 1.00 30.13 ? 165  HOH C O   1 
HETATM 1707 O O   . HOH G 3 .  ? -10.296 -13.298 14.506  1.00 37.85 ? 166  HOH C O   1 
HETATM 1708 O O   . HOH G 3 .  ? -2.326  -5.046  -15.959 1.00 35.82 ? 167  HOH C O   1 
HETATM 1709 O O   . HOH G 3 .  ? -4.541  -4.907  12.085  1.00 30.47 ? 168  HOH C O   1 
HETATM 1710 O O   . HOH G 3 .  ? -5.374  12.238  2.210   1.00 21.43 ? 169  HOH C O   1 
HETATM 1711 O O   . HOH G 3 .  ? -3.554  -19.507 -11.772 1.00 27.27 ? 170  HOH C O   1 
HETATM 1712 O O   . HOH G 3 .  ? -16.176 7.574   -0.481  1.00 31.31 ? 171  HOH C O   1 
HETATM 1713 O O   . HOH G 3 .  ? 1.351   -14.341 -5.041  1.00 34.15 ? 172  HOH C O   1 
HETATM 1714 O O   . HOH G 3 .  ? -14.950 11.199  6.266   1.00 37.08 ? 173  HOH C O   1 
HETATM 1715 O O   . HOH G 3 .  ? -21.008 -4.715  -5.786  1.00 38.67 ? 174  HOH C O   1 
HETATM 1716 O O   . HOH G 3 .  ? -20.569 -2.621  -6.835  1.00 36.78 ? 175  HOH C O   1 
HETATM 1717 O O   . HOH G 3 .  ? -13.822 -0.057  -12.782 1.00 32.99 ? 176  HOH C O   1 
HETATM 1718 O O   . HOH G 3 .  ? -2.059  -18.806 -3.228  1.00 31.10 ? 177  HOH C O   1 
HETATM 1719 O O   . HOH G 3 .  ? 8.052   -10.446 7.180   1.00 33.18 ? 178  HOH C O   1 
HETATM 1720 O O   . HOH G 3 .  ? -13.626 12.308  -4.471  1.00 35.60 ? 179  HOH C O   1 
HETATM 1721 O O   . HOH G 3 .  ? -16.818 3.607   12.344  1.00 35.15 ? 180  HOH C O   1 
HETATM 1722 O O   . HOH G 3 .  ? -12.102 -14.844 12.828  1.00 36.74 ? 181  HOH C O   1 
HETATM 1723 O O   . HOH G 3 .  ? -9.733  -17.560 -5.349  1.00 39.44 ? 182  HOH C O   1 
HETATM 1724 O O   . HOH G 3 .  ? -13.866 -13.236 11.798  1.00 33.38 ? 183  HOH C O   1 
HETATM 1725 O O   . HOH G 3 .  ? -18.468 7.286   1.474   1.00 40.00 ? 184  HOH C O   1 
HETATM 1726 O O   . HOH G 3 .  ? -17.879 -13.234 -9.476  1.00 36.49 ? 185  HOH C O   1 
HETATM 1727 O O   . HOH G 3 .  ? -7.250  -15.234 11.321  1.00 33.78 ? 186  HOH C O   1 
HETATM 1728 O O   . HOH G 3 .  ? -18.871 -11.061 -4.896  1.00 31.24 ? 187  HOH C O   1 
HETATM 1729 O O   . HOH G 3 .  ? -15.303 -13.212 9.678   1.00 36.12 ? 188  HOH C O   1 
HETATM 1730 O O   . HOH G 3 .  ? -4.180  -0.071  -15.614 1.00 31.30 ? 189  HOH C O   1 
HETATM 1731 O O   . HOH G 3 .  ? -11.549 -3.241  -13.642 1.00 28.73 ? 190  HOH C O   1 
HETATM 1732 O O   . HOH G 3 .  ? -17.848 7.910   7.413   1.00 36.37 ? 191  HOH C O   1 
HETATM 1733 O O   . HOH G 3 .  ? -6.646  -5.139  -12.531 1.00 25.97 ? 192  HOH C O   1 
HETATM 1734 O O   . HOH G 3 .  ? -20.781 3.545   11.479  1.00 31.15 ? 193  HOH C O   1 
HETATM 1735 O O   . HOH G 3 .  ? -13.404 13.095  -0.355  1.00 35.85 ? 194  HOH C O   1 
HETATM 1736 O O   . HOH G 3 .  ? -22.754 5.047   10.188  1.00 43.31 ? 195  HOH C O   1 
HETATM 1737 O O   . HOH H 3 .  ? -2.359  -9.224  10.094  1.00 15.95 ? 1201 HOH D O   1 
HETATM 1738 O O   . HOH H 3 .  ? -1.123  -5.531  12.244  1.00 18.32 ? 1202 HOH D O   1 
HETATM 1739 O O   . HOH H 3 .  ? -0.263  -3.235  13.639  1.00 17.01 ? 1203 HOH D O   1 
HETATM 1740 O O   . HOH H 3 .  ? 3.359   11.036  9.692   1.00 16.03 ? 1204 HOH D O   1 
HETATM 1741 O O   . HOH H 3 .  ? -3.178  -7.280  12.050  1.00 24.60 ? 1205 HOH D O   1 
HETATM 1742 O O   . HOH H 3 .  ? -2.155  1.542   13.405  1.00 25.58 ? 1206 HOH D O   1 
HETATM 1743 O O   . HOH H 3 .  ? -3.500  -2.506  12.489  1.00 28.85 ? 1207 HOH D O   1 
HETATM 1744 O O   . HOH H 3 .  ? -6.568  1.252   12.603  1.00 27.59 ? 1208 HOH D O   1 
HETATM 1745 O O   . HOH H 3 .  ? 0.329   -7.858  13.978  1.00 35.65 ? 1209 HOH D O   1 
HETATM 1746 O O   . HOH H 3 .  ? 4.489   -11.228 9.757   1.00 25.23 ? 1210 HOH D O   1 
HETATM 1747 O O   . HOH H 3 .  ? -4.783  -0.155  11.666  1.00 28.07 ? 1211 HOH D O   1 
HETATM 1748 O O   . HOH H 3 .  ? -3.816  8.712   13.308  1.00 32.02 ? 1212 HOH D O   1 
HETATM 1749 O O   . HOH H 3 .  ? 0.761   -9.758  12.458  1.00 30.56 ? 1213 HOH D O   1 
HETATM 1750 O O   . HOH H 3 .  ? 2.797   9.905   13.355  1.00 28.62 ? 1214 HOH D O   1 
HETATM 1751 O O   . HOH H 3 .  ? -1.199  -2.458  16.030  1.00 36.82 ? 1215 HOH D O   1 
HETATM 1752 O O   . HOH H 3 .  ? -6.693  -14.880 8.683   1.00 28.64 ? 1216 HOH D O   1 
HETATM 1753 O O   . HOH H 3 .  ? -3.201  -0.810  14.460  1.00 31.05 ? 1217 HOH D O   1 
HETATM 1754 O O   . HOH H 3 .  ? -4.051  -15.210 8.153   1.00 31.37 ? 1218 HOH D O   1 
HETATM 1755 O O   . HOH H 3 .  ? 5.021   -14.092 10.748  1.00 31.22 ? 1219 HOH D O   1 
HETATM 1756 O O   . HOH H 3 .  ? 7.463   -13.026 7.685   1.00 35.68 ? 1220 HOH D O   1 
HETATM 1757 O O   . HOH H 3 .  ? -1.469  7.629   14.966  1.00 37.29 ? 1221 HOH D O   1 
HETATM 1758 O O   . HOH H 3 .  ? 3.289   -10.588 12.631  1.00 35.00 ? 1222 HOH D O   1 
# 
loop_
_pdbx_poly_seq_scheme.asym_id 
_pdbx_poly_seq_scheme.entity_id 
_pdbx_poly_seq_scheme.seq_id 
_pdbx_poly_seq_scheme.mon_id 
_pdbx_poly_seq_scheme.ndb_seq_num 
_pdbx_poly_seq_scheme.pdb_seq_num 
_pdbx_poly_seq_scheme.auth_seq_num 
_pdbx_poly_seq_scheme.pdb_mon_id 
_pdbx_poly_seq_scheme.auth_mon_id 
_pdbx_poly_seq_scheme.pdb_strand_id 
_pdbx_poly_seq_scheme.pdb_ins_code 
_pdbx_poly_seq_scheme.hetero 
A 1 1  GLY 1  -4   ?    ?   ?   A . n 
A 1 2  PRO 2  -3   ?    ?   ?   A . n 
A 1 3  LEU 3  -2   ?    ?   ?   A . n 
A 1 4  GLY 4  -1   ?    ?   ?   A . n 
A 1 5  SER 5  0    ?    ?   ?   A . n 
A 1 6  MET 6  1    ?    ?   ?   A . n 
A 1 7  SER 7  2    ?    ?   ?   A . n 
A 1 8  ASP 8  3    ?    ?   ?   A . n 
A 1 9  GLU 9  4    ?    ?   ?   A . n 
A 1 10 ASN 10 5    ?    ?   ?   A . n 
A 1 11 LYS 11 6    ?    ?   ?   A . n 
A 1 12 SER 12 7    7    SER SER A . n 
A 1 13 THR 13 8    8    THR THR A . n 
A 1 14 PRO 14 9    9    PRO PRO A . n 
A 1 15 ILE 15 10   10   ILE ILE A . n 
A 1 16 VAL 16 11   11   VAL VAL A . n 
A 1 17 LYS 17 12   12   LYS LYS A . n 
A 1 18 ALA 18 13   13   ALA ALA A . n 
A 1 19 SER 19 14   14   SER SER A . n 
A 1 20 ASP 20 15   15   ASP ASP A . n 
A 1 21 ILE 21 16   16   ILE ILE A . n 
A 1 22 THR 22 17   17   THR THR A . n 
A 1 23 ASP 23 18   18   ASP ASP A . n 
A 1 24 LYS 24 19   19   LYS LYS A . n 
A 1 25 LEU 25 20   20   LEU LEU A . n 
A 1 26 LYS 26 21   21   LYS LYS A . n 
A 1 27 GLU 27 22   22   GLU GLU A . n 
A 1 28 ASP 28 23   23   ASP ASP A . n 
A 1 29 ILE 29 24   24   ILE ILE A . n 
A 1 30 LEU 30 25   25   LEU LEU A . n 
A 1 31 THR 31 26   26   THR THR A . n 
A 1 32 ILE 32 27   27   ILE ILE A . n 
A 1 33 SER 33 28   28   SER SER A . n 
A 1 34 LYS 34 29   29   LYS LYS A . n 
A 1 35 ASP 35 30   30   ASP ASP A . n 
A 1 36 ALA 36 31   31   ALA ALA A . n 
A 1 37 LEU 37 32   32   LEU LEU A . n 
A 1 38 ASP 38 33   33   ASP ASP A . n 
A 1 39 LYS 39 34   34   LYS LYS A . n 
A 1 40 TYR 40 35   35   TYR TYR A . n 
A 1 41 GLN 41 36   36   GLN GLN A . n 
A 1 42 LEU 42 37   37   LEU LEU A . n 
A 1 43 GLU 43 38   38   GLU GLU A . n 
A 1 44 ARG 44 39   39   ARG ARG A . n 
A 1 45 ASP 45 40   40   ASP ASP A . n 
A 1 46 ILE 46 41   41   ILE ILE A . n 
A 1 47 ALA 47 42   42   ALA ALA A . n 
A 1 48 GLY 48 43   43   GLY GLY A . n 
A 1 49 THR 49 44   44   THR THR A . n 
A 1 50 VAL 50 45   45   VAL VAL A . n 
A 1 51 LYS 51 46   46   LYS LYS A . n 
A 1 52 LYS 52 47   47   LYS LYS A . n 
A 1 53 GLN 53 48   48   GLN GLN A . n 
A 1 54 LEU 54 49   49   LEU LEU A . n 
A 1 55 ASP 55 50   50   ASP ASP A . n 
A 1 56 VAL 56 51   51   VAL VAL A . n 
A 1 57 LYS 57 52   52   LYS LYS A . n 
A 1 58 TYR 58 53   53   TYR TYR A . n 
A 1 59 GLY 59 54   54   GLY GLY A . n 
A 1 60 ASN 60 55   55   ASN ASN A . n 
A 1 61 THR 61 56   56   THR THR A . n 
A 1 62 TRP 62 57   57   TRP TRP A . n 
A 1 63 HIS 63 58   58   HIS HIS A . n 
A 1 64 VAL 64 59   59   VAL VAL A . n 
A 1 65 ILE 65 60   60   ILE ILE A . n 
A 1 66 VAL 66 61   61   VAL VAL A . n 
A 1 67 GLY 67 62   62   GLY GLY A . n 
A 1 68 LYS 68 63   63   LYS LYS A . n 
A 1 69 ASN 69 64   64   ASN ASN A . n 
A 1 70 PHE 70 65   65   PHE PHE A . n 
A 1 71 GLY 71 66   66   GLY GLY A . n 
A 1 72 SER 72 67   67   SER SER A . n 
A 1 73 TYR 73 68   68   TYR TYR A . n 
A 1 74 VAL 74 69   69   VAL VAL A . n 
A 1 75 THR 75 70   70   THR THR A . n 
A 1 76 HIS 76 71   71   HIS HIS A . n 
A 1 77 GLU 77 72   72   GLU GLU A . n 
A 1 78 LYS 78 73   73   LYS LYS A . n 
A 1 79 GLY 79 74   74   GLY GLY A . n 
A 1 80 HIS 80 75   75   HIS HIS A . n 
A 1 81 PHE 81 76   76   PHE PHE A . n 
A 1 82 VAL 82 77   77   VAL VAL A . n 
A 1 83 TYR 83 78   78   TYR TYR A . n 
A 1 84 PHE 84 79   79   PHE PHE A . n 
A 1 85 TYR 85 80   80   TYR TYR A . n 
A 1 86 ILE 86 81   81   ILE ILE A . n 
A 1 87 GLY 87 82   82   GLY GLY A . n 
A 1 88 PRO 88 83   83   PRO PRO A . n 
A 1 89 LEU 89 84   84   LEU LEU A . n 
A 1 90 ALA 90 85   85   ALA ALA A . n 
A 1 91 PHE 91 86   86   PHE PHE A . n 
A 1 92 LEU 92 87   87   LEU LEU A . n 
A 1 93 VAL 93 88   88   VAL VAL A . n 
A 1 94 PHE 94 89   89   PHE PHE A . n 
A 1 95 LYS 95 90   90   LYS LYS A . n 
A 1 96 THR 96 91   91   THR THR A . n 
A 1 97 ALA 97 92   92   ALA ALA A . n 
B 2 1  ASN 1  1116 ?    ?   ?   B . n 
B 2 2  TYR 2  1117 1117 TYR TYR B . n 
B 2 3  ALA 3  1118 1118 ALA ALA B . n 
B 2 4  GLU 4  1119 1119 GLU GLU B . n 
B 2 5  SER 5  1120 1120 SER SER B . n 
B 2 6  GLY 6  1121 1121 GLY GLY B . n 
B 2 7  ILE 7  1122 1122 ILE ILE B . n 
B 2 8  GLN 8  1123 1123 GLN GLN B . n 
B 2 9  THR 9  1124 1124 THR THR B . n 
B 2 10 ASP 10 1125 1125 ASP ASP B . n 
B 2 11 LEU 11 1126 1126 LEU LEU B . n 
C 1 1  GLY 1  -4   ?    ?   ?   C . n 
C 1 2  PRO 2  -3   ?    ?   ?   C . n 
C 1 3  LEU 3  -2   ?    ?   ?   C . n 
C 1 4  GLY 4  -1   ?    ?   ?   C . n 
C 1 5  SER 5  0    ?    ?   ?   C . n 
C 1 6  MET 6  1    ?    ?   ?   C . n 
C 1 7  SER 7  2    ?    ?   ?   C . n 
C 1 8  ASP 8  3    ?    ?   ?   C . n 
C 1 9  GLU 9  4    ?    ?   ?   C . n 
C 1 10 ASN 10 5    ?    ?   ?   C . n 
C 1 11 LYS 11 6    ?    ?   ?   C . n 
C 1 12 SER 12 7    7    SER SER C . n 
C 1 13 THR 13 8    8    THR THR C . n 
C 1 14 PRO 14 9    9    PRO PRO C . n 
C 1 15 ILE 15 10   10   ILE ILE C . n 
C 1 16 VAL 16 11   11   VAL VAL C . n 
C 1 17 LYS 17 12   12   LYS LYS C . n 
C 1 18 ALA 18 13   13   ALA ALA C . n 
C 1 19 SER 19 14   14   SER SER C . n 
C 1 20 ASP 20 15   15   ASP ASP C . n 
C 1 21 ILE 21 16   16   ILE ILE C . n 
C 1 22 THR 22 17   17   THR THR C . n 
C 1 23 ASP 23 18   18   ASP ASP C . n 
C 1 24 LYS 24 19   19   LYS LYS C . n 
C 1 25 LEU 25 20   20   LEU LEU C . n 
C 1 26 LYS 26 21   21   LYS LYS C . n 
C 1 27 GLU 27 22   22   GLU GLU C . n 
C 1 28 ASP 28 23   23   ASP ASP C . n 
C 1 29 ILE 29 24   24   ILE ILE C . n 
C 1 30 LEU 30 25   25   LEU LEU C . n 
C 1 31 THR 31 26   26   THR THR C . n 
C 1 32 ILE 32 27   27   ILE ILE C . n 
C 1 33 SER 33 28   28   SER SER C . n 
C 1 34 LYS 34 29   29   LYS LYS C . n 
C 1 35 ASP 35 30   30   ASP ASP C . n 
C 1 36 ALA 36 31   31   ALA ALA C . n 
C 1 37 LEU 37 32   32   LEU LEU C . n 
C 1 38 ASP 38 33   33   ASP ASP C . n 
C 1 39 LYS 39 34   34   LYS LYS C . n 
C 1 40 TYR 40 35   35   TYR TYR C . n 
C 1 41 GLN 41 36   36   GLN GLN C . n 
C 1 42 LEU 42 37   37   LEU LEU C . n 
C 1 43 GLU 43 38   38   GLU GLU C . n 
C 1 44 ARG 44 39   39   ARG ARG C . n 
C 1 45 ASP 45 40   40   ASP ASP C . n 
C 1 46 ILE 46 41   41   ILE ILE C . n 
C 1 47 ALA 47 42   42   ALA ALA C . n 
C 1 48 GLY 48 43   43   GLY GLY C . n 
C 1 49 THR 49 44   44   THR THR C . n 
C 1 50 VAL 50 45   45   VAL VAL C . n 
C 1 51 LYS 51 46   46   LYS LYS C . n 
C 1 52 LYS 52 47   47   LYS LYS C . n 
C 1 53 GLN 53 48   48   GLN GLN C . n 
C 1 54 LEU 54 49   49   LEU LEU C . n 
C 1 55 ASP 55 50   50   ASP ASP C . n 
C 1 56 VAL 56 51   51   VAL VAL C . n 
C 1 57 LYS 57 52   52   LYS LYS C . n 
C 1 58 TYR 58 53   53   TYR TYR C . n 
C 1 59 GLY 59 54   54   GLY GLY C . n 
C 1 60 ASN 60 55   55   ASN ASN C . n 
C 1 61 THR 61 56   56   THR THR C . n 
C 1 62 TRP 62 57   57   TRP TRP C . n 
C 1 63 HIS 63 58   58   HIS HIS C . n 
C 1 64 VAL 64 59   59   VAL VAL C . n 
C 1 65 ILE 65 60   60   ILE ILE C . n 
C 1 66 VAL 66 61   61   VAL VAL C . n 
C 1 67 GLY 67 62   62   GLY GLY C . n 
C 1 68 LYS 68 63   63   LYS LYS C . n 
C 1 69 ASN 69 64   64   ASN ASN C . n 
C 1 70 PHE 70 65   65   PHE PHE C . n 
C 1 71 GLY 71 66   66   GLY GLY C . n 
C 1 72 SER 72 67   67   SER SER C . n 
C 1 73 TYR 73 68   68   TYR TYR C . n 
C 1 74 VAL 74 69   69   VAL VAL C . n 
C 1 75 THR 75 70   70   THR THR C . n 
C 1 76 HIS 76 71   71   HIS HIS C . n 
C 1 77 GLU 77 72   72   GLU GLU C . n 
C 1 78 LYS 78 73   73   LYS LYS C . n 
C 1 79 GLY 79 74   74   GLY GLY C . n 
C 1 80 HIS 80 75   75   HIS HIS C . n 
C 1 81 PHE 81 76   76   PHE PHE C . n 
C 1 82 VAL 82 77   77   VAL VAL C . n 
C 1 83 TYR 83 78   78   TYR TYR C . n 
C 1 84 PHE 84 79   79   PHE PHE C . n 
C 1 85 TYR 85 80   80   TYR TYR C . n 
C 1 86 ILE 86 81   81   ILE ILE C . n 
C 1 87 GLY 87 82   82   GLY GLY C . n 
C 1 88 PRO 88 83   83   PRO PRO C . n 
C 1 89 LEU 89 84   84   LEU LEU C . n 
C 1 90 ALA 90 85   85   ALA ALA C . n 
C 1 91 PHE 91 86   86   PHE PHE C . n 
C 1 92 LEU 92 87   87   LEU LEU C . n 
C 1 93 VAL 93 88   88   VAL VAL C . n 
C 1 94 PHE 94 89   89   PHE PHE C . n 
C 1 95 LYS 95 90   90   LYS LYS C . n 
C 1 96 THR 96 91   91   THR THR C . n 
C 1 97 ALA 97 92   92   ALA ALA C . n 
D 2 1  ASN 1  1116 1116 ASN ALA D . n 
D 2 2  TYR 2  1117 1117 TYR TYR D . n 
D 2 3  ALA 3  1118 1118 ALA ALA D . n 
D 2 4  GLU 4  1119 1119 GLU GLU D . n 
D 2 5  SER 5  1120 1120 SER SER D . n 
D 2 6  GLY 6  1121 1121 GLY GLY D . n 
D 2 7  ILE 7  1122 1122 ILE ILE D . n 
D 2 8  GLN 8  1123 1123 GLN GLN D . n 
D 2 9  THR 9  1124 1124 THR THR D . n 
D 2 10 ASP 10 1125 1125 ASP ASP D . n 
D 2 11 LEU 11 1126 1126 LEU LEU D . n 
# 
loop_
_pdbx_nonpoly_scheme.asym_id 
_pdbx_nonpoly_scheme.entity_id 
_pdbx_nonpoly_scheme.mon_id 
_pdbx_nonpoly_scheme.ndb_seq_num 
_pdbx_nonpoly_scheme.pdb_seq_num 
_pdbx_nonpoly_scheme.auth_seq_num 
_pdbx_nonpoly_scheme.pdb_mon_id 
_pdbx_nonpoly_scheme.auth_mon_id 
_pdbx_nonpoly_scheme.pdb_strand_id 
_pdbx_nonpoly_scheme.pdb_ins_code 
E 3 HOH 1  101  3   HOH HOH A . 
E 3 HOH 2  102  8   HOH HOH A . 
E 3 HOH 3  103  9   HOH HOH A . 
E 3 HOH 4  104  10  HOH HOH A . 
E 3 HOH 5  105  14  HOH HOH A . 
E 3 HOH 6  106  21  HOH HOH A . 
E 3 HOH 7  107  22  HOH HOH A . 
E 3 HOH 8  108  25  HOH HOH A . 
E 3 HOH 9  109  29  HOH HOH A . 
E 3 HOH 10 110  30  HOH HOH A . 
E 3 HOH 11 111  31  HOH HOH A . 
E 3 HOH 12 112  34  HOH HOH A . 
E 3 HOH 13 113  37  HOH HOH A . 
E 3 HOH 14 114  43  HOH HOH A . 
E 3 HOH 15 115  45  HOH HOH A . 
E 3 HOH 16 116  46  HOH HOH A . 
E 3 HOH 17 117  48  HOH HOH A . 
E 3 HOH 18 118  56  HOH HOH A . 
E 3 HOH 19 119  57  HOH HOH A . 
E 3 HOH 20 120  58  HOH HOH A . 
E 3 HOH 21 121  59  HOH HOH A . 
E 3 HOH 22 122  60  HOH HOH A . 
E 3 HOH 23 123  61  HOH HOH A . 
E 3 HOH 24 124  64  HOH HOH A . 
E 3 HOH 25 125  65  HOH HOH A . 
E 3 HOH 26 126  67  HOH HOH A . 
E 3 HOH 27 127  68  HOH HOH A . 
E 3 HOH 28 128  69  HOH HOH A . 
E 3 HOH 29 129  70  HOH HOH A . 
E 3 HOH 30 130  73  HOH HOH A . 
E 3 HOH 31 131  76  HOH HOH A . 
E 3 HOH 32 132  77  HOH HOH A . 
E 3 HOH 33 133  78  HOH HOH A . 
E 3 HOH 34 134  80  HOH HOH A . 
E 3 HOH 35 135  82  HOH HOH A . 
E 3 HOH 36 136  84  HOH HOH A . 
E 3 HOH 37 137  86  HOH HOH A . 
E 3 HOH 38 138  88  HOH HOH A . 
E 3 HOH 39 139  102 HOH HOH A . 
E 3 HOH 40 140  104 HOH HOH A . 
E 3 HOH 41 141  107 HOH HOH A . 
E 3 HOH 42 142  109 HOH HOH A . 
E 3 HOH 43 143  112 HOH HOH A . 
E 3 HOH 44 144  116 HOH HOH A . 
E 3 HOH 45 145  121 HOH HOH A . 
E 3 HOH 46 146  124 HOH HOH A . 
E 3 HOH 47 147  127 HOH HOH A . 
E 3 HOH 48 148  128 HOH HOH A . 
E 3 HOH 49 149  129 HOH HOH A . 
E 3 HOH 50 150  135 HOH HOH A . 
E 3 HOH 51 151  138 HOH HOH A . 
E 3 HOH 52 152  143 HOH HOH A . 
E 3 HOH 53 153  146 HOH HOH A . 
E 3 HOH 54 154  147 HOH HOH A . 
E 3 HOH 55 155  149 HOH HOH A . 
E 3 HOH 56 156  153 HOH HOH A . 
E 3 HOH 57 157  155 HOH HOH A . 
E 3 HOH 58 158  158 HOH HOH A . 
E 3 HOH 59 159  161 HOH HOH A . 
E 3 HOH 60 160  165 HOH HOH A . 
E 3 HOH 61 161  166 HOH HOH A . 
E 3 HOH 62 162  167 HOH HOH A . 
E 3 HOH 63 163  168 HOH HOH A . 
E 3 HOH 64 164  170 HOH HOH A . 
E 3 HOH 65 165  171 HOH HOH A . 
E 3 HOH 66 166  174 HOH HOH A . 
E 3 HOH 67 167  178 HOH HOH A . 
E 3 HOH 68 168  180 HOH HOH A . 
E 3 HOH 69 169  182 HOH HOH A . 
E 3 HOH 70 170  184 HOH HOH A . 
E 3 HOH 71 171  186 HOH HOH A . 
E 3 HOH 72 172  190 HOH HOH A . 
E 3 HOH 73 173  192 HOH HOH A . 
E 3 HOH 74 174  193 HOH HOH A . 
E 3 HOH 75 175  196 HOH HOH A . 
E 3 HOH 76 176  198 HOH HOH A . 
E 3 HOH 77 177  200 HOH HOH A . 
E 3 HOH 78 178  201 HOH HOH A . 
E 3 HOH 79 179  204 HOH HOH A . 
E 3 HOH 80 180  205 HOH HOH A . 
E 3 HOH 81 181  207 HOH HOH A . 
E 3 HOH 82 182  208 HOH HOH A . 
E 3 HOH 83 183  212 HOH HOH A . 
E 3 HOH 84 184  215 HOH HOH A . 
F 3 HOH 1  1201 12  HOH HOH B . 
F 3 HOH 2  1202 13  HOH HOH B . 
F 3 HOH 3  1203 18  HOH HOH B . 
F 3 HOH 4  1204 53  HOH HOH B . 
F 3 HOH 5  1205 92  HOH HOH B . 
F 3 HOH 6  1206 98  HOH HOH B . 
F 3 HOH 7  1207 100 HOH HOH B . 
F 3 HOH 8  1208 106 HOH HOH B . 
F 3 HOH 9  1209 136 HOH HOH B . 
F 3 HOH 10 1210 144 HOH HOH B . 
F 3 HOH 11 1211 154 HOH HOH B . 
F 3 HOH 12 1212 185 HOH HOH B . 
F 3 HOH 13 1213 189 HOH HOH B . 
F 3 HOH 14 1214 194 HOH HOH B . 
F 3 HOH 15 1215 199 HOH HOH B . 
F 3 HOH 16 1216 214 HOH HOH B . 
G 3 HOH 1  101  1   HOH HOH C . 
G 3 HOH 2  102  2   HOH HOH C . 
G 3 HOH 3  103  4   HOH HOH C . 
G 3 HOH 4  104  6   HOH HOH C . 
G 3 HOH 5  105  11  HOH HOH C . 
G 3 HOH 6  106  15  HOH HOH C . 
G 3 HOH 7  107  16  HOH HOH C . 
G 3 HOH 8  108  17  HOH HOH C . 
G 3 HOH 9  109  23  HOH HOH C . 
G 3 HOH 10 110  24  HOH HOH C . 
G 3 HOH 11 111  26  HOH HOH C . 
G 3 HOH 12 112  27  HOH HOH C . 
G 3 HOH 13 113  28  HOH HOH C . 
G 3 HOH 14 114  32  HOH HOH C . 
G 3 HOH 15 115  33  HOH HOH C . 
G 3 HOH 16 116  35  HOH HOH C . 
G 3 HOH 17 117  36  HOH HOH C . 
G 3 HOH 18 118  38  HOH HOH C . 
G 3 HOH 19 119  40  HOH HOH C . 
G 3 HOH 20 120  42  HOH HOH C . 
G 3 HOH 21 121  44  HOH HOH C . 
G 3 HOH 22 122  49  HOH HOH C . 
G 3 HOH 23 123  50  HOH HOH C . 
G 3 HOH 24 124  52  HOH HOH C . 
G 3 HOH 25 125  54  HOH HOH C . 
G 3 HOH 26 126  55  HOH HOH C . 
G 3 HOH 27 127  62  HOH HOH C . 
G 3 HOH 28 128  63  HOH HOH C . 
G 3 HOH 29 129  66  HOH HOH C . 
G 3 HOH 30 130  71  HOH HOH C . 
G 3 HOH 31 131  72  HOH HOH C . 
G 3 HOH 32 132  75  HOH HOH C . 
G 3 HOH 33 133  79  HOH HOH C . 
G 3 HOH 34 134  81  HOH HOH C . 
G 3 HOH 35 135  85  HOH HOH C . 
G 3 HOH 36 136  89  HOH HOH C . 
G 3 HOH 37 137  90  HOH HOH C . 
G 3 HOH 38 138  93  HOH HOH C . 
G 3 HOH 39 139  94  HOH HOH C . 
G 3 HOH 40 140  95  HOH HOH C . 
G 3 HOH 41 141  96  HOH HOH C . 
G 3 HOH 42 142  97  HOH HOH C . 
G 3 HOH 43 143  103 HOH HOH C . 
G 3 HOH 44 144  105 HOH HOH C . 
G 3 HOH 45 145  108 HOH HOH C . 
G 3 HOH 46 146  110 HOH HOH C . 
G 3 HOH 47 147  111 HOH HOH C . 
G 3 HOH 48 148  113 HOH HOH C . 
G 3 HOH 49 149  114 HOH HOH C . 
G 3 HOH 50 150  115 HOH HOH C . 
G 3 HOH 51 151  117 HOH HOH C . 
G 3 HOH 52 152  118 HOH HOH C . 
G 3 HOH 53 153  120 HOH HOH C . 
G 3 HOH 54 154  122 HOH HOH C . 
G 3 HOH 55 155  123 HOH HOH C . 
G 3 HOH 56 156  126 HOH HOH C . 
G 3 HOH 57 157  130 HOH HOH C . 
G 3 HOH 58 158  131 HOH HOH C . 
G 3 HOH 59 159  132 HOH HOH C . 
G 3 HOH 60 160  133 HOH HOH C . 
G 3 HOH 61 161  134 HOH HOH C . 
G 3 HOH 62 162  137 HOH HOH C . 
G 3 HOH 63 163  140 HOH HOH C . 
G 3 HOH 64 164  141 HOH HOH C . 
G 3 HOH 65 165  145 HOH HOH C . 
G 3 HOH 66 166  148 HOH HOH C . 
G 3 HOH 67 167  150 HOH HOH C . 
G 3 HOH 68 168  151 HOH HOH C . 
G 3 HOH 69 169  152 HOH HOH C . 
G 3 HOH 70 170  156 HOH HOH C . 
G 3 HOH 71 171  157 HOH HOH C . 
G 3 HOH 72 172  159 HOH HOH C . 
G 3 HOH 73 173  160 HOH HOH C . 
G 3 HOH 74 174  162 HOH HOH C . 
G 3 HOH 75 175  163 HOH HOH C . 
G 3 HOH 76 176  164 HOH HOH C . 
G 3 HOH 77 177  172 HOH HOH C . 
G 3 HOH 78 178  173 HOH HOH C . 
G 3 HOH 79 179  175 HOH HOH C . 
G 3 HOH 80 180  176 HOH HOH C . 
G 3 HOH 81 181  177 HOH HOH C . 
G 3 HOH 82 182  181 HOH HOH C . 
G 3 HOH 83 183  183 HOH HOH C . 
G 3 HOH 84 184  187 HOH HOH C . 
G 3 HOH 85 185  188 HOH HOH C . 
G 3 HOH 86 186  195 HOH HOH C . 
G 3 HOH 87 187  197 HOH HOH C . 
G 3 HOH 88 188  203 HOH HOH C . 
G 3 HOH 89 189  206 HOH HOH C . 
G 3 HOH 90 190  209 HOH HOH C . 
G 3 HOH 91 191  210 HOH HOH C . 
G 3 HOH 92 192  211 HOH HOH C . 
G 3 HOH 93 193  213 HOH HOH C . 
G 3 HOH 94 194  216 HOH HOH C . 
G 3 HOH 95 195  217 HOH HOH C . 
H 3 HOH 1  1201 5   HOH HOH D . 
H 3 HOH 2  1202 7   HOH HOH D . 
H 3 HOH 3  1203 19  HOH HOH D . 
H 3 HOH 4  1204 20  HOH HOH D . 
H 3 HOH 5  1205 39  HOH HOH D . 
H 3 HOH 6  1206 41  HOH HOH D . 
H 3 HOH 7  1207 47  HOH HOH D . 
H 3 HOH 8  1208 51  HOH HOH D . 
H 3 HOH 9  1209 74  HOH HOH D . 
H 3 HOH 10 1210 83  HOH HOH D . 
H 3 HOH 11 1211 87  HOH HOH D . 
H 3 HOH 12 1212 91  HOH HOH D . 
H 3 HOH 13 1213 99  HOH HOH D . 
H 3 HOH 14 1214 101 HOH HOH D . 
H 3 HOH 15 1215 119 HOH HOH D . 
H 3 HOH 16 1216 125 HOH HOH D . 
H 3 HOH 17 1217 139 HOH HOH D . 
H 3 HOH 18 1218 142 HOH HOH D . 
H 3 HOH 19 1219 169 HOH HOH D . 
H 3 HOH 20 1220 179 HOH HOH D . 
H 3 HOH 21 1221 191 HOH HOH D . 
H 3 HOH 22 1222 202 HOH HOH D . 
# 
_pdbx_struct_assembly.id                   1 
_pdbx_struct_assembly.details              author_and_software_defined_assembly 
_pdbx_struct_assembly.method_details       PISA 
_pdbx_struct_assembly.oligomeric_details   tetrameric 
_pdbx_struct_assembly.oligomeric_count     4 
# 
_pdbx_struct_assembly_gen.assembly_id       1 
_pdbx_struct_assembly_gen.oper_expression   1 
_pdbx_struct_assembly_gen.asym_id_list      A,B,C,D,E,F,G,H 
# 
loop_
_pdbx_struct_assembly_prop.biol_id 
_pdbx_struct_assembly_prop.type 
_pdbx_struct_assembly_prop.value 
_pdbx_struct_assembly_prop.details 
1 'ABSA (A^2)' 5210 ? 
1 MORE         -21  ? 
1 'SSA (A^2)'  8380 ? 
# 
_pdbx_struct_oper_list.id                   1 
_pdbx_struct_oper_list.type                 'identity operation' 
_pdbx_struct_oper_list.name                 1_555 
_pdbx_struct_oper_list.symmetry_operation   x,y,z 
_pdbx_struct_oper_list.matrix[1][1]         1.0000000000 
_pdbx_struct_oper_list.matrix[1][2]         0.0000000000 
_pdbx_struct_oper_list.matrix[1][3]         0.0000000000 
_pdbx_struct_oper_list.vector[1]            0.0000000000 
_pdbx_struct_oper_list.matrix[2][1]         0.0000000000 
_pdbx_struct_oper_list.matrix[2][2]         1.0000000000 
_pdbx_struct_oper_list.matrix[2][3]         0.0000000000 
_pdbx_struct_oper_list.vector[2]            0.0000000000 
_pdbx_struct_oper_list.matrix[3][1]         0.0000000000 
_pdbx_struct_oper_list.matrix[3][2]         0.0000000000 
_pdbx_struct_oper_list.matrix[3][3]         1.0000000000 
_pdbx_struct_oper_list.vector[3]            0.0000000000 
# 
loop_
_pdbx_audit_revision_history.ordinal 
_pdbx_audit_revision_history.data_content_type 
_pdbx_audit_revision_history.major_revision 
_pdbx_audit_revision_history.minor_revision 
_pdbx_audit_revision_history.revision_date 
1 'Structure model' 1 0 2012-03-21 
2 'Structure model' 1 1 2012-04-18 
3 'Structure model' 1 2 2012-07-25 
4 'Structure model' 1 3 2023-09-13 
# 
_pdbx_audit_revision_details.ordinal             1 
_pdbx_audit_revision_details.revision_ordinal    1 
_pdbx_audit_revision_details.data_content_type   'Structure model' 
_pdbx_audit_revision_details.provider            repository 
_pdbx_audit_revision_details.type                'Initial release' 
_pdbx_audit_revision_details.description         ? 
_pdbx_audit_revision_details.details             ? 
# 
loop_
_pdbx_audit_revision_group.ordinal 
_pdbx_audit_revision_group.revision_ordinal 
_pdbx_audit_revision_group.data_content_type 
_pdbx_audit_revision_group.group 
1 2 'Structure model' 'Database references'    
2 3 'Structure model' 'Database references'    
3 4 'Structure model' 'Data collection'        
4 4 'Structure model' 'Database references'    
5 4 'Structure model' 'Refinement description' 
# 
loop_
_pdbx_audit_revision_category.ordinal 
_pdbx_audit_revision_category.revision_ordinal 
_pdbx_audit_revision_category.data_content_type 
_pdbx_audit_revision_category.category 
1 4 'Structure model' chem_comp_atom                
2 4 'Structure model' chem_comp_bond                
3 4 'Structure model' database_2                    
4 4 'Structure model' pdbx_initial_refinement_model 
5 4 'Structure model' struct_ref_seq_dif            
# 
loop_
_pdbx_audit_revision_item.ordinal 
_pdbx_audit_revision_item.revision_ordinal 
_pdbx_audit_revision_item.data_content_type 
_pdbx_audit_revision_item.item 
1 4 'Structure model' '_database_2.pdbx_DOI'                
2 4 'Structure model' '_database_2.pdbx_database_accession' 
3 4 'Structure model' '_struct_ref_seq_dif.details'         
# 
loop_
_software.name 
_software.classification 
_software.version 
_software.citation_id 
_software.pdbx_ordinal 
HKL-2000 'data collection' .                            ? 1 
PHENIX   'model building'  .                            ? 2 
PHENIX   refinement        '(phenix.refine: 1.7.3_928)' ? 3 
HKL-2000 'data reduction'  .                            ? 4 
HKL-2000 'data scaling'    .                            ? 5 
PHENIX   phasing           .                            ? 6 
# 
loop_
_pdbx_unobs_or_zero_occ_atoms.id 
_pdbx_unobs_or_zero_occ_atoms.PDB_model_num 
_pdbx_unobs_or_zero_occ_atoms.polymer_flag 
_pdbx_unobs_or_zero_occ_atoms.occupancy_flag 
_pdbx_unobs_or_zero_occ_atoms.auth_asym_id 
_pdbx_unobs_or_zero_occ_atoms.auth_comp_id 
_pdbx_unobs_or_zero_occ_atoms.auth_seq_id 
_pdbx_unobs_or_zero_occ_atoms.PDB_ins_code 
_pdbx_unobs_or_zero_occ_atoms.auth_atom_id 
_pdbx_unobs_or_zero_occ_atoms.label_alt_id 
_pdbx_unobs_or_zero_occ_atoms.label_asym_id 
_pdbx_unobs_or_zero_occ_atoms.label_comp_id 
_pdbx_unobs_or_zero_occ_atoms.label_seq_id 
_pdbx_unobs_or_zero_occ_atoms.label_atom_id 
1 1 Y 1 D ASN 1116 ? CG  ? D ASN 1 CG  
2 1 Y 1 D ASN 1116 ? OD1 ? D ASN 1 OD1 
3 1 Y 1 D ASN 1116 ? ND2 ? D ASN 1 ND2 
# 
loop_
_pdbx_unobs_or_zero_occ_residues.id 
_pdbx_unobs_or_zero_occ_residues.PDB_model_num 
_pdbx_unobs_or_zero_occ_residues.polymer_flag 
_pdbx_unobs_or_zero_occ_residues.occupancy_flag 
_pdbx_unobs_or_zero_occ_residues.auth_asym_id 
_pdbx_unobs_or_zero_occ_residues.auth_comp_id 
_pdbx_unobs_or_zero_occ_residues.auth_seq_id 
_pdbx_unobs_or_zero_occ_residues.PDB_ins_code 
_pdbx_unobs_or_zero_occ_residues.label_asym_id 
_pdbx_unobs_or_zero_occ_residues.label_comp_id 
_pdbx_unobs_or_zero_occ_residues.label_seq_id 
1  1 Y 1 A GLY -4   ? A GLY 1  
2  1 Y 1 A PRO -3   ? A PRO 2  
3  1 Y 1 A LEU -2   ? A LEU 3  
4  1 Y 1 A GLY -1   ? A GLY 4  
5  1 Y 1 A SER 0    ? A SER 5  
6  1 Y 1 A MET 1    ? A MET 6  
7  1 Y 1 A SER 2    ? A SER 7  
8  1 Y 1 A ASP 3    ? A ASP 8  
9  1 Y 1 A GLU 4    ? A GLU 9  
10 1 Y 1 A ASN 5    ? A ASN 10 
11 1 Y 1 A LYS 6    ? A LYS 11 
12 1 Y 1 B ASN 1116 ? B ASN 1  
13 1 Y 1 C GLY -4   ? C GLY 1  
14 1 Y 1 C PRO -3   ? C PRO 2  
15 1 Y 1 C LEU -2   ? C LEU 3  
16 1 Y 1 C GLY -1   ? C GLY 4  
17 1 Y 1 C SER 0    ? C SER 5  
18 1 Y 1 C MET 1    ? C MET 6  
19 1 Y 1 C SER 2    ? C SER 7  
20 1 Y 1 C ASP 3    ? C ASP 8  
21 1 Y 1 C GLU 4    ? C GLU 9  
22 1 Y 1 C ASN 5    ? C ASN 10 
23 1 Y 1 C LYS 6    ? C LYS 11 
# 
loop_
_chem_comp_atom.comp_id 
_chem_comp_atom.atom_id 
_chem_comp_atom.type_symbol 
_chem_comp_atom.pdbx_aromatic_flag 
_chem_comp_atom.pdbx_stereo_config 
_chem_comp_atom.pdbx_ordinal 
ALA N    N N N 1   
ALA CA   C N S 2   
ALA C    C N N 3   
ALA O    O N N 4   
ALA CB   C N N 5   
ALA OXT  O N N 6   
ALA H    H N N 7   
ALA H2   H N N 8   
ALA HA   H N N 9   
ALA HB1  H N N 10  
ALA HB2  H N N 11  
ALA HB3  H N N 12  
ALA HXT  H N N 13  
ARG N    N N N 14  
ARG CA   C N S 15  
ARG C    C N N 16  
ARG O    O N N 17  
ARG CB   C N N 18  
ARG CG   C N N 19  
ARG CD   C N N 20  
ARG NE   N N N 21  
ARG CZ   C N N 22  
ARG NH1  N N N 23  
ARG NH2  N N N 24  
ARG OXT  O N N 25  
ARG H    H N N 26  
ARG H2   H N N 27  
ARG HA   H N N 28  
ARG HB2  H N N 29  
ARG HB3  H N N 30  
ARG HG2  H N N 31  
ARG HG3  H N N 32  
ARG HD2  H N N 33  
ARG HD3  H N N 34  
ARG HE   H N N 35  
ARG HH11 H N N 36  
ARG HH12 H N N 37  
ARG HH21 H N N 38  
ARG HH22 H N N 39  
ARG HXT  H N N 40  
ASN N    N N N 41  
ASN CA   C N S 42  
ASN C    C N N 43  
ASN O    O N N 44  
ASN CB   C N N 45  
ASN CG   C N N 46  
ASN OD1  O N N 47  
ASN ND2  N N N 48  
ASN OXT  O N N 49  
ASN H    H N N 50  
ASN H2   H N N 51  
ASN HA   H N N 52  
ASN HB2  H N N 53  
ASN HB3  H N N 54  
ASN HD21 H N N 55  
ASN HD22 H N N 56  
ASN HXT  H N N 57  
ASP N    N N N 58  
ASP CA   C N S 59  
ASP C    C N N 60  
ASP O    O N N 61  
ASP CB   C N N 62  
ASP CG   C N N 63  
ASP OD1  O N N 64  
ASP OD2  O N N 65  
ASP OXT  O N N 66  
ASP H    H N N 67  
ASP H2   H N N 68  
ASP HA   H N N 69  
ASP HB2  H N N 70  
ASP HB3  H N N 71  
ASP HD2  H N N 72  
ASP HXT  H N N 73  
GLN N    N N N 74  
GLN CA   C N S 75  
GLN C    C N N 76  
GLN O    O N N 77  
GLN CB   C N N 78  
GLN CG   C N N 79  
GLN CD   C N N 80  
GLN OE1  O N N 81  
GLN NE2  N N N 82  
GLN OXT  O N N 83  
GLN H    H N N 84  
GLN H2   H N N 85  
GLN HA   H N N 86  
GLN HB2  H N N 87  
GLN HB3  H N N 88  
GLN HG2  H N N 89  
GLN HG3  H N N 90  
GLN HE21 H N N 91  
GLN HE22 H N N 92  
GLN HXT  H N N 93  
GLU N    N N N 94  
GLU CA   C N S 95  
GLU C    C N N 96  
GLU O    O N N 97  
GLU CB   C N N 98  
GLU CG   C N N 99  
GLU CD   C N N 100 
GLU OE1  O N N 101 
GLU OE2  O N N 102 
GLU OXT  O N N 103 
GLU H    H N N 104 
GLU H2   H N N 105 
GLU HA   H N N 106 
GLU HB2  H N N 107 
GLU HB3  H N N 108 
GLU HG2  H N N 109 
GLU HG3  H N N 110 
GLU HE2  H N N 111 
GLU HXT  H N N 112 
GLY N    N N N 113 
GLY CA   C N N 114 
GLY C    C N N 115 
GLY O    O N N 116 
GLY OXT  O N N 117 
GLY H    H N N 118 
GLY H2   H N N 119 
GLY HA2  H N N 120 
GLY HA3  H N N 121 
GLY HXT  H N N 122 
HIS N    N N N 123 
HIS CA   C N S 124 
HIS C    C N N 125 
HIS O    O N N 126 
HIS CB   C N N 127 
HIS CG   C Y N 128 
HIS ND1  N Y N 129 
HIS CD2  C Y N 130 
HIS CE1  C Y N 131 
HIS NE2  N Y N 132 
HIS OXT  O N N 133 
HIS H    H N N 134 
HIS H2   H N N 135 
HIS HA   H N N 136 
HIS HB2  H N N 137 
HIS HB3  H N N 138 
HIS HD1  H N N 139 
HIS HD2  H N N 140 
HIS HE1  H N N 141 
HIS HE2  H N N 142 
HIS HXT  H N N 143 
HOH O    O N N 144 
HOH H1   H N N 145 
HOH H2   H N N 146 
ILE N    N N N 147 
ILE CA   C N S 148 
ILE C    C N N 149 
ILE O    O N N 150 
ILE CB   C N S 151 
ILE CG1  C N N 152 
ILE CG2  C N N 153 
ILE CD1  C N N 154 
ILE OXT  O N N 155 
ILE H    H N N 156 
ILE H2   H N N 157 
ILE HA   H N N 158 
ILE HB   H N N 159 
ILE HG12 H N N 160 
ILE HG13 H N N 161 
ILE HG21 H N N 162 
ILE HG22 H N N 163 
ILE HG23 H N N 164 
ILE HD11 H N N 165 
ILE HD12 H N N 166 
ILE HD13 H N N 167 
ILE HXT  H N N 168 
LEU N    N N N 169 
LEU CA   C N S 170 
LEU C    C N N 171 
LEU O    O N N 172 
LEU CB   C N N 173 
LEU CG   C N N 174 
LEU CD1  C N N 175 
LEU CD2  C N N 176 
LEU OXT  O N N 177 
LEU H    H N N 178 
LEU H2   H N N 179 
LEU HA   H N N 180 
LEU HB2  H N N 181 
LEU HB3  H N N 182 
LEU HG   H N N 183 
LEU HD11 H N N 184 
LEU HD12 H N N 185 
LEU HD13 H N N 186 
LEU HD21 H N N 187 
LEU HD22 H N N 188 
LEU HD23 H N N 189 
LEU HXT  H N N 190 
LYS N    N N N 191 
LYS CA   C N S 192 
LYS C    C N N 193 
LYS O    O N N 194 
LYS CB   C N N 195 
LYS CG   C N N 196 
LYS CD   C N N 197 
LYS CE   C N N 198 
LYS NZ   N N N 199 
LYS OXT  O N N 200 
LYS H    H N N 201 
LYS H2   H N N 202 
LYS HA   H N N 203 
LYS HB2  H N N 204 
LYS HB3  H N N 205 
LYS HG2  H N N 206 
LYS HG3  H N N 207 
LYS HD2  H N N 208 
LYS HD3  H N N 209 
LYS HE2  H N N 210 
LYS HE3  H N N 211 
LYS HZ1  H N N 212 
LYS HZ2  H N N 213 
LYS HZ3  H N N 214 
LYS HXT  H N N 215 
MET N    N N N 216 
MET CA   C N S 217 
MET C    C N N 218 
MET O    O N N 219 
MET CB   C N N 220 
MET CG   C N N 221 
MET SD   S N N 222 
MET CE   C N N 223 
MET OXT  O N N 224 
MET H    H N N 225 
MET H2   H N N 226 
MET HA   H N N 227 
MET HB2  H N N 228 
MET HB3  H N N 229 
MET HG2  H N N 230 
MET HG3  H N N 231 
MET HE1  H N N 232 
MET HE2  H N N 233 
MET HE3  H N N 234 
MET HXT  H N N 235 
PHE N    N N N 236 
PHE CA   C N S 237 
PHE C    C N N 238 
PHE O    O N N 239 
PHE CB   C N N 240 
PHE CG   C Y N 241 
PHE CD1  C Y N 242 
PHE CD2  C Y N 243 
PHE CE1  C Y N 244 
PHE CE2  C Y N 245 
PHE CZ   C Y N 246 
PHE OXT  O N N 247 
PHE H    H N N 248 
PHE H2   H N N 249 
PHE HA   H N N 250 
PHE HB2  H N N 251 
PHE HB3  H N N 252 
PHE HD1  H N N 253 
PHE HD2  H N N 254 
PHE HE1  H N N 255 
PHE HE2  H N N 256 
PHE HZ   H N N 257 
PHE HXT  H N N 258 
PRO N    N N N 259 
PRO CA   C N S 260 
PRO C    C N N 261 
PRO O    O N N 262 
PRO CB   C N N 263 
PRO CG   C N N 264 
PRO CD   C N N 265 
PRO OXT  O N N 266 
PRO H    H N N 267 
PRO HA   H N N 268 
PRO HB2  H N N 269 
PRO HB3  H N N 270 
PRO HG2  H N N 271 
PRO HG3  H N N 272 
PRO HD2  H N N 273 
PRO HD3  H N N 274 
PRO HXT  H N N 275 
SER N    N N N 276 
SER CA   C N S 277 
SER C    C N N 278 
SER O    O N N 279 
SER CB   C N N 280 
SER OG   O N N 281 
SER OXT  O N N 282 
SER H    H N N 283 
SER H2   H N N 284 
SER HA   H N N 285 
SER HB2  H N N 286 
SER HB3  H N N 287 
SER HG   H N N 288 
SER HXT  H N N 289 
THR N    N N N 290 
THR CA   C N S 291 
THR C    C N N 292 
THR O    O N N 293 
THR CB   C N R 294 
THR OG1  O N N 295 
THR CG2  C N N 296 
THR OXT  O N N 297 
THR H    H N N 298 
THR H2   H N N 299 
THR HA   H N N 300 
THR HB   H N N 301 
THR HG1  H N N 302 
THR HG21 H N N 303 
THR HG22 H N N 304 
THR HG23 H N N 305 
THR HXT  H N N 306 
TRP N    N N N 307 
TRP CA   C N S 308 
TRP C    C N N 309 
TRP O    O N N 310 
TRP CB   C N N 311 
TRP CG   C Y N 312 
TRP CD1  C Y N 313 
TRP CD2  C Y N 314 
TRP NE1  N Y N 315 
TRP CE2  C Y N 316 
TRP CE3  C Y N 317 
TRP CZ2  C Y N 318 
TRP CZ3  C Y N 319 
TRP CH2  C Y N 320 
TRP OXT  O N N 321 
TRP H    H N N 322 
TRP H2   H N N 323 
TRP HA   H N N 324 
TRP HB2  H N N 325 
TRP HB3  H N N 326 
TRP HD1  H N N 327 
TRP HE1  H N N 328 
TRP HE3  H N N 329 
TRP HZ2  H N N 330 
TRP HZ3  H N N 331 
TRP HH2  H N N 332 
TRP HXT  H N N 333 
TYR N    N N N 334 
TYR CA   C N S 335 
TYR C    C N N 336 
TYR O    O N N 337 
TYR CB   C N N 338 
TYR CG   C Y N 339 
TYR CD1  C Y N 340 
TYR CD2  C Y N 341 
TYR CE1  C Y N 342 
TYR CE2  C Y N 343 
TYR CZ   C Y N 344 
TYR OH   O N N 345 
TYR OXT  O N N 346 
TYR H    H N N 347 
TYR H2   H N N 348 
TYR HA   H N N 349 
TYR HB2  H N N 350 
TYR HB3  H N N 351 
TYR HD1  H N N 352 
TYR HD2  H N N 353 
TYR HE1  H N N 354 
TYR HE2  H N N 355 
TYR HH   H N N 356 
TYR HXT  H N N 357 
VAL N    N N N 358 
VAL CA   C N S 359 
VAL C    C N N 360 
VAL O    O N N 361 
VAL CB   C N N 362 
VAL CG1  C N N 363 
VAL CG2  C N N 364 
VAL OXT  O N N 365 
VAL H    H N N 366 
VAL H2   H N N 367 
VAL HA   H N N 368 
VAL HB   H N N 369 
VAL HG11 H N N 370 
VAL HG12 H N N 371 
VAL HG13 H N N 372 
VAL HG21 H N N 373 
VAL HG22 H N N 374 
VAL HG23 H N N 375 
VAL HXT  H N N 376 
# 
loop_
_chem_comp_bond.comp_id 
_chem_comp_bond.atom_id_1 
_chem_comp_bond.atom_id_2 
_chem_comp_bond.value_order 
_chem_comp_bond.pdbx_aromatic_flag 
_chem_comp_bond.pdbx_stereo_config 
_chem_comp_bond.pdbx_ordinal 
ALA N   CA   sing N N 1   
ALA N   H    sing N N 2   
ALA N   H2   sing N N 3   
ALA CA  C    sing N N 4   
ALA CA  CB   sing N N 5   
ALA CA  HA   sing N N 6   
ALA C   O    doub N N 7   
ALA C   OXT  sing N N 8   
ALA CB  HB1  sing N N 9   
ALA CB  HB2  sing N N 10  
ALA CB  HB3  sing N N 11  
ALA OXT HXT  sing N N 12  
ARG N   CA   sing N N 13  
ARG N   H    sing N N 14  
ARG N   H2   sing N N 15  
ARG CA  C    sing N N 16  
ARG CA  CB   sing N N 17  
ARG CA  HA   sing N N 18  
ARG C   O    doub N N 19  
ARG C   OXT  sing N N 20  
ARG CB  CG   sing N N 21  
ARG CB  HB2  sing N N 22  
ARG CB  HB3  sing N N 23  
ARG CG  CD   sing N N 24  
ARG CG  HG2  sing N N 25  
ARG CG  HG3  sing N N 26  
ARG CD  NE   sing N N 27  
ARG CD  HD2  sing N N 28  
ARG CD  HD3  sing N N 29  
ARG NE  CZ   sing N N 30  
ARG NE  HE   sing N N 31  
ARG CZ  NH1  sing N N 32  
ARG CZ  NH2  doub N N 33  
ARG NH1 HH11 sing N N 34  
ARG NH1 HH12 sing N N 35  
ARG NH2 HH21 sing N N 36  
ARG NH2 HH22 sing N N 37  
ARG OXT HXT  sing N N 38  
ASN N   CA   sing N N 39  
ASN N   H    sing N N 40  
ASN N   H2   sing N N 41  
ASN CA  C    sing N N 42  
ASN CA  CB   sing N N 43  
ASN CA  HA   sing N N 44  
ASN C   O    doub N N 45  
ASN C   OXT  sing N N 46  
ASN CB  CG   sing N N 47  
ASN CB  HB2  sing N N 48  
ASN CB  HB3  sing N N 49  
ASN CG  OD1  doub N N 50  
ASN CG  ND2  sing N N 51  
ASN ND2 HD21 sing N N 52  
ASN ND2 HD22 sing N N 53  
ASN OXT HXT  sing N N 54  
ASP N   CA   sing N N 55  
ASP N   H    sing N N 56  
ASP N   H2   sing N N 57  
ASP CA  C    sing N N 58  
ASP CA  CB   sing N N 59  
ASP CA  HA   sing N N 60  
ASP C   O    doub N N 61  
ASP C   OXT  sing N N 62  
ASP CB  CG   sing N N 63  
ASP CB  HB2  sing N N 64  
ASP CB  HB3  sing N N 65  
ASP CG  OD1  doub N N 66  
ASP CG  OD2  sing N N 67  
ASP OD2 HD2  sing N N 68  
ASP OXT HXT  sing N N 69  
GLN N   CA   sing N N 70  
GLN N   H    sing N N 71  
GLN N   H2   sing N N 72  
GLN CA  C    sing N N 73  
GLN CA  CB   sing N N 74  
GLN CA  HA   sing N N 75  
GLN C   O    doub N N 76  
GLN C   OXT  sing N N 77  
GLN CB  CG   sing N N 78  
GLN CB  HB2  sing N N 79  
GLN CB  HB3  sing N N 80  
GLN CG  CD   sing N N 81  
GLN CG  HG2  sing N N 82  
GLN CG  HG3  sing N N 83  
GLN CD  OE1  doub N N 84  
GLN CD  NE2  sing N N 85  
GLN NE2 HE21 sing N N 86  
GLN NE2 HE22 sing N N 87  
GLN OXT HXT  sing N N 88  
GLU N   CA   sing N N 89  
GLU N   H    sing N N 90  
GLU N   H2   sing N N 91  
GLU CA  C    sing N N 92  
GLU CA  CB   sing N N 93  
GLU CA  HA   sing N N 94  
GLU C   O    doub N N 95  
GLU C   OXT  sing N N 96  
GLU CB  CG   sing N N 97  
GLU CB  HB2  sing N N 98  
GLU CB  HB3  sing N N 99  
GLU CG  CD   sing N N 100 
GLU CG  HG2  sing N N 101 
GLU CG  HG3  sing N N 102 
GLU CD  OE1  doub N N 103 
GLU CD  OE2  sing N N 104 
GLU OE2 HE2  sing N N 105 
GLU OXT HXT  sing N N 106 
GLY N   CA   sing N N 107 
GLY N   H    sing N N 108 
GLY N   H2   sing N N 109 
GLY CA  C    sing N N 110 
GLY CA  HA2  sing N N 111 
GLY CA  HA3  sing N N 112 
GLY C   O    doub N N 113 
GLY C   OXT  sing N N 114 
GLY OXT HXT  sing N N 115 
HIS N   CA   sing N N 116 
HIS N   H    sing N N 117 
HIS N   H2   sing N N 118 
HIS CA  C    sing N N 119 
HIS CA  CB   sing N N 120 
HIS CA  HA   sing N N 121 
HIS C   O    doub N N 122 
HIS C   OXT  sing N N 123 
HIS CB  CG   sing N N 124 
HIS CB  HB2  sing N N 125 
HIS CB  HB3  sing N N 126 
HIS CG  ND1  sing Y N 127 
HIS CG  CD2  doub Y N 128 
HIS ND1 CE1  doub Y N 129 
HIS ND1 HD1  sing N N 130 
HIS CD2 NE2  sing Y N 131 
HIS CD2 HD2  sing N N 132 
HIS CE1 NE2  sing Y N 133 
HIS CE1 HE1  sing N N 134 
HIS NE2 HE2  sing N N 135 
HIS OXT HXT  sing N N 136 
HOH O   H1   sing N N 137 
HOH O   H2   sing N N 138 
ILE N   CA   sing N N 139 
ILE N   H    sing N N 140 
ILE N   H2   sing N N 141 
ILE CA  C    sing N N 142 
ILE CA  CB   sing N N 143 
ILE CA  HA   sing N N 144 
ILE C   O    doub N N 145 
ILE C   OXT  sing N N 146 
ILE CB  CG1  sing N N 147 
ILE CB  CG2  sing N N 148 
ILE CB  HB   sing N N 149 
ILE CG1 CD1  sing N N 150 
ILE CG1 HG12 sing N N 151 
ILE CG1 HG13 sing N N 152 
ILE CG2 HG21 sing N N 153 
ILE CG2 HG22 sing N N 154 
ILE CG2 HG23 sing N N 155 
ILE CD1 HD11 sing N N 156 
ILE CD1 HD12 sing N N 157 
ILE CD1 HD13 sing N N 158 
ILE OXT HXT  sing N N 159 
LEU N   CA   sing N N 160 
LEU N   H    sing N N 161 
LEU N   H2   sing N N 162 
LEU CA  C    sing N N 163 
LEU CA  CB   sing N N 164 
LEU CA  HA   sing N N 165 
LEU C   O    doub N N 166 
LEU C   OXT  sing N N 167 
LEU CB  CG   sing N N 168 
LEU CB  HB2  sing N N 169 
LEU CB  HB3  sing N N 170 
LEU CG  CD1  sing N N 171 
LEU CG  CD2  sing N N 172 
LEU CG  HG   sing N N 173 
LEU CD1 HD11 sing N N 174 
LEU CD1 HD12 sing N N 175 
LEU CD1 HD13 sing N N 176 
LEU CD2 HD21 sing N N 177 
LEU CD2 HD22 sing N N 178 
LEU CD2 HD23 sing N N 179 
LEU OXT HXT  sing N N 180 
LYS N   CA   sing N N 181 
LYS N   H    sing N N 182 
LYS N   H2   sing N N 183 
LYS CA  C    sing N N 184 
LYS CA  CB   sing N N 185 
LYS CA  HA   sing N N 186 
LYS C   O    doub N N 187 
LYS C   OXT  sing N N 188 
LYS CB  CG   sing N N 189 
LYS CB  HB2  sing N N 190 
LYS CB  HB3  sing N N 191 
LYS CG  CD   sing N N 192 
LYS CG  HG2  sing N N 193 
LYS CG  HG3  sing N N 194 
LYS CD  CE   sing N N 195 
LYS CD  HD2  sing N N 196 
LYS CD  HD3  sing N N 197 
LYS CE  NZ   sing N N 198 
LYS CE  HE2  sing N N 199 
LYS CE  HE3  sing N N 200 
LYS NZ  HZ1  sing N N 201 
LYS NZ  HZ2  sing N N 202 
LYS NZ  HZ3  sing N N 203 
LYS OXT HXT  sing N N 204 
MET N   CA   sing N N 205 
MET N   H    sing N N 206 
MET N   H2   sing N N 207 
MET CA  C    sing N N 208 
MET CA  CB   sing N N 209 
MET CA  HA   sing N N 210 
MET C   O    doub N N 211 
MET C   OXT  sing N N 212 
MET CB  CG   sing N N 213 
MET CB  HB2  sing N N 214 
MET CB  HB3  sing N N 215 
MET CG  SD   sing N N 216 
MET CG  HG2  sing N N 217 
MET CG  HG3  sing N N 218 
MET SD  CE   sing N N 219 
MET CE  HE1  sing N N 220 
MET CE  HE2  sing N N 221 
MET CE  HE3  sing N N 222 
MET OXT HXT  sing N N 223 
PHE N   CA   sing N N 224 
PHE N   H    sing N N 225 
PHE N   H2   sing N N 226 
PHE CA  C    sing N N 227 
PHE CA  CB   sing N N 228 
PHE CA  HA   sing N N 229 
PHE C   O    doub N N 230 
PHE C   OXT  sing N N 231 
PHE CB  CG   sing N N 232 
PHE CB  HB2  sing N N 233 
PHE CB  HB3  sing N N 234 
PHE CG  CD1  doub Y N 235 
PHE CG  CD2  sing Y N 236 
PHE CD1 CE1  sing Y N 237 
PHE CD1 HD1  sing N N 238 
PHE CD2 CE2  doub Y N 239 
PHE CD2 HD2  sing N N 240 
PHE CE1 CZ   doub Y N 241 
PHE CE1 HE1  sing N N 242 
PHE CE2 CZ   sing Y N 243 
PHE CE2 HE2  sing N N 244 
PHE CZ  HZ   sing N N 245 
PHE OXT HXT  sing N N 246 
PRO N   CA   sing N N 247 
PRO N   CD   sing N N 248 
PRO N   H    sing N N 249 
PRO CA  C    sing N N 250 
PRO CA  CB   sing N N 251 
PRO CA  HA   sing N N 252 
PRO C   O    doub N N 253 
PRO C   OXT  sing N N 254 
PRO CB  CG   sing N N 255 
PRO CB  HB2  sing N N 256 
PRO CB  HB3  sing N N 257 
PRO CG  CD   sing N N 258 
PRO CG  HG2  sing N N 259 
PRO CG  HG3  sing N N 260 
PRO CD  HD2  sing N N 261 
PRO CD  HD3  sing N N 262 
PRO OXT HXT  sing N N 263 
SER N   CA   sing N N 264 
SER N   H    sing N N 265 
SER N   H2   sing N N 266 
SER CA  C    sing N N 267 
SER CA  CB   sing N N 268 
SER CA  HA   sing N N 269 
SER C   O    doub N N 270 
SER C   OXT  sing N N 271 
SER CB  OG   sing N N 272 
SER CB  HB2  sing N N 273 
SER CB  HB3  sing N N 274 
SER OG  HG   sing N N 275 
SER OXT HXT  sing N N 276 
THR N   CA   sing N N 277 
THR N   H    sing N N 278 
THR N   H2   sing N N 279 
THR CA  C    sing N N 280 
THR CA  CB   sing N N 281 
THR CA  HA   sing N N 282 
THR C   O    doub N N 283 
THR C   OXT  sing N N 284 
THR CB  OG1  sing N N 285 
THR CB  CG2  sing N N 286 
THR CB  HB   sing N N 287 
THR OG1 HG1  sing N N 288 
THR CG2 HG21 sing N N 289 
THR CG2 HG22 sing N N 290 
THR CG2 HG23 sing N N 291 
THR OXT HXT  sing N N 292 
TRP N   CA   sing N N 293 
TRP N   H    sing N N 294 
TRP N   H2   sing N N 295 
TRP CA  C    sing N N 296 
TRP CA  CB   sing N N 297 
TRP CA  HA   sing N N 298 
TRP C   O    doub N N 299 
TRP C   OXT  sing N N 300 
TRP CB  CG   sing N N 301 
TRP CB  HB2  sing N N 302 
TRP CB  HB3  sing N N 303 
TRP CG  CD1  doub Y N 304 
TRP CG  CD2  sing Y N 305 
TRP CD1 NE1  sing Y N 306 
TRP CD1 HD1  sing N N 307 
TRP CD2 CE2  doub Y N 308 
TRP CD2 CE3  sing Y N 309 
TRP NE1 CE2  sing Y N 310 
TRP NE1 HE1  sing N N 311 
TRP CE2 CZ2  sing Y N 312 
TRP CE3 CZ3  doub Y N 313 
TRP CE3 HE3  sing N N 314 
TRP CZ2 CH2  doub Y N 315 
TRP CZ2 HZ2  sing N N 316 
TRP CZ3 CH2  sing Y N 317 
TRP CZ3 HZ3  sing N N 318 
TRP CH2 HH2  sing N N 319 
TRP OXT HXT  sing N N 320 
TYR N   CA   sing N N 321 
TYR N   H    sing N N 322 
TYR N   H2   sing N N 323 
TYR CA  C    sing N N 324 
TYR CA  CB   sing N N 325 
TYR CA  HA   sing N N 326 
TYR C   O    doub N N 327 
TYR C   OXT  sing N N 328 
TYR CB  CG   sing N N 329 
TYR CB  HB2  sing N N 330 
TYR CB  HB3  sing N N 331 
TYR CG  CD1  doub Y N 332 
TYR CG  CD2  sing Y N 333 
TYR CD1 CE1  sing Y N 334 
TYR CD1 HD1  sing N N 335 
TYR CD2 CE2  doub Y N 336 
TYR CD2 HD2  sing N N 337 
TYR CE1 CZ   doub Y N 338 
TYR CE1 HE1  sing N N 339 
TYR CE2 CZ   sing Y N 340 
TYR CE2 HE2  sing N N 341 
TYR CZ  OH   sing N N 342 
TYR OH  HH   sing N N 343 
TYR OXT HXT  sing N N 344 
VAL N   CA   sing N N 345 
VAL N   H    sing N N 346 
VAL N   H2   sing N N 347 
VAL CA  C    sing N N 348 
VAL CA  CB   sing N N 349 
VAL CA  HA   sing N N 350 
VAL C   O    doub N N 351 
VAL C   OXT  sing N N 352 
VAL CB  CG1  sing N N 353 
VAL CB  CG2  sing N N 354 
VAL CB  HB   sing N N 355 
VAL CG1 HG11 sing N N 356 
VAL CG1 HG12 sing N N 357 
VAL CG1 HG13 sing N N 358 
VAL CG2 HG21 sing N N 359 
VAL CG2 HG22 sing N N 360 
VAL CG2 HG23 sing N N 361 
VAL OXT HXT  sing N N 362 
# 
_pdbx_entity_nonpoly.entity_id   3 
_pdbx_entity_nonpoly.name        water 
_pdbx_entity_nonpoly.comp_id     HOH 
# 
_pdbx_initial_refinement_model.id               1 
_pdbx_initial_refinement_model.entity_id_list   ? 
_pdbx_initial_refinement_model.type             'experimental model' 
_pdbx_initial_refinement_model.source_name      PDB 
_pdbx_initial_refinement_model.accession_code   2PG1 
_pdbx_initial_refinement_model.details          'PDB entry 2PG1 lacking bound peptide' 
# 
